data_3V19
# 
_entry.id   3V19 
# 
_audit_conform.dict_name       mmcif_pdbx.dic 
_audit_conform.dict_version    5.399 
_audit_conform.dict_location   http://mmcif.pdb.org/dictionaries/ascii/mmcif_pdbx.dic 
# 
loop_
_database_2.database_id 
_database_2.database_code 
_database_2.pdbx_database_accession 
_database_2.pdbx_DOI 
PDB   3V19         pdb_00003v19 10.2210/pdb3v19/pdb 
RCSB  RCSB069467   ?            ?                   
WWPDB D_1000069467 ?            ?                   
# 
loop_
_pdbx_audit_revision_history.ordinal 
_pdbx_audit_revision_history.data_content_type 
_pdbx_audit_revision_history.major_revision 
_pdbx_audit_revision_history.minor_revision 
_pdbx_audit_revision_history.revision_date 
1 'Structure model' 1 0 2012-12-12 
2 'Structure model' 1 1 2023-09-13 
3 'Structure model' 1 2 2024-11-20 
# 
_pdbx_audit_revision_details.ordinal             1 
_pdbx_audit_revision_details.revision_ordinal    1 
_pdbx_audit_revision_details.data_content_type   'Structure model' 
_pdbx_audit_revision_details.provider            repository 
_pdbx_audit_revision_details.type                'Initial release' 
_pdbx_audit_revision_details.description         ? 
_pdbx_audit_revision_details.details             ? 
# 
loop_
_pdbx_audit_revision_group.ordinal 
_pdbx_audit_revision_group.revision_ordinal 
_pdbx_audit_revision_group.data_content_type 
_pdbx_audit_revision_group.group 
1 2 'Structure model' 'Data collection'        
2 2 'Structure model' 'Database references'    
3 2 'Structure model' 'Derived calculations'   
4 2 'Structure model' 'Refinement description' 
5 3 'Structure model' 'Structure summary'      
# 
loop_
_pdbx_audit_revision_category.ordinal 
_pdbx_audit_revision_category.revision_ordinal 
_pdbx_audit_revision_category.data_content_type 
_pdbx_audit_revision_category.category 
1 2 'Structure model' chem_comp_atom                
2 2 'Structure model' chem_comp_bond                
3 2 'Structure model' database_2                    
4 2 'Structure model' pdbx_initial_refinement_model 
5 2 'Structure model' struct_conn                   
6 2 'Structure model' struct_ref_seq_dif            
7 2 'Structure model' struct_site                   
8 3 'Structure model' pdbx_entry_details            
9 3 'Structure model' pdbx_modification_feature     
# 
loop_
_pdbx_audit_revision_item.ordinal 
_pdbx_audit_revision_item.revision_ordinal 
_pdbx_audit_revision_item.data_content_type 
_pdbx_audit_revision_item.item 
1  2 'Structure model' '_database_2.pdbx_DOI'                
2  2 'Structure model' '_database_2.pdbx_database_accession' 
3  2 'Structure model' '_struct_conn.pdbx_dist_value'        
4  2 'Structure model' '_struct_conn.ptnr1_auth_asym_id'     
5  2 'Structure model' '_struct_conn.ptnr1_label_asym_id'    
6  2 'Structure model' '_struct_conn.ptnr2_auth_asym_id'     
7  2 'Structure model' '_struct_conn.ptnr2_auth_seq_id'      
8  2 'Structure model' '_struct_conn.ptnr2_label_asym_id'    
9  2 'Structure model' '_struct_ref_seq_dif.details'         
10 2 'Structure model' '_struct_site.pdbx_auth_asym_id'      
11 2 'Structure model' '_struct_site.pdbx_auth_comp_id'      
12 2 'Structure model' '_struct_site.pdbx_auth_seq_id'       
# 
_pdbx_database_status.status_code                     REL 
_pdbx_database_status.entry_id                        3V19 
_pdbx_database_status.recvd_initial_deposition_date   2011-12-09 
_pdbx_database_status.deposit_site                    RCSB 
_pdbx_database_status.process_site                    RCSB 
_pdbx_database_status.status_code_sf                  REL 
_pdbx_database_status.status_code_mr                  ? 
_pdbx_database_status.SG_entry                        ? 
_pdbx_database_status.status_code_cs                  ? 
_pdbx_database_status.methods_development_category    ? 
_pdbx_database_status.pdb_format_compatible           Y 
_pdbx_database_status.status_code_nmr_data            ? 
# 
_pdbx_database_related.db_name        PDB 
_pdbx_database_related.db_id          3V1G 
_pdbx_database_related.details        . 
_pdbx_database_related.content_type   unspecified 
# 
loop_
_audit_author.name 
_audit_author.pdbx_ordinal 
'Wan, Z.L.'            1  
'Hua, Q.X.'            2  
'Wickramasinghe, N.P.' 3  
'Huang, K.'            4  
'Petkova, A.T.'        5  
'Hu, S.Q.'             6  
'Phillips, N.B.'       7  
'Yeh, I.J.'            8  
'Whittake, J.'         9  
'Ismail-Beigi, F.'     10 
'Katsoyyannis, P.G.'   11 
'Tycko, R.'            12 
'Weiss, M.A.'          13 
# 
loop_
_citation.id 
_citation.title 
_citation.journal_abbrev 
_citation.journal_volume 
_citation.page_first 
_citation.page_last 
_citation.year 
_citation.journal_id_ASTM 
_citation.country 
_citation.journal_id_ISSN 
_citation.journal_id_CSD 
_citation.book_publisher 
_citation.pdbx_database_id_PubMed 
_citation.pdbx_database_id_DOI 
primary 
;Forestalling insulin fibrillation by insertion of a     
chiral clamp mechanism-based application of protein engineering to global health
;
'To be Published'               ?        ?     ?     ?    ?      ?  ?         0353 ? ? ? 
1       
;Diabetes-associated mutations in human insulin: crystal structure and   
photo-cross-linking studies of a-chain variant insulin Wakayama
;
Biochemistry                    '44(13)' 5000  5016  2005 BICHAW US 0006-2960 0033 ? ? ? 
2       
;Crystal structure of allo-Ile(A2)-insulin, an inactive chiral analogue:   
implications for the mechanism of receptor binding
;
Biochemistry                    '42(44)' 12770 12783 2003 BICHAW US 0006-2960 0033 ? ? ? 
3       
;Enhancing the activity of insulin at the receptor interface: crystal structure   
and photo-cross-linking of A8 analogues
;
Biochemistry                    '43(51)' 16119 16133 2004 BICHAW US 0006-2960 0033 ? ? ? 
4       'The structure of 2zn pig insulin crystal at 1.5 A resolution' Philos.Trans.R.Soc.London,Ser.B 319      369   456   1988 
PTRBAE UK 0080-4622 0441 ? ? ? 
5       'Structure of insulin in 4-zinc insulin' Nature                          261      166   168   1976 NATUAS UK 0028-0836 
0006 ? ? ? 
6       'Phenol stabilizes more helix in a new symmetrical zinc insulin hexamer' Nature                          338      594   
596   1989 NATUAS UK 0028-0836 0006 ? ? ? 
# 
loop_
_citation_author.citation_id 
_citation_author.name 
_citation_author.ordinal 
_citation_author.identifier_ORCID 
primary 'Wan, Z.L.'            1  ? 
primary 'Hua, Q.X.'            2  ? 
primary 'Wickramasinghe, N.P.' 3  ? 
primary 'Huang, K.'            4  ? 
primary 'Petkova, A.T.'        5  ? 
primary 'Hu, S.Q.'             6  ? 
primary 'Phillips, N.B.'       7  ? 
primary 'Yeh, I.J.'            8  ? 
primary 'Whittake, J.'         9  ? 
primary 'Ismail-Beigi, F.'     10 ? 
primary 'Katsoyyannis, P.G.'   11 ? 
primary 'Tycko, R.'            12 ? 
primary 'Weiss, M.A.'          13 ? 
1       'Wan, Z.L.'            14 ? 
1       'Huang, K.'            15 ? 
1       'Xu, B.'               16 ? 
1       'Hu, S.Q.'             17 ? 
1       'Wang, S.'             18 ? 
1       'Chu, Y.C.'            19 ? 
1       'Katsoyannis, P.G.'    20 ? 
1       'Weiss, M.A.'          21 ? 
2       'Wan, Z.L.'            22 ? 
2       'Xu, B.'               23 ? 
2       'Chu, Y.C.'            24 ? 
2       'Katsoyannis, P.G.'    25 ? 
2       'Weiss, M.A.'          26 ? 
3       'L Wan, Z.'            27 ? 
3       'Xu, B.'               28 ? 
3       'Chu, Y.C.'            29 ? 
3       'Li, B.'               30 ? 
3       'Nakagawa, S.H.'       31 ? 
3       'Qu, Y.'               32 ? 
3       'Hu, S.Q.'             33 ? 
3       'Katsoyannis, P.G.'    34 ? 
3       'Weiss, M.A.'          35 ? 
4       'Baker, E.N.'          36 ? 
4       'Blundell, T.L.'       37 ? 
4       'Cutfield, J.F.'       38 ? 
4       'Cutfield, S.M.'       39 ? 
4       'Dodson, E.J.'         40 ? 
4       'Dodson, G.G.'         41 ? 
4       'Hodgkin, D.'          42 ? 
4       'Isaacs, N.W.'         43 ? 
4       'Reynolds, C.D.'       44 ? 
5       'Bentley, G.'          45 ? 
5       'Dodson, E.'           46 ? 
5       'Dodson, G.'           47 ? 
5       'Hodgkin, D.'          48 ? 
5       'Mercola, D.'          49 ? 
6       'Derewenda, U.'        50 ? 
6       'Derewenda, Z.'        51 ? 
6       'Dodson, E.'           52 ? 
6       'Dodson, G.'           53 ? 
6       'Reynold, C.'          54 ? 
6       'Smith, G.'            55 ? 
6       'Sparks, C.'           56 ? 
6       'Swenson, D.'          57 ? 
# 
loop_
_entity.id 
_entity.type 
_entity.src_method 
_entity.pdbx_description 
_entity.formula_weight 
_entity.pdbx_number_of_molecules 
_entity.pdbx_ec 
_entity.pdbx_mutation 
_entity.pdbx_fragment 
_entity.details 
1 polymer     syn Insulin        2434.768 2  ? ? ? ? 
2 polymer     syn Insulin        3433.953 2  ? ? ? ? 
3 non-polymer syn 'ZINC ION'     65.409   2  ? ? ? ? 
4 non-polymer syn 'CHLORIDE ION' 35.453   2  ? ? ? ? 
5 non-polymer syn PHENOL         94.111   1  ? ? ? ? 
6 water       nat water          18.015   66 ? ? ? ? 
# 
loop_
_entity_poly.entity_id 
_entity_poly.type 
_entity_poly.nstd_linkage 
_entity_poly.nstd_monomer 
_entity_poly.pdbx_seq_one_letter_code 
_entity_poly.pdbx_seq_one_letter_code_can 
_entity_poly.pdbx_strand_id 
_entity_poly.pdbx_target_identifier 
1 'polypeptide(L)' no no GLLEQCCHSICSLYQLENYCN          GLLEQCCHSICSLYQLENYCN          A,C ? 
2 'polypeptide(L)' no no FVNQHLCGSHLVEALYLVCGERGFFYTPKT FVNQHLCGSHLVEALYLVCGERGFFYTPKT B,D ? 
# 
loop_
_pdbx_entity_nonpoly.entity_id 
_pdbx_entity_nonpoly.name 
_pdbx_entity_nonpoly.comp_id 
3 'ZINC ION'     ZN  
4 'CHLORIDE ION' CL  
5 PHENOL         IPH 
6 water          HOH 
# 
loop_
_entity_poly_seq.entity_id 
_entity_poly_seq.num 
_entity_poly_seq.mon_id 
_entity_poly_seq.hetero 
1 1  GLY n 
1 2  LEU n 
1 3  LEU n 
1 4  GLU n 
1 5  GLN n 
1 6  CYS n 
1 7  CYS n 
1 8  HIS n 
1 9  SER n 
1 10 ILE n 
1 11 CYS n 
1 12 SER n 
1 13 LEU n 
1 14 TYR n 
1 15 GLN n 
1 16 LEU n 
1 17 GLU n 
1 18 ASN n 
1 19 TYR n 
1 20 CYS n 
1 21 ASN n 
2 1  PHE n 
2 2  VAL n 
2 3  ASN n 
2 4  GLN n 
2 5  HIS n 
2 6  LEU n 
2 7  CYS n 
2 8  GLY n 
2 9  SER n 
2 10 HIS n 
2 11 LEU n 
2 12 VAL n 
2 13 GLU n 
2 14 ALA n 
2 15 LEU n 
2 16 TYR n 
2 17 LEU n 
2 18 VAL n 
2 19 CYS n 
2 20 GLY n 
2 21 GLU n 
2 22 ARG n 
2 23 GLY n 
2 24 PHE n 
2 25 PHE n 
2 26 TYR n 
2 27 THR n 
2 28 PRO n 
2 29 LYS n 
2 30 THR n 
# 
loop_
_pdbx_entity_src_syn.entity_id 
_pdbx_entity_src_syn.pdbx_src_id 
_pdbx_entity_src_syn.pdbx_alt_source_flag 
_pdbx_entity_src_syn.pdbx_beg_seq_num 
_pdbx_entity_src_syn.pdbx_end_seq_num 
_pdbx_entity_src_syn.organism_scientific 
_pdbx_entity_src_syn.organism_common_name 
_pdbx_entity_src_syn.ncbi_taxonomy_id 
_pdbx_entity_src_syn.details 
1 1 sample ? ? 'Homo sapiens' human 9606 ? 
2 1 sample ? ? 'Homo sapiens' human 9606 ? 
# 
loop_
_chem_comp.id 
_chem_comp.type 
_chem_comp.mon_nstd_flag 
_chem_comp.name 
_chem_comp.pdbx_synonyms 
_chem_comp.formula 
_chem_comp.formula_weight 
ALA 'L-peptide linking' y ALANINE         ? 'C3 H7 N O2'     89.093  
ARG 'L-peptide linking' y ARGININE        ? 'C6 H15 N4 O2 1' 175.209 
ASN 'L-peptide linking' y ASPARAGINE      ? 'C4 H8 N2 O3'    132.118 
CL  non-polymer         . 'CHLORIDE ION'  ? 'Cl -1'          35.453  
CYS 'L-peptide linking' y CYSTEINE        ? 'C3 H7 N O2 S'   121.158 
GLN 'L-peptide linking' y GLUTAMINE       ? 'C5 H10 N2 O3'   146.144 
GLU 'L-peptide linking' y 'GLUTAMIC ACID' ? 'C5 H9 N O4'     147.129 
GLY 'peptide linking'   y GLYCINE         ? 'C2 H5 N O2'     75.067  
HIS 'L-peptide linking' y HISTIDINE       ? 'C6 H10 N3 O2 1' 156.162 
HOH non-polymer         . WATER           ? 'H2 O'           18.015  
ILE 'L-peptide linking' y ISOLEUCINE      ? 'C6 H13 N O2'    131.173 
IPH non-polymer         . PHENOL          ? 'C6 H6 O'        94.111  
LEU 'L-peptide linking' y LEUCINE         ? 'C6 H13 N O2'    131.173 
LYS 'L-peptide linking' y LYSINE          ? 'C6 H15 N2 O2 1' 147.195 
PHE 'L-peptide linking' y PHENYLALANINE   ? 'C9 H11 N O2'    165.189 
PRO 'L-peptide linking' y PROLINE         ? 'C5 H9 N O2'     115.130 
SER 'L-peptide linking' y SERINE          ? 'C3 H7 N O3'     105.093 
THR 'L-peptide linking' y THREONINE       ? 'C4 H9 N O3'     119.119 
TYR 'L-peptide linking' y TYROSINE        ? 'C9 H11 N O3'    181.189 
VAL 'L-peptide linking' y VALINE          ? 'C5 H11 N O2'    117.146 
ZN  non-polymer         . 'ZINC ION'      ? 'Zn 2'           65.409  
# 
loop_
_pdbx_poly_seq_scheme.asym_id 
_pdbx_poly_seq_scheme.entity_id 
_pdbx_poly_seq_scheme.seq_id 
_pdbx_poly_seq_scheme.mon_id 
_pdbx_poly_seq_scheme.ndb_seq_num 
_pdbx_poly_seq_scheme.pdb_seq_num 
_pdbx_poly_seq_scheme.auth_seq_num 
_pdbx_poly_seq_scheme.pdb_mon_id 
_pdbx_poly_seq_scheme.auth_mon_id 
_pdbx_poly_seq_scheme.pdb_strand_id 
_pdbx_poly_seq_scheme.pdb_ins_code 
_pdbx_poly_seq_scheme.hetero 
A 1 1  GLY 1  1  1  GLY GLY A . n 
A 1 2  LEU 2  2  2  LEU LEU A . n 
A 1 3  LEU 3  3  3  LEU LEU A . n 
A 1 4  GLU 4  4  4  GLU GLU A . n 
A 1 5  GLN 5  5  5  GLN GLN A . n 
A 1 6  CYS 6  6  6  CYS CYS A . n 
A 1 7  CYS 7  7  7  CYS CYS A . n 
A 1 8  HIS 8  8  8  HIS HIS A . n 
A 1 9  SER 9  9  9  SER SER A . n 
A 1 10 ILE 10 10 10 ILE ILE A . n 
A 1 11 CYS 11 11 11 CYS CYS A . n 
A 1 12 SER 12 12 12 SER SER A . n 
A 1 13 LEU 13 13 13 LEU LEU A . n 
A 1 14 TYR 14 14 14 TYR TYR A . n 
A 1 15 GLN 15 15 15 GLN GLN A . n 
A 1 16 LEU 16 16 16 LEU LEU A . n 
A 1 17 GLU 17 17 17 GLU GLU A . n 
A 1 18 ASN 18 18 18 ASN ASN A . n 
A 1 19 TYR 19 19 19 TYR TYR A . n 
A 1 20 CYS 20 20 20 CYS CYS A . n 
A 1 21 ASN 21 21 21 ASN ASN A . n 
B 2 1  PHE 1  1  1  PHE PHE B . n 
B 2 2  VAL 2  2  2  VAL VAL B . n 
B 2 3  ASN 3  3  3  ASN ASN B . n 
B 2 4  GLN 4  4  4  GLN GLN B . n 
B 2 5  HIS 5  5  5  HIS HIS B . n 
B 2 6  LEU 6  6  6  LEU LEU B . n 
B 2 7  CYS 7  7  7  CYS CYS B . n 
B 2 8  GLY 8  8  8  GLY GLY B . n 
B 2 9  SER 9  9  9  SER SER B . n 
B 2 10 HIS 10 10 10 HIS HIS B . n 
B 2 11 LEU 11 11 11 LEU LEU B . n 
B 2 12 VAL 12 12 12 VAL VAL B . n 
B 2 13 GLU 13 13 13 GLU GLU B . n 
B 2 14 ALA 14 14 14 ALA ALA B . n 
B 2 15 LEU 15 15 15 LEU LEU B . n 
B 2 16 TYR 16 16 16 TYR TYR B . n 
B 2 17 LEU 17 17 17 LEU LEU B . n 
B 2 18 VAL 18 18 18 VAL VAL B . n 
B 2 19 CYS 19 19 19 CYS CYS B . n 
B 2 20 GLY 20 20 20 GLY GLY B . n 
B 2 21 GLU 21 21 21 GLU GLU B . n 
B 2 22 ARG 22 22 22 ARG ARG B . n 
B 2 23 GLY 23 23 23 GLY GLY B . n 
B 2 24 PHE 24 24 24 PHE PHE B . n 
B 2 25 PHE 25 25 25 PHE PHE B . n 
B 2 26 TYR 26 26 26 TYR TYR B . n 
B 2 27 THR 27 27 27 THR THR B . n 
B 2 28 PRO 28 28 28 PRO PRO B . n 
B 2 29 LYS 29 29 29 LYS LYS B . n 
B 2 30 THR 30 30 30 THR THR B . n 
C 1 1  GLY 1  1  1  GLY GLY C . n 
C 1 2  LEU 2  2  2  LEU LEU C . n 
C 1 3  LEU 3  3  3  LEU LEU C . n 
C 1 4  GLU 4  4  4  GLU GLU C . n 
C 1 5  GLN 5  5  5  GLN GLN C . n 
C 1 6  CYS 6  6  6  CYS CYS C . n 
C 1 7  CYS 7  7  7  CYS CYS C . n 
C 1 8  HIS 8  8  8  HIS HIS C . n 
C 1 9  SER 9  9  9  SER SER C . n 
C 1 10 ILE 10 10 10 ILE ILE C . n 
C 1 11 CYS 11 11 11 CYS CYS C . n 
C 1 12 SER 12 12 12 SER SER C . n 
C 1 13 LEU 13 13 13 LEU LEU C . n 
C 1 14 TYR 14 14 14 TYR TYR C . n 
C 1 15 GLN 15 15 15 GLN GLN C . n 
C 1 16 LEU 16 16 16 LEU LEU C . n 
C 1 17 GLU 17 17 17 GLU GLU C . n 
C 1 18 ASN 18 18 18 ASN ASN C . n 
C 1 19 TYR 19 19 19 TYR TYR C . n 
C 1 20 CYS 20 20 20 CYS CYS C . n 
C 1 21 ASN 21 21 21 ASN ASN C . n 
D 2 1  PHE 1  1  1  PHE PHE D . n 
D 2 2  VAL 2  2  2  VAL VAL D . n 
D 2 3  ASN 3  3  3  ASN ASN D . n 
D 2 4  GLN 4  4  4  GLN GLN D . n 
D 2 5  HIS 5  5  5  HIS HIS D . n 
D 2 6  LEU 6  6  6  LEU LEU D . n 
D 2 7  CYS 7  7  7  CYS CYS D . n 
D 2 8  GLY 8  8  8  GLY GLY D . n 
D 2 9  SER 9  9  9  SER SER D . n 
D 2 10 HIS 10 10 10 HIS HIS D . n 
D 2 11 LEU 11 11 11 LEU LEU D . n 
D 2 12 VAL 12 12 12 VAL VAL D . n 
D 2 13 GLU 13 13 13 GLU GLU D . n 
D 2 14 ALA 14 14 14 ALA ALA D . n 
D 2 15 LEU 15 15 15 LEU LEU D . n 
D 2 16 TYR 16 16 16 TYR TYR D . n 
D 2 17 LEU 17 17 17 LEU LEU D . n 
D 2 18 VAL 18 18 18 VAL VAL D . n 
D 2 19 CYS 19 19 19 CYS CYS D . n 
D 2 20 GLY 20 20 20 GLY GLY D . n 
D 2 21 GLU 21 21 21 GLU GLU D . n 
D 2 22 ARG 22 22 22 ARG ARG D . n 
D 2 23 GLY 23 23 23 GLY GLY D . n 
D 2 24 PHE 24 24 24 PHE PHE D . n 
D 2 25 PHE 25 25 25 PHE PHE D . n 
D 2 26 TYR 26 26 26 TYR TYR D . n 
D 2 27 THR 27 27 27 THR THR D . n 
D 2 28 PRO 28 28 28 PRO PRO D . n 
D 2 29 LYS 29 29 29 LYS LYS D . n 
D 2 30 THR 30 30 30 THR THR D . n 
# 
loop_
_pdbx_nonpoly_scheme.asym_id 
_pdbx_nonpoly_scheme.entity_id 
_pdbx_nonpoly_scheme.mon_id 
_pdbx_nonpoly_scheme.ndb_seq_num 
_pdbx_nonpoly_scheme.pdb_seq_num 
_pdbx_nonpoly_scheme.auth_seq_num 
_pdbx_nonpoly_scheme.pdb_mon_id 
_pdbx_nonpoly_scheme.auth_mon_id 
_pdbx_nonpoly_scheme.pdb_strand_id 
_pdbx_nonpoly_scheme.pdb_ins_code 
E 3 ZN  1  101 101 ZN  ZN  B . 
F 4 CL  1  102 102 CL  CL  B . 
G 5 IPH 1  200 200 IPH IPH C . 
H 3 ZN  1  201 201 ZN  ZN  D . 
I 4 CL  1  202 202 CL  CL  D . 
J 6 HOH 1  22  3   HOH HOH A . 
J 6 HOH 2  23  10  HOH HOH A . 
J 6 HOH 3  24  11  HOH HOH A . 
J 6 HOH 4  25  13  HOH HOH A . 
J 6 HOH 5  26  17  HOH HOH A . 
J 6 HOH 6  27  18  HOH HOH A . 
J 6 HOH 7  36  36  HOH HOH A . 
J 6 HOH 8  37  37  HOH HOH A . 
J 6 HOH 9  38  38  HOH HOH A . 
J 6 HOH 10 43  43  HOH HOH A . 
J 6 HOH 11 50  50  HOH HOH A . 
J 6 HOH 12 52  52  HOH HOH A . 
J 6 HOH 13 53  53  HOH HOH A . 
J 6 HOH 14 57  57  HOH HOH A . 
J 6 HOH 15 58  58  HOH HOH A . 
J 6 HOH 16 61  61  HOH HOH A . 
J 6 HOH 17 63  63  HOH HOH A . 
J 6 HOH 18 66  66  HOH HOH A . 
K 6 HOH 1  31  1   HOH HOH B . 
K 6 HOH 2  32  32  HOH HOH B . 
K 6 HOH 3  33  33  HOH HOH B . 
K 6 HOH 4  34  34  HOH HOH B . 
K 6 HOH 5  35  4   HOH HOH B . 
K 6 HOH 6  36  5   HOH HOH B . 
K 6 HOH 7  37  6   HOH HOH B . 
K 6 HOH 8  38  14  HOH HOH B . 
K 6 HOH 9  39  15  HOH HOH B . 
K 6 HOH 10 40  40  HOH HOH B . 
K 6 HOH 11 41  16  HOH HOH B . 
K 6 HOH 12 42  42  HOH HOH B . 
K 6 HOH 13 43  21  HOH HOH B . 
K 6 HOH 14 44  44  HOH HOH B . 
K 6 HOH 15 45  26  HOH HOH B . 
K 6 HOH 16 46  28  HOH HOH B . 
K 6 HOH 17 47  2   HOH HOH B . 
K 6 HOH 18 51  51  HOH HOH B . 
K 6 HOH 19 54  54  HOH HOH B . 
K 6 HOH 20 55  55  HOH HOH B . 
K 6 HOH 21 56  56  HOH HOH B . 
K 6 HOH 22 59  59  HOH HOH B . 
K 6 HOH 23 65  65  HOH HOH B . 
L 6 HOH 1  22  22  HOH HOH C . 
L 6 HOH 2  23  23  HOH HOH C . 
L 6 HOH 3  24  9   HOH HOH C . 
L 6 HOH 4  25  25  HOH HOH C . 
L 6 HOH 5  26  20  HOH HOH C . 
L 6 HOH 6  27  27  HOH HOH C . 
L 6 HOH 7  29  29  HOH HOH C . 
L 6 HOH 8  30  30  HOH HOH C . 
L 6 HOH 9  31  31  HOH HOH C . 
L 6 HOH 10 45  45  HOH HOH C . 
L 6 HOH 11 46  46  HOH HOH C . 
L 6 HOH 12 47  47  HOH HOH C . 
L 6 HOH 13 60  60  HOH HOH C . 
M 6 HOH 1  31  7   HOH HOH D . 
M 6 HOH 2  32  8   HOH HOH D . 
M 6 HOH 3  33  12  HOH HOH D . 
M 6 HOH 4  34  19  HOH HOH D . 
M 6 HOH 5  35  35  HOH HOH D . 
M 6 HOH 6  36  24  HOH HOH D . 
M 6 HOH 7  39  39  HOH HOH D . 
M 6 HOH 8  41  41  HOH HOH D . 
M 6 HOH 9  48  48  HOH HOH D . 
M 6 HOH 10 49  49  HOH HOH D . 
M 6 HOH 11 62  62  HOH HOH D . 
M 6 HOH 12 64  64  HOH HOH D . 
# 
loop_
_software.name 
_software.classification 
_software.version 
_software.citation_id 
_software.pdbx_ordinal 
ADSC     'data collection' Quantum ? 1 
CNS      refinement        .       ? 2 
HKL-2000 'data reduction'  .       ? 3 
HKL-2000 'data scaling'    .       ? 4 
CNS      phasing           .       ? 5 
# 
_cell.entry_id           3V19 
_cell.length_a           78.301 
_cell.length_b           78.301 
_cell.length_c           36.224 
_cell.angle_alpha        90 
_cell.angle_beta         90 
_cell.angle_gamma        120 
_cell.Z_PDB              18 
_cell.pdbx_unique_axis   ? 
_cell.length_a_esd       ? 
_cell.length_b_esd       ? 
_cell.length_c_esd       ? 
_cell.angle_alpha_esd    ? 
_cell.angle_beta_esd     ? 
_cell.angle_gamma_esd    ? 
# 
_symmetry.entry_id                         3V19 
_symmetry.space_group_name_H-M             'H 3' 
_symmetry.pdbx_full_space_group_name_H-M   ? 
_symmetry.cell_setting                     ? 
_symmetry.Int_Tables_number                146 
_symmetry.space_group_name_Hall            ? 
# 
_exptl.entry_id          3V19 
_exptl.method            'X-RAY DIFFRACTION' 
_exptl.crystals_number   1 
# 
_exptl_crystal.id                    1 
_exptl_crystal.density_meas          ? 
_exptl_crystal.density_Matthews      1.82 
_exptl_crystal.density_percent_sol   32.44 
_exptl_crystal.description           ? 
_exptl_crystal.F_000                 ? 
_exptl_crystal.preparation           ? 
# 
_exptl_crystal_grow.crystal_id      1 
_exptl_crystal_grow.method          'VAPOR DIFFUSION' 
_exptl_crystal_grow.temp            298 
_exptl_crystal_grow.temp_details    ? 
_exptl_crystal_grow.pH              8.0 
_exptl_crystal_grow.pdbx_details    
'0.02 M Tris, 0.05 M sodium citrate, 5% acetone, 0.03% phenol, 0.01% zinc acetate, pH 8.0, VAPOR DIFFUSION, temperature 298K' 
_exptl_crystal_grow.pdbx_pH_range   ? 
# 
_diffrn.id                     1 
_diffrn.ambient_temp           100 
_diffrn.ambient_temp_details   ? 
_diffrn.crystal_id             1 
# 
_diffrn_detector.diffrn_id              1 
_diffrn_detector.detector               CCD 
_diffrn_detector.type                   'ADSC QUANTUM 315' 
_diffrn_detector.pdbx_collection_date   2007-08-08 
_diffrn_detector.details                'Si 111' 
# 
_diffrn_radiation.diffrn_id                        1 
_diffrn_radiation.wavelength_id                    1 
_diffrn_radiation.pdbx_monochromatic_or_laue_m_l   M 
_diffrn_radiation.monochromator                    'Si 111' 
_diffrn_radiation.pdbx_diffrn_protocol             'SINGLE WAVELENGTH' 
_diffrn_radiation.pdbx_scattering_type             x-ray 
# 
_diffrn_radiation_wavelength.id           1 
_diffrn_radiation_wavelength.wavelength   0.90020 
_diffrn_radiation_wavelength.wt           1.0 
# 
_diffrn_source.diffrn_id                   1 
_diffrn_source.source                      SYNCHROTRON 
_diffrn_source.type                        'APS BEAMLINE 14-BM-C' 
_diffrn_source.pdbx_synchrotron_site       APS 
_diffrn_source.pdbx_synchrotron_beamline   14-BM-C 
_diffrn_source.pdbx_wavelength             ? 
_diffrn_source.pdbx_wavelength_list        0.90020 
# 
_reflns.entry_id                     3V19 
_reflns.observed_criterion_sigma_I   0.0 
_reflns.observed_criterion_sigma_F   0.0 
_reflns.d_resolution_low             16.69 
_reflns.d_resolution_high            2.0 
_reflns.number_obs                   5515 
_reflns.number_all                   5596 
_reflns.percent_possible_obs         98.4 
_reflns.pdbx_Rmerge_I_obs            0.047 
_reflns.pdbx_Rsym_value              ? 
_reflns.pdbx_netI_over_sigmaI        43.5 
_reflns.B_iso_Wilson_estimate        21.6 
_reflns.pdbx_redundancy              5.2 
_reflns.R_free_details               ? 
_reflns.limit_h_max                  ? 
_reflns.limit_h_min                  ? 
_reflns.limit_k_max                  ? 
_reflns.limit_k_min                  ? 
_reflns.limit_l_max                  ? 
_reflns.limit_l_min                  ? 
_reflns.observed_criterion_F_max     ? 
_reflns.observed_criterion_F_min     ? 
_reflns.pdbx_chi_squared             ? 
_reflns.pdbx_scaling_rejects         ? 
_reflns.pdbx_ordinal                 1 
_reflns.pdbx_diffrn_id               1 
# 
_reflns_shell.d_res_high             2.00 
_reflns_shell.d_res_low              2.07 
_reflns_shell.percent_possible_all   100 
_reflns_shell.Rmerge_I_obs           0.315 
_reflns_shell.pdbx_Rsym_value        ? 
_reflns_shell.meanI_over_sigI_obs    6.57 
_reflns_shell.pdbx_redundancy        5.1 
_reflns_shell.percent_possible_obs   ? 
_reflns_shell.number_unique_all      798 
_reflns_shell.number_measured_all    ? 
_reflns_shell.number_measured_obs    ? 
_reflns_shell.number_unique_obs      ? 
_reflns_shell.pdbx_chi_squared       ? 
_reflns_shell.pdbx_ordinal           1 
_reflns_shell.pdbx_diffrn_id         1 
# 
_refine.entry_id                                 3V19 
_refine.ls_number_reflns_obs                     5371 
_refine.ls_number_reflns_all                     5596 
_refine.pdbx_ls_sigma_I                          0.0 
_refine.pdbx_ls_sigma_F                          0.0 
_refine.pdbx_data_cutoff_high_absF               ? 
_refine.pdbx_data_cutoff_low_absF                ? 
_refine.pdbx_data_cutoff_high_rms_absF           ? 
_refine.ls_d_res_low                             16.69 
_refine.ls_d_res_high                            2.00 
_refine.ls_percent_reflns_obs                    96.1 
_refine.ls_R_factor_obs                          ? 
_refine.ls_R_factor_all                          ? 
_refine.ls_R_factor_R_work                       0.208 
_refine.ls_R_factor_R_free                       0.266 
_refine.ls_R_factor_R_free_error                 ? 
_refine.ls_R_factor_R_free_error_details         ? 
_refine.ls_percent_reflns_R_free                 ? 
_refine.ls_number_reflns_R_free                  574 
_refine.ls_number_parameters                     ? 
_refine.ls_number_restraints                     ? 
_refine.occupancy_min                            ? 
_refine.occupancy_max                            ? 
_refine.correlation_coeff_Fo_to_Fc               ? 
_refine.correlation_coeff_Fo_to_Fc_free          ? 
_refine.B_iso_mean                               42.7 
_refine.aniso_B[1][1]                            2.36 
_refine.aniso_B[2][2]                            2.36 
_refine.aniso_B[3][3]                            -4.73 
_refine.aniso_B[1][2]                            0.00 
_refine.aniso_B[1][3]                            0.00 
_refine.aniso_B[2][3]                            0.00 
_refine.solvent_model_details                    ? 
_refine.solvent_model_param_ksol                 ? 
_refine.solvent_model_param_bsol                 ? 
_refine.pdbx_solvent_vdw_probe_radii             ? 
_refine.pdbx_solvent_ion_probe_radii             ? 
_refine.pdbx_solvent_shrinkage_radii             ? 
_refine.pdbx_ls_cross_valid_method               THROUGHOUT 
_refine.details                                  ? 
_refine.pdbx_starting_model                      1RWE 
_refine.pdbx_method_to_determine_struct          'MOLECULAR REPLACEMENT' 
_refine.pdbx_isotropic_thermal_model             restrained 
_refine.pdbx_stereochemistry_target_values       'Engh & Huber' 
_refine.pdbx_stereochem_target_val_spec_case     ? 
_refine.pdbx_R_Free_selection_details            Random 
_refine.pdbx_overall_ESU_R                       ? 
_refine.pdbx_overall_ESU_R_Free                  ? 
_refine.overall_SU_ML                            ? 
_refine.pdbx_overall_phase_error                 ? 
_refine.overall_SU_B                             ? 
_refine.overall_SU_R_Cruickshank_DPI             ? 
_refine.ls_redundancy_reflns_obs                 ? 
_refine.B_iso_min                                ? 
_refine.B_iso_max                                ? 
_refine.overall_SU_R_free                        ? 
_refine.ls_wR_factor_R_free                      ? 
_refine.ls_wR_factor_R_work                      ? 
_refine.overall_FOM_free_R_set                   ? 
_refine.overall_FOM_work_R_set                   ? 
_refine.pdbx_diffrn_id                           1 
_refine.pdbx_refine_id                           'X-RAY DIFFRACTION' 
_refine.pdbx_TLS_residual_ADP_flag               ? 
_refine.pdbx_overall_SU_R_free_Cruickshank_DPI   ? 
_refine.pdbx_overall_SU_R_Blow_DPI               ? 
_refine.pdbx_overall_SU_R_free_Blow_DPI          ? 
# 
_refine_analyze.entry_id                        3V19 
_refine_analyze.Luzzati_coordinate_error_obs    0.24 
_refine_analyze.Luzzati_sigma_a_obs             0.18 
_refine_analyze.Luzzati_d_res_low_obs           5.0 
_refine_analyze.Luzzati_coordinate_error_free   ? 
_refine_analyze.Luzzati_sigma_a_free            ? 
_refine_analyze.Luzzati_d_res_low_free          ? 
_refine_analyze.number_disordered_residues      ? 
_refine_analyze.occupancy_sum_hydrogen          ? 
_refine_analyze.occupancy_sum_non_hydrogen      ? 
_refine_analyze.pdbx_Luzzati_d_res_high_obs     ? 
_refine_analyze.pdbx_refine_id                  'X-RAY DIFFRACTION' 
# 
_refine_hist.pdbx_refine_id                   'X-RAY DIFFRACTION' 
_refine_hist.cycle_id                         LAST 
_refine_hist.pdbx_number_atoms_protein        818 
_refine_hist.pdbx_number_atoms_nucleic_acid   0 
_refine_hist.pdbx_number_atoms_ligand         11 
_refine_hist.number_atoms_solvent             66 
_refine_hist.number_atoms_total               895 
_refine_hist.d_res_high                       2.00 
_refine_hist.d_res_low                        16.69 
# 
loop_
_refine_ls_restr.type 
_refine_ls_restr.dev_ideal 
_refine_ls_restr.dev_ideal_target 
_refine_ls_restr.weight 
_refine_ls_restr.number 
_refine_ls_restr.pdbx_restraint_function 
_refine_ls_restr.pdbx_refine_id 
c_angle_d          0.008 ? ? ? ? 'X-RAY DIFFRACTION' 
c_angle_deg        1.1   ? ? ? ? 'X-RAY DIFFRACTION' 
c_dihedral_angle_d 20.6  ? ? ? ? 'X-RAY DIFFRACTION' 
c_improper_angle_d 0.62  ? ? ? ? 'X-RAY DIFFRACTION' 
# 
_refine_ls_shell.pdbx_total_number_of_bins_used   ? 
_refine_ls_shell.d_res_high                       2.00 
_refine_ls_shell.d_res_low                        2.13 
_refine_ls_shell.number_reflns_R_work             ? 
_refine_ls_shell.R_factor_R_work                  0.259 
_refine_ls_shell.percent_reflns_obs               95.2 
_refine_ls_shell.R_factor_R_free                  0.326 
_refine_ls_shell.R_factor_R_free_error            0.034 
_refine_ls_shell.percent_reflns_R_free            ? 
_refine_ls_shell.number_reflns_R_free             98 
_refine_ls_shell.number_reflns_all                ? 
_refine_ls_shell.R_factor_all                     ? 
_refine_ls_shell.number_reflns_obs                798 
_refine_ls_shell.redundancy_reflns_obs            ? 
_refine_ls_shell.pdbx_refine_id                   'X-RAY DIFFRACTION' 
# 
_struct.entry_id                  3V19 
_struct.title                     
;Forestalling insulin fibrillation by insertion of a chiral clamp mechanism-based application of protein engineering to global health
;
_struct.pdbx_model_details        ? 
_struct.pdbx_CASP_flag            ? 
_struct.pdbx_model_type_details   ? 
# 
_struct_keywords.entry_id        3V19 
_struct_keywords.pdbx_keywords   HORMONE 
_struct_keywords.text            
'zinc-binding site, long-acting insulin analog, receptor binding, protein engineering, insulin fibrillation, HORMONE' 
# 
loop_
_struct_asym.id 
_struct_asym.pdbx_blank_PDB_chainid_flag 
_struct_asym.pdbx_modified 
_struct_asym.entity_id 
_struct_asym.details 
A N N 1 ? 
B N N 2 ? 
C N N 1 ? 
D N N 2 ? 
E N N 3 ? 
F N N 4 ? 
G N N 5 ? 
H N N 3 ? 
I N N 4 ? 
J N N 6 ? 
K N N 6 ? 
L N N 6 ? 
M N N 6 ? 
# 
loop_
_struct_ref.id 
_struct_ref.db_name 
_struct_ref.db_code 
_struct_ref.pdbx_db_accession 
_struct_ref.entity_id 
_struct_ref.pdbx_seq_one_letter_code 
_struct_ref.pdbx_align_begin 
_struct_ref.pdbx_db_isoform 
1 UNP INS_HUMAN P01308 1 GIVEQCCTSICSLYQLENYCN          90 ? 
2 UNP INS_HUMAN P01308 2 FVNQHLCGSHLVEALYLVCGERGFFYTPKT 25 ? 
# 
loop_
_struct_ref_seq.align_id 
_struct_ref_seq.ref_id 
_struct_ref_seq.pdbx_PDB_id_code 
_struct_ref_seq.pdbx_strand_id 
_struct_ref_seq.seq_align_beg 
_struct_ref_seq.pdbx_seq_align_beg_ins_code 
_struct_ref_seq.seq_align_end 
_struct_ref_seq.pdbx_seq_align_end_ins_code 
_struct_ref_seq.pdbx_db_accession 
_struct_ref_seq.db_align_beg 
_struct_ref_seq.pdbx_db_align_beg_ins_code 
_struct_ref_seq.db_align_end 
_struct_ref_seq.pdbx_db_align_end_ins_code 
_struct_ref_seq.pdbx_auth_seq_align_beg 
_struct_ref_seq.pdbx_auth_seq_align_end 
1 1 3V19 A 1 ? 21 ? P01308 90 ? 110 ? 1 21 
2 2 3V19 B 1 ? 30 ? P01308 25 ? 54  ? 1 30 
3 1 3V19 C 1 ? 21 ? P01308 90 ? 110 ? 1 21 
4 2 3V19 D 1 ? 30 ? P01308 25 ? 54  ? 1 30 
# 
loop_
_struct_ref_seq_dif.align_id 
_struct_ref_seq_dif.pdbx_pdb_id_code 
_struct_ref_seq_dif.mon_id 
_struct_ref_seq_dif.pdbx_pdb_strand_id 
_struct_ref_seq_dif.seq_num 
_struct_ref_seq_dif.pdbx_pdb_ins_code 
_struct_ref_seq_dif.pdbx_seq_db_name 
_struct_ref_seq_dif.pdbx_seq_db_accession_code 
_struct_ref_seq_dif.db_mon_id 
_struct_ref_seq_dif.pdbx_seq_db_seq_num 
_struct_ref_seq_dif.details 
_struct_ref_seq_dif.pdbx_auth_seq_num 
_struct_ref_seq_dif.pdbx_ordinal 
1 3V19 LEU A 2 ? UNP P01308 ILE 91 'engineered mutation' 2 1 
1 3V19 LEU A 3 ? UNP P01308 VAL 92 'engineered mutation' 3 2 
1 3V19 HIS A 8 ? UNP P01308 THR 97 'engineered mutation' 8 3 
3 3V19 LEU C 2 ? UNP P01308 ILE 91 'engineered mutation' 2 4 
3 3V19 LEU C 3 ? UNP P01308 VAL 92 'engineered mutation' 3 5 
3 3V19 HIS C 8 ? UNP P01308 THR 97 'engineered mutation' 8 6 
# 
_pdbx_struct_assembly.id                   1 
_pdbx_struct_assembly.details              author_and_software_defined_assembly 
_pdbx_struct_assembly.method_details       PISA 
_pdbx_struct_assembly.oligomeric_details   dodecameric 
_pdbx_struct_assembly.oligomeric_count     12 
# 
loop_
_pdbx_struct_assembly_prop.biol_id 
_pdbx_struct_assembly_prop.type 
_pdbx_struct_assembly_prop.value 
_pdbx_struct_assembly_prop.details 
1 'ABSA (A^2)' 19640 ? 
1 MORE         -316  ? 
1 'SSA (A^2)'  13140 ? 
# 
_pdbx_struct_assembly_gen.assembly_id       1 
_pdbx_struct_assembly_gen.oper_expression   1,2,3 
_pdbx_struct_assembly_gen.asym_id_list      A,B,C,D,E,F,G,H,I,J,K,L,M 
# 
loop_
_pdbx_struct_oper_list.id 
_pdbx_struct_oper_list.type 
_pdbx_struct_oper_list.name 
_pdbx_struct_oper_list.symmetry_operation 
_pdbx_struct_oper_list.matrix[1][1] 
_pdbx_struct_oper_list.matrix[1][2] 
_pdbx_struct_oper_list.matrix[1][3] 
_pdbx_struct_oper_list.vector[1] 
_pdbx_struct_oper_list.matrix[2][1] 
_pdbx_struct_oper_list.matrix[2][2] 
_pdbx_struct_oper_list.matrix[2][3] 
_pdbx_struct_oper_list.vector[2] 
_pdbx_struct_oper_list.matrix[3][1] 
_pdbx_struct_oper_list.matrix[3][2] 
_pdbx_struct_oper_list.matrix[3][3] 
_pdbx_struct_oper_list.vector[3] 
1 'identity operation'         1_555 x,y,z         1.0000000000  0.0000000000  0.0000000000  0.0000000000   0.0000000000  1.0000000000  0.0000000000 0.0000000000  0.0000000000  0.0000000000 1.0000000000 0.0000000000   
2 'crystal symmetry operation' 2_655 -y+1,x-y,z    -0.4001208309 0.4906596651  -0.7740519451 -20.6878334628 -0.9039828902 -0.0723930976 0.4213955074 0.0363616972  0.1507257605  0.8683388351 0.4725139285 -6.6539742262  
3 'crystal symmetry operation' 3_665 -x+y+1,-x+1,z -0.4001208309 -0.9039828902 0.1507257605  -7.2418374371  0.4906596651  -0.0723930976 0.8683388351 15.9312220011 -0.7740519451 0.4213955074 0.4725139285 -12.8846848857 
# 
_struct_biol.id        1 
_struct_biol.details   ? 
# 
loop_
_struct_conf.conf_type_id 
_struct_conf.id 
_struct_conf.pdbx_PDB_helix_id 
_struct_conf.beg_label_comp_id 
_struct_conf.beg_label_asym_id 
_struct_conf.beg_label_seq_id 
_struct_conf.pdbx_beg_PDB_ins_code 
_struct_conf.end_label_comp_id 
_struct_conf.end_label_asym_id 
_struct_conf.end_label_seq_id 
_struct_conf.pdbx_end_PDB_ins_code 
_struct_conf.beg_auth_comp_id 
_struct_conf.beg_auth_asym_id 
_struct_conf.beg_auth_seq_id 
_struct_conf.end_auth_comp_id 
_struct_conf.end_auth_asym_id 
_struct_conf.end_auth_seq_id 
_struct_conf.pdbx_PDB_helix_class 
_struct_conf.details 
_struct_conf.pdbx_PDB_helix_length 
HELX_P HELX_P1 1 GLY A 1  ? CYS A 7  ? GLY A 1  CYS A 7  1 ? 7  
HELX_P HELX_P2 2 SER A 12 ? ASN A 18 ? SER A 12 ASN A 18 1 ? 7  
HELX_P HELX_P3 3 CYS B 7  ? GLY B 20 ? CYS B 7  GLY B 20 1 ? 14 
HELX_P HELX_P4 4 GLU B 21 ? GLY B 23 ? GLU B 21 GLY B 23 5 ? 3  
HELX_P HELX_P5 5 LEU C 2  ? HIS C 8  ? LEU C 2  HIS C 8  1 ? 7  
HELX_P HELX_P6 6 SER C 12 ? GLU C 17 ? SER C 12 GLU C 17 1 ? 6  
HELX_P HELX_P7 7 ASN C 18 ? CYS C 20 ? ASN C 18 CYS C 20 5 ? 3  
HELX_P HELX_P8 8 VAL D 2  ? GLY D 20 ? VAL D 2  GLY D 20 1 ? 19 
HELX_P HELX_P9 9 GLU D 21 ? GLY D 23 ? GLU D 21 GLY D 23 5 ? 3  
# 
_struct_conf_type.id          HELX_P 
_struct_conf_type.criteria    ? 
_struct_conf_type.reference   ? 
# 
loop_
_struct_conn.id 
_struct_conn.conn_type_id 
_struct_conn.pdbx_leaving_atom_flag 
_struct_conn.pdbx_PDB_id 
_struct_conn.ptnr1_label_asym_id 
_struct_conn.ptnr1_label_comp_id 
_struct_conn.ptnr1_label_seq_id 
_struct_conn.ptnr1_label_atom_id 
_struct_conn.pdbx_ptnr1_label_alt_id 
_struct_conn.pdbx_ptnr1_PDB_ins_code 
_struct_conn.pdbx_ptnr1_standard_comp_id 
_struct_conn.ptnr1_symmetry 
_struct_conn.ptnr2_label_asym_id 
_struct_conn.ptnr2_label_comp_id 
_struct_conn.ptnr2_label_seq_id 
_struct_conn.ptnr2_label_atom_id 
_struct_conn.pdbx_ptnr2_label_alt_id 
_struct_conn.pdbx_ptnr2_PDB_ins_code 
_struct_conn.ptnr1_auth_asym_id 
_struct_conn.ptnr1_auth_comp_id 
_struct_conn.ptnr1_auth_seq_id 
_struct_conn.ptnr2_auth_asym_id 
_struct_conn.ptnr2_auth_comp_id 
_struct_conn.ptnr2_auth_seq_id 
_struct_conn.ptnr2_symmetry 
_struct_conn.pdbx_ptnr3_label_atom_id 
_struct_conn.pdbx_ptnr3_label_seq_id 
_struct_conn.pdbx_ptnr3_label_comp_id 
_struct_conn.pdbx_ptnr3_label_asym_id 
_struct_conn.pdbx_ptnr3_label_alt_id 
_struct_conn.pdbx_ptnr3_PDB_ins_code 
_struct_conn.details 
_struct_conn.pdbx_dist_value 
_struct_conn.pdbx_value_order 
_struct_conn.pdbx_role 
disulf1 disulf ? ? A CYS 6  SG  ? ? ? 1_555 A CYS 11 SG ? ? A CYS 6  A CYS 11  1_555 ? ? ? ? ? ? ? 2.029 ? ? 
disulf2 disulf ? ? A CYS 7  SG  ? ? ? 1_555 B CYS 7  SG ? ? A CYS 7  B CYS 7   1_555 ? ? ? ? ? ? ? 2.031 ? ? 
disulf3 disulf ? ? A CYS 20 SG  ? ? ? 1_555 B CYS 19 SG ? ? A CYS 20 B CYS 19  1_555 ? ? ? ? ? ? ? 2.028 ? ? 
disulf4 disulf ? ? C CYS 6  SG  ? ? ? 1_555 C CYS 11 SG ? ? C CYS 6  C CYS 11  1_555 ? ? ? ? ? ? ? 2.029 ? ? 
disulf5 disulf ? ? C CYS 7  SG  ? ? ? 1_555 D CYS 7  SG ? ? C CYS 7  D CYS 7   1_555 ? ? ? ? ? ? ? 2.038 ? ? 
disulf6 disulf ? ? C CYS 20 SG  ? ? ? 1_555 D CYS 19 SG ? ? C CYS 20 D CYS 19  1_555 ? ? ? ? ? ? ? 2.025 ? ? 
metalc1 metalc ? ? B HIS 10 NE2 ? ? ? 1_555 E ZN  .  ZN ? ? B HIS 10 B ZN  101 1_555 ? ? ? ? ? ? ? 2.098 ? ? 
metalc2 metalc ? ? D HIS 10 NE2 ? ? ? 1_555 H ZN  .  ZN ? ? D HIS 10 D ZN  201 1_555 ? ? ? ? ? ? ? 2.087 ? ? 
# 
loop_
_struct_conn_type.id 
_struct_conn_type.criteria 
_struct_conn_type.reference 
disulf ? ? 
metalc ? ? 
# 
loop_
_pdbx_modification_feature.ordinal 
_pdbx_modification_feature.label_comp_id 
_pdbx_modification_feature.label_asym_id 
_pdbx_modification_feature.label_seq_id 
_pdbx_modification_feature.label_alt_id 
_pdbx_modification_feature.modified_residue_label_comp_id 
_pdbx_modification_feature.modified_residue_label_asym_id 
_pdbx_modification_feature.modified_residue_label_seq_id 
_pdbx_modification_feature.modified_residue_label_alt_id 
_pdbx_modification_feature.auth_comp_id 
_pdbx_modification_feature.auth_asym_id 
_pdbx_modification_feature.auth_seq_id 
_pdbx_modification_feature.PDB_ins_code 
_pdbx_modification_feature.symmetry 
_pdbx_modification_feature.modified_residue_auth_comp_id 
_pdbx_modification_feature.modified_residue_auth_asym_id 
_pdbx_modification_feature.modified_residue_auth_seq_id 
_pdbx_modification_feature.modified_residue_PDB_ins_code 
_pdbx_modification_feature.modified_residue_symmetry 
_pdbx_modification_feature.comp_id_linking_atom 
_pdbx_modification_feature.modified_residue_id_linking_atom 
_pdbx_modification_feature.modified_residue_id 
_pdbx_modification_feature.ref_pcm_id 
_pdbx_modification_feature.ref_comp_id 
_pdbx_modification_feature.type 
_pdbx_modification_feature.category 
1 CYS A 6  ? CYS A 11 ? CYS A 6  ? 1_555 CYS A 11 ? 1_555 SG SG . . . None 'Disulfide bridge' 
2 CYS A 7  ? CYS B 7  ? CYS A 7  ? 1_555 CYS B 7  ? 1_555 SG SG . . . None 'Disulfide bridge' 
3 CYS A 20 ? CYS B 19 ? CYS A 20 ? 1_555 CYS B 19 ? 1_555 SG SG . . . None 'Disulfide bridge' 
4 CYS C 6  ? CYS C 11 ? CYS C 6  ? 1_555 CYS C 11 ? 1_555 SG SG . . . None 'Disulfide bridge' 
5 CYS C 7  ? CYS D 7  ? CYS C 7  ? 1_555 CYS D 7  ? 1_555 SG SG . . . None 'Disulfide bridge' 
6 CYS C 20 ? CYS D 19 ? CYS C 20 ? 1_555 CYS D 19 ? 1_555 SG SG . . . None 'Disulfide bridge' 
# 
_struct_sheet.id               A 
_struct_sheet.type             ? 
_struct_sheet.number_strands   2 
_struct_sheet.details          ? 
# 
_struct_sheet_order.sheet_id     A 
_struct_sheet_order.range_id_1   1 
_struct_sheet_order.range_id_2   2 
_struct_sheet_order.offset       ? 
_struct_sheet_order.sense        anti-parallel 
# 
loop_
_struct_sheet_range.sheet_id 
_struct_sheet_range.id 
_struct_sheet_range.beg_label_comp_id 
_struct_sheet_range.beg_label_asym_id 
_struct_sheet_range.beg_label_seq_id 
_struct_sheet_range.pdbx_beg_PDB_ins_code 
_struct_sheet_range.end_label_comp_id 
_struct_sheet_range.end_label_asym_id 
_struct_sheet_range.end_label_seq_id 
_struct_sheet_range.pdbx_end_PDB_ins_code 
_struct_sheet_range.beg_auth_comp_id 
_struct_sheet_range.beg_auth_asym_id 
_struct_sheet_range.beg_auth_seq_id 
_struct_sheet_range.end_auth_comp_id 
_struct_sheet_range.end_auth_asym_id 
_struct_sheet_range.end_auth_seq_id 
A 1 PHE B 24 ? TYR B 26 ? PHE B 24 TYR B 26 
A 2 PHE D 24 ? TYR D 26 ? PHE D 24 TYR D 26 
# 
_pdbx_struct_sheet_hbond.sheet_id                A 
_pdbx_struct_sheet_hbond.range_id_1              1 
_pdbx_struct_sheet_hbond.range_id_2              2 
_pdbx_struct_sheet_hbond.range_1_label_atom_id   N 
_pdbx_struct_sheet_hbond.range_1_label_comp_id   PHE 
_pdbx_struct_sheet_hbond.range_1_label_asym_id   B 
_pdbx_struct_sheet_hbond.range_1_label_seq_id    24 
_pdbx_struct_sheet_hbond.range_1_PDB_ins_code    ? 
_pdbx_struct_sheet_hbond.range_1_auth_atom_id    N 
_pdbx_struct_sheet_hbond.range_1_auth_comp_id    PHE 
_pdbx_struct_sheet_hbond.range_1_auth_asym_id    B 
_pdbx_struct_sheet_hbond.range_1_auth_seq_id     24 
_pdbx_struct_sheet_hbond.range_2_label_atom_id   O 
_pdbx_struct_sheet_hbond.range_2_label_comp_id   TYR 
_pdbx_struct_sheet_hbond.range_2_label_asym_id   D 
_pdbx_struct_sheet_hbond.range_2_label_seq_id    26 
_pdbx_struct_sheet_hbond.range_2_PDB_ins_code    ? 
_pdbx_struct_sheet_hbond.range_2_auth_atom_id    O 
_pdbx_struct_sheet_hbond.range_2_auth_comp_id    TYR 
_pdbx_struct_sheet_hbond.range_2_auth_asym_id    D 
_pdbx_struct_sheet_hbond.range_2_auth_seq_id     26 
# 
loop_
_struct_site.id 
_struct_site.pdbx_evidence_code 
_struct_site.pdbx_auth_asym_id 
_struct_site.pdbx_auth_comp_id 
_struct_site.pdbx_auth_seq_id 
_struct_site.pdbx_auth_ins_code 
_struct_site.pdbx_num_residues 
_struct_site.details 
AC1 Software B ZN  101 ? 6 'BINDING SITE FOR RESIDUE ZN B 101'  
AC2 Software B CL  102 ? 3 'BINDING SITE FOR RESIDUE CL B 102'  
AC3 Software C IPH 200 ? 5 'BINDING SITE FOR RESIDUE IPH C 200' 
AC4 Software D ZN  201 ? 6 'BINDING SITE FOR RESIDUE ZN D 201'  
AC5 Software D CL  202 ? 6 'BINDING SITE FOR RESIDUE CL D 202'  
# 
loop_
_struct_site_gen.id 
_struct_site_gen.site_id 
_struct_site_gen.pdbx_num_res 
_struct_site_gen.label_comp_id 
_struct_site_gen.label_asym_id 
_struct_site_gen.label_seq_id 
_struct_site_gen.pdbx_auth_ins_code 
_struct_site_gen.auth_comp_id 
_struct_site_gen.auth_asym_id 
_struct_site_gen.auth_seq_id 
_struct_site_gen.label_atom_id 
_struct_site_gen.label_alt_id 
_struct_site_gen.symmetry 
_struct_site_gen.details 
1  AC1 6 HIS B 10 ? HIS B 10  . ? 1_555 ? 
2  AC1 6 HIS B 10 ? HIS B 10  . ? 3_665 ? 
3  AC1 6 HIS B 10 ? HIS B 10  . ? 2_655 ? 
4  AC1 6 CL  F .  ? CL  B 102 . ? 3_665 ? 
5  AC1 6 CL  F .  ? CL  B 102 . ? 2_655 ? 
6  AC1 6 CL  F .  ? CL  B 102 . ? 1_555 ? 
7  AC2 3 ZN  E .  ? ZN  B 101 . ? 1_555 ? 
8  AC2 3 ZN  E .  ? ZN  B 101 . ? 2_655 ? 
9  AC2 3 ZN  E .  ? ZN  B 101 . ? 3_665 ? 
10 AC3 5 CYS C 6  ? CYS C 6   . ? 1_555 ? 
11 AC3 5 SER C 9  ? SER C 9   . ? 1_555 ? 
12 AC3 5 ILE C 10 ? ILE C 10  . ? 1_555 ? 
13 AC3 5 CYS C 11 ? CYS C 11  . ? 1_555 ? 
14 AC3 5 LEU D 11 ? LEU D 11  . ? 1_555 ? 
15 AC4 6 HIS D 10 ? HIS D 10  . ? 1_555 ? 
16 AC4 6 HIS D 10 ? HIS D 10  . ? 2_655 ? 
17 AC4 6 HIS D 10 ? HIS D 10  . ? 3_665 ? 
18 AC4 6 CL  I .  ? CL  D 202 . ? 3_665 ? 
19 AC4 6 CL  I .  ? CL  D 202 . ? 2_655 ? 
20 AC4 6 CL  I .  ? CL  D 202 . ? 1_555 ? 
21 AC5 6 HIS D 10 ? HIS D 10  . ? 1_555 ? 
22 AC5 6 HIS D 10 ? HIS D 10  . ? 2_655 ? 
23 AC5 6 HIS D 10 ? HIS D 10  . ? 3_665 ? 
24 AC5 6 ZN  H .  ? ZN  D 201 . ? 3_665 ? 
25 AC5 6 ZN  H .  ? ZN  D 201 . ? 2_655 ? 
26 AC5 6 ZN  H .  ? ZN  D 201 . ? 1_555 ? 
# 
_pdbx_entry_details.entry_id                   3V19 
_pdbx_entry_details.compound_details           ? 
_pdbx_entry_details.source_details             ? 
_pdbx_entry_details.nonpolymer_details         ? 
_pdbx_entry_details.sequence_details           ? 
_pdbx_entry_details.has_ligand_of_interest     ? 
_pdbx_entry_details.has_protein_modification   Y 
# 
loop_
_pdbx_validate_torsion.id 
_pdbx_validate_torsion.PDB_model_num 
_pdbx_validate_torsion.auth_comp_id 
_pdbx_validate_torsion.auth_asym_id 
_pdbx_validate_torsion.auth_seq_id 
_pdbx_validate_torsion.PDB_ins_code 
_pdbx_validate_torsion.label_alt_id 
_pdbx_validate_torsion.phi 
_pdbx_validate_torsion.psi 
1 1 VAL D 2  ? ? -76.77  39.12   
2 1 PRO D 28 ? ? -49.72  -2.97   
3 1 LYS D 29 ? ? -141.46 -118.85 
# 
loop_
_pdbx_struct_special_symmetry.id 
_pdbx_struct_special_symmetry.PDB_model_num 
_pdbx_struct_special_symmetry.auth_asym_id 
_pdbx_struct_special_symmetry.auth_comp_id 
_pdbx_struct_special_symmetry.auth_seq_id 
_pdbx_struct_special_symmetry.PDB_ins_code 
_pdbx_struct_special_symmetry.label_asym_id 
_pdbx_struct_special_symmetry.label_comp_id 
_pdbx_struct_special_symmetry.label_seq_id 
1 1 B ZN  101 ? E ZN  . 
2 1 B CL  102 ? F CL  . 
3 1 D ZN  201 ? H ZN  . 
4 1 D CL  202 ? I CL  . 
5 1 B HOH 31  ? K HOH . 
# 
loop_
_chem_comp_atom.comp_id 
_chem_comp_atom.atom_id 
_chem_comp_atom.type_symbol 
_chem_comp_atom.pdbx_aromatic_flag 
_chem_comp_atom.pdbx_stereo_config 
_chem_comp_atom.pdbx_ordinal 
ALA N    N  N N 1   
ALA CA   C  N S 2   
ALA C    C  N N 3   
ALA O    O  N N 4   
ALA CB   C  N N 5   
ALA OXT  O  N N 6   
ALA H    H  N N 7   
ALA H2   H  N N 8   
ALA HA   H  N N 9   
ALA HB1  H  N N 10  
ALA HB2  H  N N 11  
ALA HB3  H  N N 12  
ALA HXT  H  N N 13  
ARG N    N  N N 14  
ARG CA   C  N S 15  
ARG C    C  N N 16  
ARG O    O  N N 17  
ARG CB   C  N N 18  
ARG CG   C  N N 19  
ARG CD   C  N N 20  
ARG NE   N  N N 21  
ARG CZ   C  N N 22  
ARG NH1  N  N N 23  
ARG NH2  N  N N 24  
ARG OXT  O  N N 25  
ARG H    H  N N 26  
ARG H2   H  N N 27  
ARG HA   H  N N 28  
ARG HB2  H  N N 29  
ARG HB3  H  N N 30  
ARG HG2  H  N N 31  
ARG HG3  H  N N 32  
ARG HD2  H  N N 33  
ARG HD3  H  N N 34  
ARG HE   H  N N 35  
ARG HH11 H  N N 36  
ARG HH12 H  N N 37  
ARG HH21 H  N N 38  
ARG HH22 H  N N 39  
ARG HXT  H  N N 40  
ASN N    N  N N 41  
ASN CA   C  N S 42  
ASN C    C  N N 43  
ASN O    O  N N 44  
ASN CB   C  N N 45  
ASN CG   C  N N 46  
ASN OD1  O  N N 47  
ASN ND2  N  N N 48  
ASN OXT  O  N N 49  
ASN H    H  N N 50  
ASN H2   H  N N 51  
ASN HA   H  N N 52  
ASN HB2  H  N N 53  
ASN HB3  H  N N 54  
ASN HD21 H  N N 55  
ASN HD22 H  N N 56  
ASN HXT  H  N N 57  
CL  CL   CL N N 58  
CYS N    N  N N 59  
CYS CA   C  N R 60  
CYS C    C  N N 61  
CYS O    O  N N 62  
CYS CB   C  N N 63  
CYS SG   S  N N 64  
CYS OXT  O  N N 65  
CYS H    H  N N 66  
CYS H2   H  N N 67  
CYS HA   H  N N 68  
CYS HB2  H  N N 69  
CYS HB3  H  N N 70  
CYS HG   H  N N 71  
CYS HXT  H  N N 72  
GLN N    N  N N 73  
GLN CA   C  N S 74  
GLN C    C  N N 75  
GLN O    O  N N 76  
GLN CB   C  N N 77  
GLN CG   C  N N 78  
GLN CD   C  N N 79  
GLN OE1  O  N N 80  
GLN NE2  N  N N 81  
GLN OXT  O  N N 82  
GLN H    H  N N 83  
GLN H2   H  N N 84  
GLN HA   H  N N 85  
GLN HB2  H  N N 86  
GLN HB3  H  N N 87  
GLN HG2  H  N N 88  
GLN HG3  H  N N 89  
GLN HE21 H  N N 90  
GLN HE22 H  N N 91  
GLN HXT  H  N N 92  
GLU N    N  N N 93  
GLU CA   C  N S 94  
GLU C    C  N N 95  
GLU O    O  N N 96  
GLU CB   C  N N 97  
GLU CG   C  N N 98  
GLU CD   C  N N 99  
GLU OE1  O  N N 100 
GLU OE2  O  N N 101 
GLU OXT  O  N N 102 
GLU H    H  N N 103 
GLU H2   H  N N 104 
GLU HA   H  N N 105 
GLU HB2  H  N N 106 
GLU HB3  H  N N 107 
GLU HG2  H  N N 108 
GLU HG3  H  N N 109 
GLU HE2  H  N N 110 
GLU HXT  H  N N 111 
GLY N    N  N N 112 
GLY CA   C  N N 113 
GLY C    C  N N 114 
GLY O    O  N N 115 
GLY OXT  O  N N 116 
GLY H    H  N N 117 
GLY H2   H  N N 118 
GLY HA2  H  N N 119 
GLY HA3  H  N N 120 
GLY HXT  H  N N 121 
HIS N    N  N N 122 
HIS CA   C  N S 123 
HIS C    C  N N 124 
HIS O    O  N N 125 
HIS CB   C  N N 126 
HIS CG   C  Y N 127 
HIS ND1  N  Y N 128 
HIS CD2  C  Y N 129 
HIS CE1  C  Y N 130 
HIS NE2  N  Y N 131 
HIS OXT  O  N N 132 
HIS H    H  N N 133 
HIS H2   H  N N 134 
HIS HA   H  N N 135 
HIS HB2  H  N N 136 
HIS HB3  H  N N 137 
HIS HD1  H  N N 138 
HIS HD2  H  N N 139 
HIS HE1  H  N N 140 
HIS HE2  H  N N 141 
HIS HXT  H  N N 142 
HOH O    O  N N 143 
HOH H1   H  N N 144 
HOH H2   H  N N 145 
ILE N    N  N N 146 
ILE CA   C  N S 147 
ILE C    C  N N 148 
ILE O    O  N N 149 
ILE CB   C  N S 150 
ILE CG1  C  N N 151 
ILE CG2  C  N N 152 
ILE CD1  C  N N 153 
ILE OXT  O  N N 154 
ILE H    H  N N 155 
ILE H2   H  N N 156 
ILE HA   H  N N 157 
ILE HB   H  N N 158 
ILE HG12 H  N N 159 
ILE HG13 H  N N 160 
ILE HG21 H  N N 161 
ILE HG22 H  N N 162 
ILE HG23 H  N N 163 
ILE HD11 H  N N 164 
ILE HD12 H  N N 165 
ILE HD13 H  N N 166 
ILE HXT  H  N N 167 
IPH C1   C  Y N 168 
IPH C2   C  Y N 169 
IPH C3   C  Y N 170 
IPH C4   C  Y N 171 
IPH C5   C  Y N 172 
IPH C6   C  Y N 173 
IPH O1   O  N N 174 
IPH H2   H  N N 175 
IPH H3   H  N N 176 
IPH H4   H  N N 177 
IPH H5   H  N N 178 
IPH H6   H  N N 179 
IPH HO1  H  N N 180 
LEU N    N  N N 181 
LEU CA   C  N S 182 
LEU C    C  N N 183 
LEU O    O  N N 184 
LEU CB   C  N N 185 
LEU CG   C  N N 186 
LEU CD1  C  N N 187 
LEU CD2  C  N N 188 
LEU OXT  O  N N 189 
LEU H    H  N N 190 
LEU H2   H  N N 191 
LEU HA   H  N N 192 
LEU HB2  H  N N 193 
LEU HB3  H  N N 194 
LEU HG   H  N N 195 
LEU HD11 H  N N 196 
LEU HD12 H  N N 197 
LEU HD13 H  N N 198 
LEU HD21 H  N N 199 
LEU HD22 H  N N 200 
LEU HD23 H  N N 201 
LEU HXT  H  N N 202 
LYS N    N  N N 203 
LYS CA   C  N S 204 
LYS C    C  N N 205 
LYS O    O  N N 206 
LYS CB   C  N N 207 
LYS CG   C  N N 208 
LYS CD   C  N N 209 
LYS CE   C  N N 210 
LYS NZ   N  N N 211 
LYS OXT  O  N N 212 
LYS H    H  N N 213 
LYS H2   H  N N 214 
LYS HA   H  N N 215 
LYS HB2  H  N N 216 
LYS HB3  H  N N 217 
LYS HG2  H  N N 218 
LYS HG3  H  N N 219 
LYS HD2  H  N N 220 
LYS HD3  H  N N 221 
LYS HE2  H  N N 222 
LYS HE3  H  N N 223 
LYS HZ1  H  N N 224 
LYS HZ2  H  N N 225 
LYS HZ3  H  N N 226 
LYS HXT  H  N N 227 
PHE N    N  N N 228 
PHE CA   C  N S 229 
PHE C    C  N N 230 
PHE O    O  N N 231 
PHE CB   C  N N 232 
PHE CG   C  Y N 233 
PHE CD1  C  Y N 234 
PHE CD2  C  Y N 235 
PHE CE1  C  Y N 236 
PHE CE2  C  Y N 237 
PHE CZ   C  Y N 238 
PHE OXT  O  N N 239 
PHE H    H  N N 240 
PHE H2   H  N N 241 
PHE HA   H  N N 242 
PHE HB2  H  N N 243 
PHE HB3  H  N N 244 
PHE HD1  H  N N 245 
PHE HD2  H  N N 246 
PHE HE1  H  N N 247 
PHE HE2  H  N N 248 
PHE HZ   H  N N 249 
PHE HXT  H  N N 250 
PRO N    N  N N 251 
PRO CA   C  N S 252 
PRO C    C  N N 253 
PRO O    O  N N 254 
PRO CB   C  N N 255 
PRO CG   C  N N 256 
PRO CD   C  N N 257 
PRO OXT  O  N N 258 
PRO H    H  N N 259 
PRO HA   H  N N 260 
PRO HB2  H  N N 261 
PRO HB3  H  N N 262 
PRO HG2  H  N N 263 
PRO HG3  H  N N 264 
PRO HD2  H  N N 265 
PRO HD3  H  N N 266 
PRO HXT  H  N N 267 
SER N    N  N N 268 
SER CA   C  N S 269 
SER C    C  N N 270 
SER O    O  N N 271 
SER CB   C  N N 272 
SER OG   O  N N 273 
SER OXT  O  N N 274 
SER H    H  N N 275 
SER H2   H  N N 276 
SER HA   H  N N 277 
SER HB2  H  N N 278 
SER HB3  H  N N 279 
SER HG   H  N N 280 
SER HXT  H  N N 281 
THR N    N  N N 282 
THR CA   C  N S 283 
THR C    C  N N 284 
THR O    O  N N 285 
THR CB   C  N R 286 
THR OG1  O  N N 287 
THR CG2  C  N N 288 
THR OXT  O  N N 289 
THR H    H  N N 290 
THR H2   H  N N 291 
THR HA   H  N N 292 
THR HB   H  N N 293 
THR HG1  H  N N 294 
THR HG21 H  N N 295 
THR HG22 H  N N 296 
THR HG23 H  N N 297 
THR HXT  H  N N 298 
TYR N    N  N N 299 
TYR CA   C  N S 300 
TYR C    C  N N 301 
TYR O    O  N N 302 
TYR CB   C  N N 303 
TYR CG   C  Y N 304 
TYR CD1  C  Y N 305 
TYR CD2  C  Y N 306 
TYR CE1  C  Y N 307 
TYR CE2  C  Y N 308 
TYR CZ   C  Y N 309 
TYR OH   O  N N 310 
TYR OXT  O  N N 311 
TYR H    H  N N 312 
TYR H2   H  N N 313 
TYR HA   H  N N 314 
TYR HB2  H  N N 315 
TYR HB3  H  N N 316 
TYR HD1  H  N N 317 
TYR HD2  H  N N 318 
TYR HE1  H  N N 319 
TYR HE2  H  N N 320 
TYR HH   H  N N 321 
TYR HXT  H  N N 322 
VAL N    N  N N 323 
VAL CA   C  N S 324 
VAL C    C  N N 325 
VAL O    O  N N 326 
VAL CB   C  N N 327 
VAL CG1  C  N N 328 
VAL CG2  C  N N 329 
VAL OXT  O  N N 330 
VAL H    H  N N 331 
VAL H2   H  N N 332 
VAL HA   H  N N 333 
VAL HB   H  N N 334 
VAL HG11 H  N N 335 
VAL HG12 H  N N 336 
VAL HG13 H  N N 337 
VAL HG21 H  N N 338 
VAL HG22 H  N N 339 
VAL HG23 H  N N 340 
VAL HXT  H  N N 341 
ZN  ZN   ZN N N 342 
# 
loop_
_chem_comp_bond.comp_id 
_chem_comp_bond.atom_id_1 
_chem_comp_bond.atom_id_2 
_chem_comp_bond.value_order 
_chem_comp_bond.pdbx_aromatic_flag 
_chem_comp_bond.pdbx_stereo_config 
_chem_comp_bond.pdbx_ordinal 
ALA N   CA   sing N N 1   
ALA N   H    sing N N 2   
ALA N   H2   sing N N 3   
ALA CA  C    sing N N 4   
ALA CA  CB   sing N N 5   
ALA CA  HA   sing N N 6   
ALA C   O    doub N N 7   
ALA C   OXT  sing N N 8   
ALA CB  HB1  sing N N 9   
ALA CB  HB2  sing N N 10  
ALA CB  HB3  sing N N 11  
ALA OXT HXT  sing N N 12  
ARG N   CA   sing N N 13  
ARG N   H    sing N N 14  
ARG N   H2   sing N N 15  
ARG CA  C    sing N N 16  
ARG CA  CB   sing N N 17  
ARG CA  HA   sing N N 18  
ARG C   O    doub N N 19  
ARG C   OXT  sing N N 20  
ARG CB  CG   sing N N 21  
ARG CB  HB2  sing N N 22  
ARG CB  HB3  sing N N 23  
ARG CG  CD   sing N N 24  
ARG CG  HG2  sing N N 25  
ARG CG  HG3  sing N N 26  
ARG CD  NE   sing N N 27  
ARG CD  HD2  sing N N 28  
ARG CD  HD3  sing N N 29  
ARG NE  CZ   sing N N 30  
ARG NE  HE   sing N N 31  
ARG CZ  NH1  sing N N 32  
ARG CZ  NH2  doub N N 33  
ARG NH1 HH11 sing N N 34  
ARG NH1 HH12 sing N N 35  
ARG NH2 HH21 sing N N 36  
ARG NH2 HH22 sing N N 37  
ARG OXT HXT  sing N N 38  
ASN N   CA   sing N N 39  
ASN N   H    sing N N 40  
ASN N   H2   sing N N 41  
ASN CA  C    sing N N 42  
ASN CA  CB   sing N N 43  
ASN CA  HA   sing N N 44  
ASN C   O    doub N N 45  
ASN C   OXT  sing N N 46  
ASN CB  CG   sing N N 47  
ASN CB  HB2  sing N N 48  
ASN CB  HB3  sing N N 49  
ASN CG  OD1  doub N N 50  
ASN CG  ND2  sing N N 51  
ASN ND2 HD21 sing N N 52  
ASN ND2 HD22 sing N N 53  
ASN OXT HXT  sing N N 54  
CYS N   CA   sing N N 55  
CYS N   H    sing N N 56  
CYS N   H2   sing N N 57  
CYS CA  C    sing N N 58  
CYS CA  CB   sing N N 59  
CYS CA  HA   sing N N 60  
CYS C   O    doub N N 61  
CYS C   OXT  sing N N 62  
CYS CB  SG   sing N N 63  
CYS CB  HB2  sing N N 64  
CYS CB  HB3  sing N N 65  
CYS SG  HG   sing N N 66  
CYS OXT HXT  sing N N 67  
GLN N   CA   sing N N 68  
GLN N   H    sing N N 69  
GLN N   H2   sing N N 70  
GLN CA  C    sing N N 71  
GLN CA  CB   sing N N 72  
GLN CA  HA   sing N N 73  
GLN C   O    doub N N 74  
GLN C   OXT  sing N N 75  
GLN CB  CG   sing N N 76  
GLN CB  HB2  sing N N 77  
GLN CB  HB3  sing N N 78  
GLN CG  CD   sing N N 79  
GLN CG  HG2  sing N N 80  
GLN CG  HG3  sing N N 81  
GLN CD  OE1  doub N N 82  
GLN CD  NE2  sing N N 83  
GLN NE2 HE21 sing N N 84  
GLN NE2 HE22 sing N N 85  
GLN OXT HXT  sing N N 86  
GLU N   CA   sing N N 87  
GLU N   H    sing N N 88  
GLU N   H2   sing N N 89  
GLU CA  C    sing N N 90  
GLU CA  CB   sing N N 91  
GLU CA  HA   sing N N 92  
GLU C   O    doub N N 93  
GLU C   OXT  sing N N 94  
GLU CB  CG   sing N N 95  
GLU CB  HB2  sing N N 96  
GLU CB  HB3  sing N N 97  
GLU CG  CD   sing N N 98  
GLU CG  HG2  sing N N 99  
GLU CG  HG3  sing N N 100 
GLU CD  OE1  doub N N 101 
GLU CD  OE2  sing N N 102 
GLU OE2 HE2  sing N N 103 
GLU OXT HXT  sing N N 104 
GLY N   CA   sing N N 105 
GLY N   H    sing N N 106 
GLY N   H2   sing N N 107 
GLY CA  C    sing N N 108 
GLY CA  HA2  sing N N 109 
GLY CA  HA3  sing N N 110 
GLY C   O    doub N N 111 
GLY C   OXT  sing N N 112 
GLY OXT HXT  sing N N 113 
HIS N   CA   sing N N 114 
HIS N   H    sing N N 115 
HIS N   H2   sing N N 116 
HIS CA  C    sing N N 117 
HIS CA  CB   sing N N 118 
HIS CA  HA   sing N N 119 
HIS C   O    doub N N 120 
HIS C   OXT  sing N N 121 
HIS CB  CG   sing N N 122 
HIS CB  HB2  sing N N 123 
HIS CB  HB3  sing N N 124 
HIS CG  ND1  sing Y N 125 
HIS CG  CD2  doub Y N 126 
HIS ND1 CE1  doub Y N 127 
HIS ND1 HD1  sing N N 128 
HIS CD2 NE2  sing Y N 129 
HIS CD2 HD2  sing N N 130 
HIS CE1 NE2  sing Y N 131 
HIS CE1 HE1  sing N N 132 
HIS NE2 HE2  sing N N 133 
HIS OXT HXT  sing N N 134 
HOH O   H1   sing N N 135 
HOH O   H2   sing N N 136 
ILE N   CA   sing N N 137 
ILE N   H    sing N N 138 
ILE N   H2   sing N N 139 
ILE CA  C    sing N N 140 
ILE CA  CB   sing N N 141 
ILE CA  HA   sing N N 142 
ILE C   O    doub N N 143 
ILE C   OXT  sing N N 144 
ILE CB  CG1  sing N N 145 
ILE CB  CG2  sing N N 146 
ILE CB  HB   sing N N 147 
ILE CG1 CD1  sing N N 148 
ILE CG1 HG12 sing N N 149 
ILE CG1 HG13 sing N N 150 
ILE CG2 HG21 sing N N 151 
ILE CG2 HG22 sing N N 152 
ILE CG2 HG23 sing N N 153 
ILE CD1 HD11 sing N N 154 
ILE CD1 HD12 sing N N 155 
ILE CD1 HD13 sing N N 156 
ILE OXT HXT  sing N N 157 
IPH C1  C2   doub Y N 158 
IPH C1  C6   sing Y N 159 
IPH C1  O1   sing N N 160 
IPH C2  C3   sing Y N 161 
IPH C2  H2   sing N N 162 
IPH C3  C4   doub Y N 163 
IPH C3  H3   sing N N 164 
IPH C4  C5   sing Y N 165 
IPH C4  H4   sing N N 166 
IPH C5  C6   doub Y N 167 
IPH C5  H5   sing N N 168 
IPH C6  H6   sing N N 169 
IPH O1  HO1  sing N N 170 
LEU N   CA   sing N N 171 
LEU N   H    sing N N 172 
LEU N   H2   sing N N 173 
LEU CA  C    sing N N 174 
LEU CA  CB   sing N N 175 
LEU CA  HA   sing N N 176 
LEU C   O    doub N N 177 
LEU C   OXT  sing N N 178 
LEU CB  CG   sing N N 179 
LEU CB  HB2  sing N N 180 
LEU CB  HB3  sing N N 181 
LEU CG  CD1  sing N N 182 
LEU CG  CD2  sing N N 183 
LEU CG  HG   sing N N 184 
LEU CD1 HD11 sing N N 185 
LEU CD1 HD12 sing N N 186 
LEU CD1 HD13 sing N N 187 
LEU CD2 HD21 sing N N 188 
LEU CD2 HD22 sing N N 189 
LEU CD2 HD23 sing N N 190 
LEU OXT HXT  sing N N 191 
LYS N   CA   sing N N 192 
LYS N   H    sing N N 193 
LYS N   H2   sing N N 194 
LYS CA  C    sing N N 195 
LYS CA  CB   sing N N 196 
LYS CA  HA   sing N N 197 
LYS C   O    doub N N 198 
LYS C   OXT  sing N N 199 
LYS CB  CG   sing N N 200 
LYS CB  HB2  sing N N 201 
LYS CB  HB3  sing N N 202 
LYS CG  CD   sing N N 203 
LYS CG  HG2  sing N N 204 
LYS CG  HG3  sing N N 205 
LYS CD  CE   sing N N 206 
LYS CD  HD2  sing N N 207 
LYS CD  HD3  sing N N 208 
LYS CE  NZ   sing N N 209 
LYS CE  HE2  sing N N 210 
LYS CE  HE3  sing N N 211 
LYS NZ  HZ1  sing N N 212 
LYS NZ  HZ2  sing N N 213 
LYS NZ  HZ3  sing N N 214 
LYS OXT HXT  sing N N 215 
PHE N   CA   sing N N 216 
PHE N   H    sing N N 217 
PHE N   H2   sing N N 218 
PHE CA  C    sing N N 219 
PHE CA  CB   sing N N 220 
PHE CA  HA   sing N N 221 
PHE C   O    doub N N 222 
PHE C   OXT  sing N N 223 
PHE CB  CG   sing N N 224 
PHE CB  HB2  sing N N 225 
PHE CB  HB3  sing N N 226 
PHE CG  CD1  doub Y N 227 
PHE CG  CD2  sing Y N 228 
PHE CD1 CE1  sing Y N 229 
PHE CD1 HD1  sing N N 230 
PHE CD2 CE2  doub Y N 231 
PHE CD2 HD2  sing N N 232 
PHE CE1 CZ   doub Y N 233 
PHE CE1 HE1  sing N N 234 
PHE CE2 CZ   sing Y N 235 
PHE CE2 HE2  sing N N 236 
PHE CZ  HZ   sing N N 237 
PHE OXT HXT  sing N N 238 
PRO N   CA   sing N N 239 
PRO N   CD   sing N N 240 
PRO N   H    sing N N 241 
PRO CA  C    sing N N 242 
PRO CA  CB   sing N N 243 
PRO CA  HA   sing N N 244 
PRO C   O    doub N N 245 
PRO C   OXT  sing N N 246 
PRO CB  CG   sing N N 247 
PRO CB  HB2  sing N N 248 
PRO CB  HB3  sing N N 249 
PRO CG  CD   sing N N 250 
PRO CG  HG2  sing N N 251 
PRO CG  HG3  sing N N 252 
PRO CD  HD2  sing N N 253 
PRO CD  HD3  sing N N 254 
PRO OXT HXT  sing N N 255 
SER N   CA   sing N N 256 
SER N   H    sing N N 257 
SER N   H2   sing N N 258 
SER CA  C    sing N N 259 
SER CA  CB   sing N N 260 
SER CA  HA   sing N N 261 
SER C   O    doub N N 262 
SER C   OXT  sing N N 263 
SER CB  OG   sing N N 264 
SER CB  HB2  sing N N 265 
SER CB  HB3  sing N N 266 
SER OG  HG   sing N N 267 
SER OXT HXT  sing N N 268 
THR N   CA   sing N N 269 
THR N   H    sing N N 270 
THR N   H2   sing N N 271 
THR CA  C    sing N N 272 
THR CA  CB   sing N N 273 
THR CA  HA   sing N N 274 
THR C   O    doub N N 275 
THR C   OXT  sing N N 276 
THR CB  OG1  sing N N 277 
THR CB  CG2  sing N N 278 
THR CB  HB   sing N N 279 
THR OG1 HG1  sing N N 280 
THR CG2 HG21 sing N N 281 
THR CG2 HG22 sing N N 282 
THR CG2 HG23 sing N N 283 
THR OXT HXT  sing N N 284 
TYR N   CA   sing N N 285 
TYR N   H    sing N N 286 
TYR N   H2   sing N N 287 
TYR CA  C    sing N N 288 
TYR CA  CB   sing N N 289 
TYR CA  HA   sing N N 290 
TYR C   O    doub N N 291 
TYR C   OXT  sing N N 292 
TYR CB  CG   sing N N 293 
TYR CB  HB2  sing N N 294 
TYR CB  HB3  sing N N 295 
TYR CG  CD1  doub Y N 296 
TYR CG  CD2  sing Y N 297 
TYR CD1 CE1  sing Y N 298 
TYR CD1 HD1  sing N N 299 
TYR CD2 CE2  doub Y N 300 
TYR CD2 HD2  sing N N 301 
TYR CE1 CZ   doub Y N 302 
TYR CE1 HE1  sing N N 303 
TYR CE2 CZ   sing Y N 304 
TYR CE2 HE2  sing N N 305 
TYR CZ  OH   sing N N 306 
TYR OH  HH   sing N N 307 
TYR OXT HXT  sing N N 308 
VAL N   CA   sing N N 309 
VAL N   H    sing N N 310 
VAL N   H2   sing N N 311 
VAL CA  C    sing N N 312 
VAL CA  CB   sing N N 313 
VAL CA  HA   sing N N 314 
VAL C   O    doub N N 315 
VAL C   OXT  sing N N 316 
VAL CB  CG1  sing N N 317 
VAL CB  CG2  sing N N 318 
VAL CB  HB   sing N N 319 
VAL CG1 HG11 sing N N 320 
VAL CG1 HG12 sing N N 321 
VAL CG1 HG13 sing N N 322 
VAL CG2 HG21 sing N N 323 
VAL CG2 HG22 sing N N 324 
VAL CG2 HG23 sing N N 325 
VAL OXT HXT  sing N N 326 
# 
_pdbx_initial_refinement_model.id               1 
_pdbx_initial_refinement_model.entity_id_list   ? 
_pdbx_initial_refinement_model.type             'experimental model' 
_pdbx_initial_refinement_model.source_name      PDB 
_pdbx_initial_refinement_model.accession_code   1RWE 
_pdbx_initial_refinement_model.details          ? 
# 
_atom_sites.entry_id                    3V19 
_atom_sites.fract_transf_matrix[1][1]   -0.01387926 
_atom_sites.fract_transf_matrix[1][2]   -0.00482331 
_atom_sites.fract_transf_matrix[1][3]   -0.00124960 
_atom_sites.fract_transf_matrix[2][1]   -0.00972534 
_atom_sites.fract_transf_matrix[2][2]   0.00754635 
_atom_sites.fract_transf_matrix[2][3]   -0.00812062 
_atom_sites.fract_transf_matrix[3][1]   0.00712353 
_atom_sites.fract_transf_matrix[3][2]   -0.01473941 
_atom_sites.fract_transf_matrix[3][3]   -0.02222828 
_atom_sites.fract_transf_vector[1]      0.554966 
_atom_sites.fract_transf_vector[2]      0.149738 
_atom_sites.fract_transf_vector[3]      -0.021222 
# 
loop_
_atom_type.symbol 
C  
CL 
N  
O  
S  
ZN 
# 
loop_
_atom_site.group_PDB 
_atom_site.id 
_atom_site.type_symbol 
_atom_site.label_atom_id 
_atom_site.label_alt_id 
_atom_site.label_comp_id 
_atom_site.label_asym_id 
_atom_site.label_entity_id 
_atom_site.label_seq_id 
_atom_site.pdbx_PDB_ins_code 
_atom_site.Cartn_x 
_atom_site.Cartn_y 
_atom_site.Cartn_z 
_atom_site.occupancy 
_atom_site.B_iso_or_equiv 
_atom_site.pdbx_formal_charge 
_atom_site.auth_seq_id 
_atom_site.auth_comp_id 
_atom_site.auth_asym_id 
_atom_site.auth_atom_id 
_atom_site.pdbx_PDB_model_num 
ATOM   1   N  N   . GLY A 1 1  ? 8.021   -12.570 -5.731  1.00 54.36 ? 1   GLY A N   1 
ATOM   2   C  CA  . GLY A 1 1  ? 7.525   -11.362 -6.445  1.00 53.76 ? 1   GLY A CA  1 
ATOM   3   C  C   . GLY A 1 1  ? 6.025   -11.178 -6.312  1.00 53.30 ? 1   GLY A C   1 
ATOM   4   O  O   . GLY A 1 1  ? 5.240   -11.929 -6.902  1.00 53.61 ? 1   GLY A O   1 
ATOM   5   N  N   . LEU A 1 2  ? 5.628   -10.179 -5.530  1.00 52.74 ? 2   LEU A N   1 
ATOM   6   C  CA  . LEU A 1 2  ? 4.215   -9.876  -5.312  1.00 52.63 ? 2   LEU A CA  1 
ATOM   7   C  C   . LEU A 1 2  ? 3.580   -9.538  -6.657  1.00 52.28 ? 2   LEU A C   1 
ATOM   8   O  O   . LEU A 1 2  ? 2.592   -10.143 -7.078  1.00 47.47 ? 2   LEU A O   1 
ATOM   9   C  CB  . LEU A 1 2  ? 4.077   -8.668  -4.375  1.00 53.77 ? 2   LEU A CB  1 
ATOM   10  C  CG  . LEU A 1 2  ? 2.756   -8.416  -3.629  1.00 55.25 ? 2   LEU A CG  1 
ATOM   11  C  CD1 . LEU A 1 2  ? 2.774   -7.000  -3.052  1.00 54.79 ? 2   LEU A CD1 1 
ATOM   12  C  CD2 . LEU A 1 2  ? 1.565   -8.589  -4.548  1.00 52.00 ? 2   LEU A CD2 1 
ATOM   13  N  N   . LEU A 1 3  ? 4.177   -8.552  -7.317  1.00 52.84 ? 3   LEU A N   1 
ATOM   14  C  CA  . LEU A 1 3  ? 3.716   -8.078  -8.610  1.00 56.88 ? 3   LEU A CA  1 
ATOM   15  C  C   . LEU A 1 3  ? 3.684   -9.215  -9.625  1.00 57.37 ? 3   LEU A C   1 
ATOM   16  O  O   . LEU A 1 3  ? 2.775   -9.295  -10.453 1.00 56.11 ? 3   LEU A O   1 
ATOM   17  C  CB  . LEU A 1 3  ? 4.646   -6.962  -9.099  1.00 56.51 ? 3   LEU A CB  1 
ATOM   18  C  CG  . LEU A 1 3  ? 4.139   -5.954  -10.131 1.00 57.03 ? 3   LEU A CG  1 
ATOM   19  C  CD1 . LEU A 1 3  ? 2.838   -5.318  -9.645  1.00 57.19 ? 3   LEU A CD1 1 
ATOM   20  C  CD2 . LEU A 1 3  ? 5.205   -4.886  -10.349 1.00 54.78 ? 3   LEU A CD2 1 
ATOM   21  N  N   . GLU A 1 4  ? 4.668   -10.105 -9.543  1.00 58.55 ? 4   GLU A N   1 
ATOM   22  C  CA  . GLU A 1 4  ? 4.752   -11.196 -10.459 1.00 59.18 ? 4   GLU A CA  1 
ATOM   23  C  C   . GLU A 1 4  ? 3.558   -12.169 -10.266 1.00 58.65 ? 4   GLU A C   1 
ATOM   24  O  O   . GLU A 1 4  ? 3.072   -12.729 -11.248 1.00 59.02 ? 4   GLU A O   1 
ATOM   25  C  CB  . GLU A 1 4  ? 6.138   -11.861 -10.318 1.00 61.36 ? 4   GLU A CB  1 
ATOM   26  C  CG  . GLU A 1 4  ? 6.671   -12.588 -11.574 1.00 64.47 ? 4   GLU A CG  1 
ATOM   27  C  CD  . GLU A 1 4  ? 8.121   -12.271 -12.039 1.00 66.69 ? 4   GLU A CD  1 
ATOM   28  O  OE1 . GLU A 1 4  ? 9.038   -12.209 -11.191 1.00 66.80 ? 4   GLU A OE1 1 
ATOM   29  O  OE2 . GLU A 1 4  ? 8.309   -12.086 -13.254 1.00 68.33 ? 4   GLU A OE2 1 
ATOM   30  N  N   . GLN A 1 5  ? 3.082   -12.346 -9.033  1.00 56.74 ? 5   GLN A N   1 
ATOM   31  C  CA  . GLN A 1 5  ? 2.055   -13.347 -8.785  1.00 53.37 ? 5   GLN A CA  1 
ATOM   32  C  C   . GLN A 1 5  ? 0.610   -12.897 -8.737  1.00 49.89 ? 5   GLN A C   1 
ATOM   33  O  O   . GLN A 1 5  ? -0.274  -13.617 -9.186  1.00 51.78 ? 5   GLN A O   1 
ATOM   34  C  CB  . GLN A 1 5  ? 2.365   -14.066 -7.488  1.00 54.70 ? 5   GLN A CB  1 
ATOM   35  C  CG  . GLN A 1 5  ? 3.576   -14.963 -7.571  1.00 59.91 ? 5   GLN A CG  1 
ATOM   36  C  CD  . GLN A 1 5  ? 3.630   -15.835 -6.342  1.00 61.44 ? 5   GLN A CD  1 
ATOM   37  O  OE1 . GLN A 1 5  ? 3.737   -15.338 -5.220  1.00 63.01 ? 5   GLN A OE1 1 
ATOM   38  N  NE2 . GLN A 1 5  ? 3.545   -17.145 -6.542  1.00 62.96 ? 5   GLN A NE2 1 
ATOM   39  N  N   . CYS A 1 6  ? 0.361   -11.725 -8.165  1.00 45.96 ? 6   CYS A N   1 
ATOM   40  C  CA  . CYS A 1 6  ? -1.005  -11.228 -8.039  1.00 39.92 ? 6   CYS A CA  1 
ATOM   41  C  C   . CYS A 1 6  ? -1.465  -10.375 -9.212  1.00 37.42 ? 6   CYS A C   1 
ATOM   42  O  O   . CYS A 1 6  ? -2.664  -10.172 -9.404  1.00 31.08 ? 6   CYS A O   1 
ATOM   43  C  CB  . CYS A 1 6  ? -1.153  -10.441 -6.733  1.00 42.62 ? 6   CYS A CB  1 
ATOM   44  S  SG  . CYS A 1 6  ? -0.761  -11.433 -5.255  1.00 40.43 ? 6   CYS A SG  1 
ATOM   45  N  N   . CYS A 1 7  ? -0.516  -9.871  -9.991  1.00 37.01 ? 7   CYS A N   1 
ATOM   46  C  CA  . CYS A 1 7  ? -0.858  -9.052  -11.144 1.00 41.45 ? 7   CYS A CA  1 
ATOM   47  C  C   . CYS A 1 7  ? -0.797  -9.875  -12.438 1.00 43.81 ? 7   CYS A C   1 
ATOM   48  O  O   . CYS A 1 7  ? -1.675  -9.767  -13.296 1.00 43.91 ? 7   CYS A O   1 
ATOM   49  C  CB  . CYS A 1 7  ? 0.082   -7.845  -11.228 1.00 39.43 ? 7   CYS A CB  1 
ATOM   50  S  SG  . CYS A 1 7  ? 0.008   -6.965  -12.820 1.00 43.38 ? 7   CYS A SG  1 
ATOM   51  N  N   . HIS A 1 8  ? 0.234   -10.706 -12.570 1.00 45.12 ? 8   HIS A N   1 
ATOM   52  C  CA  . HIS A 1 8  ? 0.390   -11.531 -13.764 1.00 46.97 ? 8   HIS A CA  1 
ATOM   53  C  C   . HIS A 1 8  ? -0.353  -12.849 -13.610 1.00 48.95 ? 8   HIS A C   1 
ATOM   54  O  O   . HIS A 1 8  ? -0.732  -13.477 -14.598 1.00 50.20 ? 8   HIS A O   1 
ATOM   55  C  CB  . HIS A 1 8  ? 1.876   -11.745 -14.041 1.00 46.28 ? 8   HIS A CB  1 
ATOM   56  C  CG  . HIS A 1 8  ? 2.603   -10.476 -14.373 1.00 47.08 ? 8   HIS A CG  1 
ATOM   57  N  ND1 . HIS A 1 8  ? 3.905   -10.236 -13.987 1.00 47.60 ? 8   HIS A ND1 1 
ATOM   58  C  CD2 . HIS A 1 8  ? 2.194   -9.363  -15.029 1.00 44.88 ? 8   HIS A CD2 1 
ATOM   59  C  CE1 . HIS A 1 8  ? 4.264   -9.027  -14.385 1.00 45.70 ? 8   HIS A CE1 1 
ATOM   60  N  NE2 . HIS A 1 8  ? 3.244   -8.476  -15.019 1.00 45.83 ? 8   HIS A NE2 1 
ATOM   61  N  N   . SER A 1 9  ? -0.566  -13.250 -12.360 1.00 48.79 ? 9   SER A N   1 
ATOM   62  C  CA  . SER A 1 9  ? -1.310  -14.462 -12.030 1.00 49.75 ? 9   SER A CA  1 
ATOM   63  C  C   . SER A 1 9  ? -2.388  -14.018 -11.044 1.00 49.35 ? 9   SER A C   1 
ATOM   64  O  O   . SER A 1 9  ? -2.429  -12.853 -10.657 1.00 49.95 ? 9   SER A O   1 
ATOM   65  C  CB  . SER A 1 9  ? -0.401  -15.511 -11.372 1.00 50.74 ? 9   SER A CB  1 
ATOM   66  O  OG  . SER A 1 9  ? 0.610   -15.959 -12.263 1.00 50.82 ? 9   SER A OG  1 
ATOM   67  N  N   . ILE A 1 10 ? -3.257  -14.932 -10.636 1.00 49.61 ? 10  ILE A N   1 
ATOM   68  C  CA  . ILE A 1 10 ? -4.314  -14.584 -9.696  1.00 49.21 ? 10  ILE A CA  1 
ATOM   69  C  C   . ILE A 1 10 ? -3.916  -14.993 -8.284  1.00 50.03 ? 10  ILE A C   1 
ATOM   70  O  O   . ILE A 1 10 ? -3.289  -16.035 -8.087  1.00 51.02 ? 10  ILE A O   1 
ATOM   71  C  CB  . ILE A 1 10 ? -5.636  -15.280 -10.073 1.00 50.44 ? 10  ILE A CB  1 
ATOM   72  C  CG1 . ILE A 1 10 ? -5.951  -15.009 -11.546 1.00 50.80 ? 10  ILE A CG1 1 
ATOM   73  C  CG2 . ILE A 1 10 ? -6.769  -14.762 -9.196  1.00 46.37 ? 10  ILE A CG2 1 
ATOM   74  C  CD1 . ILE A 1 10 ? -7.202  -15.709 -12.051 1.00 52.85 ? 10  ILE A CD1 1 
ATOM   75  N  N   . CYS A 1 11 ? -4.270  -14.165 -7.306  1.00 47.74 ? 11  CYS A N   1 
ATOM   76  C  CA  . CYS A 1 11 ? -3.945  -14.444 -5.912  1.00 47.35 ? 11  CYS A CA  1 
ATOM   77  C  C   . CYS A 1 11 ? -5.186  -14.609 -5.061  1.00 48.50 ? 11  CYS A C   1 
ATOM   78  O  O   . CYS A 1 11 ? -6.104  -13.789 -5.114  1.00 50.00 ? 11  CYS A O   1 
ATOM   79  C  CB  . CYS A 1 11 ? -3.109  -13.314 -5.314  1.00 46.26 ? 11  CYS A CB  1 
ATOM   80  S  SG  . CYS A 1 11 ? -1.357  -13.293 -5.803  1.00 48.33 ? 11  CYS A SG  1 
ATOM   81  N  N   . SER A 1 12 ? -5.213  -15.675 -4.273  1.00 46.38 ? 12  SER A N   1 
ATOM   82  C  CA  . SER A 1 12 ? -6.332  -15.910 -3.379  1.00 45.39 ? 12  SER A CA  1 
ATOM   83  C  C   . SER A 1 12 ? -6.141  -14.893 -2.264  1.00 45.19 ? 12  SER A C   1 
ATOM   84  O  O   . SER A 1 12 ? -5.068  -14.295 -2.152  1.00 44.07 ? 12  SER A O   1 
ATOM   85  C  CB  . SER A 1 12 ? -6.253  -17.321 -2.804  1.00 45.44 ? 12  SER A CB  1 
ATOM   86  O  OG  . SER A 1 12 ? -5.077  -17.469 -2.027  1.00 42.91 ? 12  SER A OG  1 
ATOM   87  N  N   . LEU A 1 13 ? -7.164  -14.686 -1.441  1.00 45.94 ? 13  LEU A N   1 
ATOM   88  C  CA  . LEU A 1 13 ? -7.037  -13.744 -0.336  1.00 46.74 ? 13  LEU A CA  1 
ATOM   89  C  C   . LEU A 1 13 ? -5.886  -14.215 0.553   1.00 47.56 ? 13  LEU A C   1 
ATOM   90  O  O   . LEU A 1 13 ? -5.206  -13.410 1.187   1.00 46.09 ? 13  LEU A O   1 
ATOM   91  C  CB  . LEU A 1 13 ? -8.333  -13.684 0.479   1.00 48.41 ? 13  LEU A CB  1 
ATOM   92  C  CG  . LEU A 1 13 ? -8.270  -12.831 1.752   1.00 49.42 ? 13  LEU A CG  1 
ATOM   93  C  CD1 . LEU A 1 13 ? -7.903  -11.407 1.389   1.00 48.38 ? 13  LEU A CD1 1 
ATOM   94  C  CD2 . LEU A 1 13 ? -9.608  -12.863 2.473   1.00 49.86 ? 13  LEU A CD2 1 
ATOM   95  N  N   . TYR A 1 14 ? -5.677  -15.528 0.583   1.00 46.94 ? 14  TYR A N   1 
ATOM   96  C  CA  . TYR A 1 14 ? -4.610  -16.125 1.382   1.00 49.33 ? 14  TYR A CA  1 
ATOM   97  C  C   . TYR A 1 14 ? -3.253  -15.633 0.887   1.00 47.31 ? 14  TYR A C   1 
ATOM   98  O  O   . TYR A 1 14 ? -2.460  -15.087 1.653   1.00 47.91 ? 14  TYR A O   1 
ATOM   99  C  CB  . TYR A 1 14 ? -4.669  -17.653 1.283   1.00 52.60 ? 14  TYR A CB  1 
ATOM   100 C  CG  . TYR A 1 14 ? -3.689  -18.369 2.188   1.00 57.42 ? 14  TYR A CG  1 
ATOM   101 C  CD1 . TYR A 1 14 ? -3.889  -18.418 3.571   1.00 58.91 ? 14  TYR A CD1 1 
ATOM   102 C  CD2 . TYR A 1 14 ? -2.548  -18.980 1.666   1.00 57.65 ? 14  TYR A CD2 1 
ATOM   103 C  CE1 . TYR A 1 14 ? -2.977  -19.056 4.412   1.00 59.63 ? 14  TYR A CE1 1 
ATOM   104 C  CE2 . TYR A 1 14 ? -1.629  -19.617 2.497   1.00 61.11 ? 14  TYR A CE2 1 
ATOM   105 C  CZ  . TYR A 1 14 ? -1.848  -19.652 3.867   1.00 61.48 ? 14  TYR A CZ  1 
ATOM   106 O  OH  . TYR A 1 14 ? -0.933  -20.275 4.685   1.00 62.57 ? 14  TYR A OH  1 
ATOM   107 N  N   . GLN A 1 15 ? -2.997  -15.829 -0.401  1.00 47.07 ? 15  GLN A N   1 
ATOM   108 C  CA  . GLN A 1 15 ? -1.740  -15.409 -1.011  1.00 45.83 ? 15  GLN A CA  1 
ATOM   109 C  C   . GLN A 1 15 ? -1.491  -13.916 -0.810  1.00 45.03 ? 15  GLN A C   1 
ATOM   110 O  O   . GLN A 1 15 ? -0.346  -13.476 -0.673  1.00 43.19 ? 15  GLN A O   1 
ATOM   111 C  CB  . GLN A 1 15 ? -1.749  -15.733 -2.509  1.00 46.30 ? 15  GLN A CB  1 
ATOM   112 C  CG  . GLN A 1 15 ? -1.805  -17.220 -2.836  1.00 50.08 ? 15  GLN A CG  1 
ATOM   113 C  CD  . GLN A 1 15 ? -0.611  -17.982 -2.287  1.00 54.67 ? 15  GLN A CD  1 
ATOM   114 O  OE1 . GLN A 1 15 ? -0.360  -17.979 -1.081  1.00 55.38 ? 15  GLN A OE1 1 
ATOM   115 N  NE2 . GLN A 1 15 ? 0.133   -18.641 -3.172  1.00 55.54 ? 15  GLN A NE2 1 
ATOM   116 N  N   . LEU A 1 16 ? -2.575  -13.145 -0.796  1.00 42.11 ? 16  LEU A N   1 
ATOM   117 C  CA  . LEU A 1 16 ? -2.504  -11.701 -0.627  1.00 41.47 ? 16  LEU A CA  1 
ATOM   118 C  C   . LEU A 1 16 ? -2.024  -11.340 0.767   1.00 39.16 ? 16  LEU A C   1 
ATOM   119 O  O   . LEU A 1 16 ? -1.287  -10.366 0.948   1.00 37.65 ? 16  LEU A O   1 
ATOM   120 C  CB  . LEU A 1 16 ? -3.886  -11.084 -0.874  1.00 42.07 ? 16  LEU A CB  1 
ATOM   121 C  CG  . LEU A 1 16 ? -4.032  -10.015 -1.958  1.00 42.45 ? 16  LEU A CG  1 
ATOM   122 C  CD1 . LEU A 1 16 ? -3.217  -10.390 -3.184  1.00 44.04 ? 16  LEU A CD1 1 
ATOM   123 C  CD2 . LEU A 1 16 ? -5.507  -9.870  -2.315  1.00 40.55 ? 16  LEU A CD2 1 
ATOM   124 N  N   . GLU A 1 17 ? -2.440  -12.135 1.748   1.00 39.46 ? 17  GLU A N   1 
ATOM   125 C  CA  . GLU A 1 17 ? -2.066  -11.903 3.137   1.00 39.58 ? 17  GLU A CA  1 
ATOM   126 C  C   . GLU A 1 17 ? -0.590  -12.156 3.408   1.00 36.06 ? 17  GLU A C   1 
ATOM   127 O  O   . GLU A 1 17 ? -0.079  -11.779 4.459   1.00 34.16 ? 17  GLU A O   1 
ATOM   128 C  CB  . GLU A 1 17 ? -2.917  -12.768 4.064   1.00 43.06 ? 17  GLU A CB  1 
ATOM   129 C  CG  . GLU A 1 17 ? -4.397  -12.450 4.009   1.00 45.78 ? 17  GLU A CG  1 
ATOM   130 C  CD  . GLU A 1 17 ? -5.201  -13.309 4.959   1.00 49.71 ? 17  GLU A CD  1 
ATOM   131 O  OE1 . GLU A 1 17 ? -5.108  -14.549 4.851   1.00 50.92 ? 17  GLU A OE1 1 
ATOM   132 O  OE2 . GLU A 1 17 ? -5.926  -12.745 5.809   1.00 50.60 ? 17  GLU A OE2 1 
ATOM   133 N  N   . ASN A 1 18 ? 0.097   -12.779 2.456   1.00 38.14 ? 18  ASN A N   1 
ATOM   134 C  CA  . ASN A 1 18 ? 1.525   -13.059 2.606   1.00 38.81 ? 18  ASN A CA  1 
ATOM   135 C  C   . ASN A 1 18 ? 2.322   -11.757 2.570   1.00 39.63 ? 18  ASN A C   1 
ATOM   136 O  O   . ASN A 1 18 ? 3.514   -11.732 2.884   1.00 36.78 ? 18  ASN A O   1 
ATOM   137 C  CB  . ASN A 1 18 ? 2.017   -13.978 1.478   1.00 41.05 ? 18  ASN A CB  1 
ATOM   138 C  CG  . ASN A 1 18 ? 1.540   -15.416 1.632   1.00 44.20 ? 18  ASN A CG  1 
ATOM   139 O  OD1 . ASN A 1 18 ? 1.597   -16.202 0.685   1.00 46.21 ? 18  ASN A OD1 1 
ATOM   140 N  ND2 . ASN A 1 18 ? 1.076   -15.767 2.824   1.00 44.58 ? 18  ASN A ND2 1 
ATOM   141 N  N   . TYR A 1 19 ? 1.658   -10.673 2.188   1.00 37.31 ? 19  TYR A N   1 
ATOM   142 C  CA  . TYR A 1 19 ? 2.325   -9.385  2.092   1.00 36.67 ? 19  TYR A CA  1 
ATOM   143 C  C   . TYR A 1 19 ? 1.907   -8.401  3.179   1.00 39.51 ? 19  TYR A C   1 
ATOM   144 O  O   . TYR A 1 19 ? 2.233   -7.210  3.109   1.00 36.45 ? 19  TYR A O   1 
ATOM   145 C  CB  . TYR A 1 19 ? 2.089   -8.802  0.704   1.00 37.72 ? 19  TYR A CB  1 
ATOM   146 C  CG  . TYR A 1 19 ? 2.534   -9.743  -0.395  1.00 37.82 ? 19  TYR A CG  1 
ATOM   147 C  CD1 . TYR A 1 19 ? 3.891   -9.922  -0.687  1.00 38.81 ? 19  TYR A CD1 1 
ATOM   148 C  CD2 . TYR A 1 19 ? 1.603   -10.488 -1.113  1.00 37.16 ? 19  TYR A CD2 1 
ATOM   149 C  CE1 . TYR A 1 19 ? 4.303   -10.823 -1.674  1.00 36.41 ? 19  TYR A CE1 1 
ATOM   150 C  CE2 . TYR A 1 19 ? 2.001   -11.390 -2.095  1.00 39.05 ? 19  TYR A CE2 1 
ATOM   151 C  CZ  . TYR A 1 19 ? 3.350   -11.553 -2.374  1.00 38.76 ? 19  TYR A CZ  1 
ATOM   152 O  OH  . TYR A 1 19 ? 3.730   -12.424 -3.370  1.00 38.29 ? 19  TYR A OH  1 
ATOM   153 N  N   . CYS A 1 20 ? 1.185   -8.901  4.182   1.00 36.77 ? 20  CYS A N   1 
ATOM   154 C  CA  . CYS A 1 20 ? 0.771   -8.072  5.316   1.00 39.17 ? 20  CYS A CA  1 
ATOM   155 C  C   . CYS A 1 20 ? 1.911   -8.164  6.324   1.00 39.58 ? 20  CYS A C   1 
ATOM   156 O  O   . CYS A 1 20 ? 2.602   -9.180  6.367   1.00 40.73 ? 20  CYS A O   1 
ATOM   157 C  CB  . CYS A 1 20 ? -0.498  -8.617  5.977   1.00 35.57 ? 20  CYS A CB  1 
ATOM   158 S  SG  . CYS A 1 20 ? -1.993  -8.630  4.952   1.00 35.94 ? 20  CYS A SG  1 
ATOM   159 N  N   . ASN A 1 21 ? 2.102   -7.129  7.136   1.00 40.56 ? 21  ASN A N   1 
ATOM   160 C  CA  . ASN A 1 21 ? 3.174   -7.146  8.133   1.00 44.83 ? 21  ASN A CA  1 
ATOM   161 C  C   . ASN A 1 21 ? 2.867   -8.144  9.244   1.00 47.29 ? 21  ASN A C   1 
ATOM   162 O  O   . ASN A 1 21 ? 1.766   -8.736  9.219   1.00 49.26 ? 21  ASN A O   1 
ATOM   163 C  CB  . ASN A 1 21 ? 3.374   -5.763  8.760   1.00 44.70 ? 21  ASN A CB  1 
ATOM   164 C  CG  . ASN A 1 21 ? 3.923   -4.747  7.781   1.00 45.93 ? 21  ASN A CG  1 
ATOM   165 O  OD1 . ASN A 1 21 ? 4.925   -4.991  7.115   1.00 46.40 ? 21  ASN A OD1 1 
ATOM   166 N  ND2 . ASN A 1 21 ? 3.272   -3.594  7.699   1.00 43.78 ? 21  ASN A ND2 1 
ATOM   167 O  OXT . ASN A 1 21 ? 3.732   -8.312  10.130  1.00 50.29 ? 21  ASN A OXT 1 
ATOM   168 N  N   . PHE B 2 1  ? -13.357 -13.304 -1.799  1.00 46.47 ? 1   PHE B N   1 
ATOM   169 C  CA  . PHE B 2 1  ? -12.594 -12.158 -2.376  1.00 45.51 ? 1   PHE B CA  1 
ATOM   170 C  C   . PHE B 2 1  ? -12.664 -12.230 -3.898  1.00 45.94 ? 1   PHE B C   1 
ATOM   171 O  O   . PHE B 2 1  ? -12.958 -13.281 -4.464  1.00 45.48 ? 1   PHE B O   1 
ATOM   172 C  CB  . PHE B 2 1  ? -11.130 -12.224 -1.934  1.00 45.04 ? 1   PHE B CB  1 
ATOM   173 C  CG  . PHE B 2 1  ? -10.417 -10.901 -1.989  1.00 41.29 ? 1   PHE B CG  1 
ATOM   174 C  CD1 . PHE B 2 1  ? -10.612 -9.952  -0.989  1.00 41.43 ? 1   PHE B CD1 1 
ATOM   175 C  CD2 . PHE B 2 1  ? -9.561  -10.599 -3.041  1.00 41.43 ? 1   PHE B CD2 1 
ATOM   176 C  CE1 . PHE B 2 1  ? -9.963  -8.716  -1.031  1.00 40.29 ? 1   PHE B CE1 1 
ATOM   177 C  CE2 . PHE B 2 1  ? -8.905  -9.367  -3.098  1.00 42.33 ? 1   PHE B CE2 1 
ATOM   178 C  CZ  . PHE B 2 1  ? -9.107  -8.423  -2.089  1.00 42.16 ? 1   PHE B CZ  1 
ATOM   179 N  N   . VAL B 2 2  ? -12.390 -11.109 -4.556  1.00 48.16 ? 2   VAL B N   1 
ATOM   180 C  CA  . VAL B 2 2  ? -12.416 -11.049 -6.011  1.00 51.24 ? 2   VAL B CA  1 
ATOM   181 C  C   . VAL B 2 2  ? -11.459 -12.089 -6.591  1.00 53.78 ? 2   VAL B C   1 
ATOM   182 O  O   . VAL B 2 2  ? -10.496 -12.499 -5.943  1.00 55.54 ? 2   VAL B O   1 
ATOM   183 C  CB  . VAL B 2 2  ? -12.010 -9.637  -6.514  1.00 53.09 ? 2   VAL B CB  1 
ATOM   184 C  CG1 . VAL B 2 2  ? -10.563 -9.349  -6.146  1.00 50.25 ? 2   VAL B CG1 1 
ATOM   185 C  CG2 . VAL B 2 2  ? -12.220 -9.529  -8.015  1.00 54.43 ? 2   VAL B CG2 1 
ATOM   186 N  N   . ASN B 2 3  ? -11.732 -12.511 -7.817  1.00 55.49 ? 3   ASN B N   1 
ATOM   187 C  CA  . ASN B 2 3  ? -10.909 -13.503 -8.490  1.00 56.64 ? 3   ASN B CA  1 
ATOM   188 C  C   . ASN B 2 3  ? -10.367 -12.953 -9.805  1.00 55.84 ? 3   ASN B C   1 
ATOM   189 O  O   . ASN B 2 3  ? -10.649 -13.499 -10.866 1.00 55.54 ? 3   ASN B O   1 
ATOM   190 C  CB  . ASN B 2 3  ? -11.739 -14.761 -8.762  1.00 58.96 ? 3   ASN B CB  1 
ATOM   191 C  CG  . ASN B 2 3  ? -13.207 -14.443 -9.029  1.00 61.80 ? 3   ASN B CG  1 
ATOM   192 O  OD1 . ASN B 2 3  ? -13.533 -13.476 -9.725  1.00 62.12 ? 3   ASN B OD1 1 
ATOM   193 N  ND2 . ASN B 2 3  ? -14.098 -15.262 -8.479  1.00 62.35 ? 3   ASN B ND2 1 
ATOM   194 N  N   . GLN B 2 4  ? -9.593  -11.873 -9.735  1.00 55.51 ? 4   GLN B N   1 
ATOM   195 C  CA  . GLN B 2 4  ? -9.031  -11.280 -10.942 1.00 54.13 ? 4   GLN B CA  1 
ATOM   196 C  C   . GLN B 2 4  ? -7.631  -10.712 -10.717 1.00 53.43 ? 4   GLN B C   1 
ATOM   197 O  O   . GLN B 2 4  ? -7.194  -10.532 -9.577  1.00 52.81 ? 4   GLN B O   1 
ATOM   198 C  CB  . GLN B 2 4  ? -9.954  -10.177 -11.467 1.00 56.71 ? 4   GLN B CB  1 
ATOM   199 C  CG  . GLN B 2 4  ? -11.421 -10.584 -11.554 1.00 61.58 ? 4   GLN B CG  1 
ATOM   200 C  CD  . GLN B 2 4  ? -12.113 -10.051 -12.797 1.00 64.13 ? 4   GLN B CD  1 
ATOM   201 O  OE1 . GLN B 2 4  ? -12.012 -8.868  -13.123 1.00 66.28 ? 4   GLN B OE1 1 
ATOM   202 N  NE2 . GLN B 2 4  ? -12.829 -10.928 -13.496 1.00 64.17 ? 4   GLN B NE2 1 
ATOM   203 N  N   . HIS B 2 5  ? -6.930  -10.440 -11.814 1.00 49.11 ? 5   HIS B N   1 
ATOM   204 C  CA  . HIS B 2 5  ? -5.583  -9.889  -11.742 1.00 46.31 ? 5   HIS B CA  1 
ATOM   205 C  C   . HIS B 2 5  ? -5.629  -8.526  -11.057 1.00 44.74 ? 5   HIS B C   1 
ATOM   206 O  O   . HIS B 2 5  ? -6.507  -7.709  -11.345 1.00 45.30 ? 5   HIS B O   1 
ATOM   207 C  CB  . HIS B 2 5  ? -4.994  -9.732  -13.148 1.00 47.08 ? 5   HIS B CB  1 
ATOM   208 C  CG  . HIS B 2 5  ? -4.818  -11.026 -13.884 1.00 51.02 ? 5   HIS B CG  1 
ATOM   209 N  ND1 . HIS B 2 5  ? -3.990  -12.034 -13.433 1.00 50.14 ? 5   HIS B ND1 1 
ATOM   210 C  CD2 . HIS B 2 5  ? -5.352  -11.470 -15.046 1.00 48.33 ? 5   HIS B CD2 1 
ATOM   211 C  CE1 . HIS B 2 5  ? -4.023  -13.043 -14.286 1.00 48.83 ? 5   HIS B CE1 1 
ATOM   212 N  NE2 . HIS B 2 5  ? -4.841  -12.726 -15.274 1.00 49.53 ? 5   HIS B NE2 1 
ATOM   213 N  N   . LEU B 2 6  ? -4.687  -8.291  -10.149 1.00 39.87 ? 6   LEU B N   1 
ATOM   214 C  CA  . LEU B 2 6  ? -4.606  -7.021  -9.431  1.00 37.66 ? 6   LEU B CA  1 
ATOM   215 C  C   . LEU B 2 6  ? -3.254  -6.386  -9.752  1.00 34.27 ? 6   LEU B C   1 
ATOM   216 O  O   . LEU B 2 6  ? -2.205  -6.944  -9.432  1.00 32.96 ? 6   LEU B O   1 
ATOM   217 C  CB  . LEU B 2 6  ? -4.758  -7.254  -7.921  1.00 35.43 ? 6   LEU B CB  1 
ATOM   218 C  CG  . LEU B 2 6  ? -6.156  -7.699  -7.467  1.00 37.92 ? 6   LEU B CG  1 
ATOM   219 C  CD1 . LEU B 2 6  ? -6.137  -8.074  -5.988  1.00 35.75 ? 6   LEU B CD1 1 
ATOM   220 C  CD2 . LEU B 2 6  ? -7.154  -6.572  -7.725  1.00 37.09 ? 6   LEU B CD2 1 
ATOM   221 N  N   . CYS B 2 7  ? -3.287  -5.219  -10.383 1.00 31.51 ? 7   CYS B N   1 
ATOM   222 C  CA  . CYS B 2 7  ? -2.062  -4.544  -10.785 1.00 34.03 ? 7   CYS B CA  1 
ATOM   223 C  C   . CYS B 2 7  ? -2.019  -3.073  -10.416 1.00 31.35 ? 7   CYS B C   1 
ATOM   224 O  O   . CYS B 2 7  ? -3.039  -2.472  -10.091 1.00 29.73 ? 7   CYS B O   1 
ATOM   225 C  CB  . CYS B 2 7  ? -1.895  -4.658  -12.295 1.00 37.39 ? 7   CYS B CB  1 
ATOM   226 S  SG  . CYS B 2 7  ? -1.923  -6.351  -12.967 1.00 40.34 ? 7   CYS B SG  1 
ATOM   227 N  N   . GLY B 2 8  ? -0.820  -2.500  -10.498 1.00 33.28 ? 8   GLY B N   1 
ATOM   228 C  CA  . GLY B 2 8  ? -0.634  -1.094  -10.200 1.00 31.45 ? 8   GLY B CA  1 
ATOM   229 C  C   . GLY B 2 8  ? -1.195  -0.692  -8.855  1.00 31.00 ? 8   GLY B C   1 
ATOM   230 O  O   . GLY B 2 8  ? -0.961  -1.356  -7.841  1.00 30.23 ? 8   GLY B O   1 
ATOM   231 N  N   . SER B 2 9  ? -1.947  0.400   -8.842  1.00 28.33 ? 9   SER B N   1 
ATOM   232 C  CA  . SER B 2 9  ? -2.534  0.876   -7.607  1.00 29.35 ? 9   SER B CA  1 
ATOM   233 C  C   . SER B 2 9  ? -3.685  0.008   -7.093  1.00 28.75 ? 9   SER B C   1 
ATOM   234 O  O   . SER B 2 9  ? -4.049  0.110   -5.925  1.00 30.19 ? 9   SER B O   1 
ATOM   235 C  CB  . SER B 2 9  ? -2.998  2.321   -7.774  1.00 30.13 ? 9   SER B CB  1 
ATOM   236 O  OG  . SER B 2 9  ? -3.867  2.463   -8.887  1.00 34.74 ? 9   SER B OG  1 
ATOM   237 N  N   . HIS B 2 10 ? -4.264  -0.836  -7.945  1.00 29.48 ? 10  HIS B N   1 
ATOM   238 C  CA  . HIS B 2 10 ? -5.369  -1.692  -7.493  1.00 29.66 ? 10  HIS B CA  1 
ATOM   239 C  C   . HIS B 2 10 ? -4.843  -2.773  -6.578  1.00 27.31 ? 10  HIS B C   1 
ATOM   240 O  O   . HIS B 2 10 ? -5.540  -3.216  -5.677  1.00 25.37 ? 10  HIS B O   1 
ATOM   241 C  CB  . HIS B 2 10 ? -6.098  -2.332  -8.677  1.00 29.08 ? 10  HIS B CB  1 
ATOM   242 C  CG  . HIS B 2 10 ? -6.678  -1.331  -9.622  1.00 35.20 ? 10  HIS B CG  1 
ATOM   243 N  ND1 . HIS B 2 10 ? -7.486  -0.295  -9.200  1.00 36.83 ? 10  HIS B ND1 1 
ATOM   244 C  CD2 . HIS B 2 10 ? -6.538  -1.182  -10.961 1.00 32.62 ? 10  HIS B CD2 1 
ATOM   245 C  CE1 . HIS B 2 10 ? -7.816  0.451   -10.238 1.00 37.60 ? 10  HIS B CE1 1 
ATOM   246 N  NE2 . HIS B 2 10 ? -7.256  -0.067  -11.320 1.00 34.54 ? 10  HIS B NE2 1 
ATOM   247 N  N   . LEU B 2 11 ? -3.602  -3.196  -6.799  1.00 26.49 ? 11  LEU B N   1 
ATOM   248 C  CA  . LEU B 2 11 ? -2.994  -4.206  -5.940  1.00 28.25 ? 11  LEU B CA  1 
ATOM   249 C  C   . LEU B 2 11 ? -2.684  -3.561  -4.588  1.00 25.77 ? 11  LEU B C   1 
ATOM   250 O  O   . LEU B 2 11 ? -2.851  -4.178  -3.541  1.00 22.88 ? 11  LEU B O   1 
ATOM   251 C  CB  . LEU B 2 11 ? -1.707  -4.748  -6.565  1.00 27.94 ? 11  LEU B CB  1 
ATOM   252 C  CG  . LEU B 2 11 ? -0.889  -5.702  -5.688  1.00 28.64 ? 11  LEU B CG  1 
ATOM   253 C  CD1 . LEU B 2 11 ? -1.763  -6.830  -5.168  1.00 28.33 ? 11  LEU B CD1 1 
ATOM   254 C  CD2 . LEU B 2 11 ? 0.274   -6.251  -6.504  1.00 26.80 ? 11  LEU B CD2 1 
ATOM   255 N  N   . VAL B 2 12 ? -2.233  -2.310  -4.617  1.00 23.44 ? 12  VAL B N   1 
ATOM   256 C  CA  . VAL B 2 12 ? -1.928  -1.580  -3.391  1.00 22.29 ? 12  VAL B CA  1 
ATOM   257 C  C   . VAL B 2 12 ? -3.185  -1.369  -2.551  1.00 25.00 ? 12  VAL B C   1 
ATOM   258 O  O   . VAL B 2 12 ? -3.161  -1.532  -1.328  1.00 24.32 ? 12  VAL B O   1 
ATOM   259 C  CB  . VAL B 2 12 ? -1.279  -0.207  -3.714  1.00 22.69 ? 12  VAL B CB  1 
ATOM   260 C  CG1 . VAL B 2 12 ? -1.136  0.628   -2.460  1.00 25.28 ? 12  VAL B CG1 1 
ATOM   261 C  CG2 . VAL B 2 12 ? 0.099   -0.431  -4.326  1.00 25.01 ? 12  VAL B CG2 1 
ATOM   262 N  N   . GLU B 2 13 ? -4.293  -1.002  -3.192  1.00 26.72 ? 13  GLU B N   1 
ATOM   263 C  CA  . GLU B 2 13 ? -5.524  -0.784  -2.437  1.00 23.61 ? 13  GLU B CA  1 
ATOM   264 C  C   . GLU B 2 13 ? -6.002  -2.122  -1.881  1.00 24.36 ? 13  GLU B C   1 
ATOM   265 O  O   . GLU B 2 13 ? -6.517  -2.182  -0.776  1.00 22.13 ? 13  GLU B O   1 
ATOM   266 C  CB  . GLU B 2 13 ? -6.606  -0.156  -3.326  1.00 31.50 ? 13  GLU B CB  1 
ATOM   267 C  CG  . GLU B 2 13 ? -7.856  0.295   -2.564  1.00 39.05 ? 13  GLU B CG  1 
ATOM   268 C  CD  . GLU B 2 13 ? -7.563  1.364   -1.513  1.00 44.29 ? 13  GLU B CD  1 
ATOM   269 O  OE1 . GLU B 2 13 ? -6.939  2.390   -1.856  1.00 48.37 ? 13  GLU B OE1 1 
ATOM   270 O  OE2 . GLU B 2 13 ? -7.963  1.182   -0.343  1.00 46.72 ? 13  GLU B OE2 1 
ATOM   271 N  N   . ALA B 2 14 ? -5.831  -3.200  -2.639  1.00 22.24 ? 14  ALA B N   1 
ATOM   272 C  CA  . ALA B 2 14 ? -6.253  -4.515  -2.154  1.00 26.41 ? 14  ALA B CA  1 
ATOM   273 C  C   . ALA B 2 14 ? -5.490  -4.865  -0.873  1.00 26.05 ? 14  ALA B C   1 
ATOM   274 O  O   . ALA B 2 14 ? -6.082  -5.313  0.104   1.00 27.54 ? 14  ALA B O   1 
ATOM   275 C  CB  . ALA B 2 14 ? -6.002  -5.569  -3.218  1.00 24.53 ? 14  ALA B CB  1 
ATOM   276 N  N   . LEU B 2 15 ? -4.177  -4.640  -0.877  1.00 24.80 ? 15  LEU B N   1 
ATOM   277 C  CA  . LEU B 2 15 ? -3.349  -4.935  0.291   1.00 24.91 ? 15  LEU B CA  1 
ATOM   278 C  C   . LEU B 2 15 ? -3.787  -4.098  1.484   1.00 26.72 ? 15  LEU B C   1 
ATOM   279 O  O   . LEU B 2 15 ? -3.865  -4.597  2.614   1.00 23.86 ? 15  LEU B O   1 
ATOM   280 C  CB  . LEU B 2 15 ? -1.873  -4.660  -0.009  1.00 23.87 ? 15  LEU B CB  1 
ATOM   281 C  CG  . LEU B 2 15 ? -1.224  -5.578  -1.054  1.00 28.04 ? 15  LEU B CG  1 
ATOM   282 C  CD1 . LEU B 2 15 ? 0.233   -5.225  -1.189  1.00 27.59 ? 15  LEU B CD1 1 
ATOM   283 C  CD2 . LEU B 2 15 ? -1.362  -7.034  -0.637  1.00 32.19 ? 15  LEU B CD2 1 
ATOM   284 N  N   . TYR B 2 16 ? -4.062  -2.822  1.220   1.00 22.94 ? 16  TYR B N   1 
ATOM   285 C  CA  . TYR B 2 16 ? -4.505  -1.876  2.246   1.00 26.05 ? 16  TYR B CA  1 
ATOM   286 C  C   . TYR B 2 16 ? -5.766  -2.423  2.910   1.00 25.64 ? 16  TYR B C   1 
ATOM   287 O  O   . TYR B 2 16 ? -5.886  -2.422  4.131   1.00 30.46 ? 16  TYR B O   1 
ATOM   288 C  CB  . TYR B 2 16 ? -4.805  -0.507  1.605   1.00 25.66 ? 16  TYR B CB  1 
ATOM   289 C  CG  . TYR B 2 16 ? -5.176  0.584   2.594   1.00 25.50 ? 16  TYR B CG  1 
ATOM   290 C  CD1 . TYR B 2 16 ? -4.206  1.195   3.391   1.00 20.10 ? 16  TYR B CD1 1 
ATOM   291 C  CD2 . TYR B 2 16 ? -6.502  0.973   2.758   1.00 21.78 ? 16  TYR B CD2 1 
ATOM   292 C  CE1 . TYR B 2 16 ? -4.555  2.175   4.341   1.00 26.36 ? 16  TYR B CE1 1 
ATOM   293 C  CE2 . TYR B 2 16 ? -6.864  1.940   3.704   1.00 23.98 ? 16  TYR B CE2 1 
ATOM   294 C  CZ  . TYR B 2 16 ? -5.894  2.532   4.490   1.00 27.04 ? 16  TYR B CZ  1 
ATOM   295 O  OH  . TYR B 2 16 ? -6.275  3.452   5.445   1.00 28.41 ? 16  TYR B OH  1 
ATOM   296 N  N   . LEU B 2 17 ? -6.698  -2.894  2.089   1.00 27.75 ? 17  LEU B N   1 
ATOM   297 C  CA  . LEU B 2 17 ? -7.959  -3.460  2.567   1.00 29.05 ? 17  LEU B CA  1 
ATOM   298 C  C   . LEU B 2 17 ? -7.743  -4.780  3.310   1.00 29.84 ? 17  LEU B C   1 
ATOM   299 O  O   . LEU B 2 17 ? -8.100  -4.918  4.483   1.00 30.98 ? 17  LEU B O   1 
ATOM   300 C  CB  . LEU B 2 17 ? -8.903  -3.712  1.383   1.00 27.52 ? 17  LEU B CB  1 
ATOM   301 C  CG  . LEU B 2 17 ? -10.164 -4.531  1.717   1.00 35.74 ? 17  LEU B CG  1 
ATOM   302 C  CD1 . LEU B 2 17 ? -10.990 -3.776  2.759   1.00 34.36 ? 17  LEU B CD1 1 
ATOM   303 C  CD2 . LEU B 2 17 ? -10.996 -4.788  0.449   1.00 33.34 ? 17  LEU B CD2 1 
ATOM   304 N  N   . VAL B 2 18 ? -7.172  -5.751  2.606   1.00 29.73 ? 18  VAL B N   1 
ATOM   305 C  CA  . VAL B 2 18 ? -6.912  -7.074  3.169   1.00 31.24 ? 18  VAL B CA  1 
ATOM   306 C  C   . VAL B 2 18 ? -6.095  -7.077  4.452   1.00 33.09 ? 18  VAL B C   1 
ATOM   307 O  O   . VAL B 2 18 ? -6.391  -7.837  5.378   1.00 33.38 ? 18  VAL B O   1 
ATOM   308 C  CB  . VAL B 2 18 ? -6.166  -7.980  2.162   1.00 30.78 ? 18  VAL B CB  1 
ATOM   309 C  CG1 . VAL B 2 18 ? -5.731  -9.284  2.851   1.00 34.56 ? 18  VAL B CG1 1 
ATOM   310 C  CG2 . VAL B 2 18 ? -7.064  -8.294  0.980   1.00 32.18 ? 18  VAL B CG2 1 
ATOM   311 N  N   . CYS B 2 19 ? -5.077  -6.228  4.518   1.00 31.07 ? 19  CYS B N   1 
ATOM   312 C  CA  . CYS B 2 19 ? -4.205  -6.215  5.681   1.00 33.18 ? 19  CYS B CA  1 
ATOM   313 C  C   . CYS B 2 19 ? -4.679  -5.479  6.926   1.00 37.46 ? 19  CYS B C   1 
ATOM   314 O  O   . CYS B 2 19 ? -4.210  -5.772  8.022   1.00 38.66 ? 19  CYS B O   1 
ATOM   315 C  CB  . CYS B 2 19 ? -2.823  -5.714  5.276   1.00 28.71 ? 19  CYS B CB  1 
ATOM   316 S  SG  . CYS B 2 19 ? -1.978  -6.799  4.081   1.00 30.40 ? 19  CYS B SG  1 
ATOM   317 N  N   . GLY B 2 20 ? -5.593  -4.527  6.765   1.00 38.14 ? 20  GLY B N   1 
ATOM   318 C  CA  . GLY B 2 20 ? -6.101  -3.791  7.907   1.00 38.53 ? 20  GLY B CA  1 
ATOM   319 C  C   . GLY B 2 20 ? -5.011  -3.170  8.762   1.00 42.89 ? 20  GLY B C   1 
ATOM   320 O  O   . GLY B 2 20 ? -4.033  -2.628  8.242   1.00 43.27 ? 20  GLY B O   1 
ATOM   321 N  N   . GLU B 2 21 ? -5.180  -3.250  10.078  1.00 43.14 ? 21  GLU B N   1 
ATOM   322 C  CA  . GLU B 2 21 ? -4.215  -2.692  11.016  1.00 46.82 ? 21  GLU B CA  1 
ATOM   323 C  C   . GLU B 2 21 ? -2.810  -3.250  10.817  1.00 46.92 ? 21  GLU B C   1 
ATOM   324 O  O   . GLU B 2 21 ? -1.821  -2.563  11.078  1.00 48.90 ? 21  GLU B O   1 
ATOM   325 C  CB  . GLU B 2 21 ? -4.658  -2.967  12.459  1.00 51.26 ? 21  GLU B CB  1 
ATOM   326 C  CG  . GLU B 2 21 ? -5.910  -2.215  12.896  1.00 56.24 ? 21  GLU B CG  1 
ATOM   327 C  CD  . GLU B 2 21 ? -6.286  -2.487  14.347  1.00 57.73 ? 21  GLU B CD  1 
ATOM   328 O  OE1 . GLU B 2 21 ? -5.501  -2.124  15.252  1.00 57.10 ? 21  GLU B OE1 1 
ATOM   329 O  OE2 . GLU B 2 21 ? -7.367  -3.066  14.579  1.00 57.98 ? 21  GLU B OE2 1 
ATOM   330 N  N   . ARG B 2 22 ? -2.722  -4.496  10.364  1.00 45.42 ? 22  ARG B N   1 
ATOM   331 C  CA  . ARG B 2 22 ? -1.430  -5.141  10.155  1.00 44.64 ? 22  ARG B CA  1 
ATOM   332 C  C   . ARG B 2 22 ? -0.496  -4.322  9.287   1.00 43.15 ? 22  ARG B C   1 
ATOM   333 O  O   . ARG B 2 22 ? 0.722   -4.384  9.442   1.00 42.84 ? 22  ARG B O   1 
ATOM   334 C  CB  . ARG B 2 22 ? -1.616  -6.519  9.515   1.00 44.84 ? 22  ARG B CB  1 
ATOM   335 C  CG  . ARG B 2 22 ? -2.232  -7.551  10.432  1.00 46.68 ? 22  ARG B CG  1 
ATOM   336 C  CD  . ARG B 2 22 ? -2.209  -8.927  9.789   1.00 51.20 ? 22  ARG B CD  1 
ATOM   337 N  NE  . ARG B 2 22 ? -3.242  -9.075  8.767   1.00 53.60 ? 22  ARG B NE  1 
ATOM   338 C  CZ  . ARG B 2 22 ? -3.380  -10.149 7.995   1.00 56.56 ? 22  ARG B CZ  1 
ATOM   339 N  NH1 . ARG B 2 22 ? -2.547  -11.173 8.127   1.00 58.72 ? 22  ARG B NH1 1 
ATOM   340 N  NH2 . ARG B 2 22 ? -4.359  -10.205 7.100   1.00 57.40 ? 22  ARG B NH2 1 
ATOM   341 N  N   . GLY B 2 23 ? -1.059  -3.542  8.375   1.00 39.94 ? 23  GLY B N   1 
ATOM   342 C  CA  . GLY B 2 23 ? -0.212  -2.768  7.492   1.00 35.93 ? 23  GLY B CA  1 
ATOM   343 C  C   . GLY B 2 23 ? 0.378   -3.760  6.509   1.00 35.53 ? 23  GLY B C   1 
ATOM   344 O  O   . GLY B 2 23 ? 0.131   -4.960  6.624   1.00 32.60 ? 23  GLY B O   1 
ATOM   345 N  N   . PHE B 2 24 ? 1.158   -3.281  5.548   1.00 35.21 ? 24  PHE B N   1 
ATOM   346 C  CA  . PHE B 2 24 ? 1.747   -4.172  4.558   1.00 32.01 ? 24  PHE B CA  1 
ATOM   347 C  C   . PHE B 2 24 ? 3.015   -3.587  3.976   1.00 30.96 ? 24  PHE B C   1 
ATOM   348 O  O   . PHE B 2 24 ? 3.386   -2.445  4.253   1.00 32.66 ? 24  PHE B O   1 
ATOM   349 C  CB  . PHE B 2 24 ? 0.768   -4.416  3.404   1.00 30.86 ? 24  PHE B CB  1 
ATOM   350 C  CG  . PHE B 2 24 ? 0.437   -3.168  2.628   1.00 28.97 ? 24  PHE B CG  1 
ATOM   351 C  CD1 . PHE B 2 24 ? -0.576  -2.313  3.060   1.00 28.55 ? 24  PHE B CD1 1 
ATOM   352 C  CD2 . PHE B 2 24 ? 1.164   -2.823  1.494   1.00 27.78 ? 24  PHE B CD2 1 
ATOM   353 C  CE1 . PHE B 2 24 ? -0.858  -1.136  2.376   1.00 28.47 ? 24  PHE B CE1 1 
ATOM   354 C  CE2 . PHE B 2 24 ? 0.886   -1.643  0.802   1.00 27.72 ? 24  PHE B CE2 1 
ATOM   355 C  CZ  . PHE B 2 24 ? -0.125  -0.800  1.246   1.00 27.03 ? 24  PHE B CZ  1 
ATOM   356 N  N   . PHE B 2 25 ? 3.670   -4.391  3.151   1.00 30.78 ? 25  PHE B N   1 
ATOM   357 C  CA  . PHE B 2 25 ? 4.887   -3.981  2.481   1.00 33.08 ? 25  PHE B CA  1 
ATOM   358 C  C   . PHE B 2 25 ? 4.683   -4.218  1.003   1.00 31.79 ? 25  PHE B C   1 
ATOM   359 O  O   . PHE B 2 25 ? 4.220   -5.285  0.587   1.00 30.42 ? 25  PHE B O   1 
ATOM   360 C  CB  . PHE B 2 25 ? 6.094   -4.783  2.976   1.00 33.89 ? 25  PHE B CB  1 
ATOM   361 C  CG  . PHE B 2 25 ? 5.902   -6.268  2.909   1.00 33.47 ? 25  PHE B CG  1 
ATOM   362 C  CD1 . PHE B 2 25 ? 5.230   -6.938  3.927   1.00 34.95 ? 25  PHE B CD1 1 
ATOM   363 C  CD2 . PHE B 2 25 ? 6.401   -6.996  1.835   1.00 33.18 ? 25  PHE B CD2 1 
ATOM   364 C  CE1 . PHE B 2 25 ? 5.057   -8.323  3.882   1.00 36.84 ? 25  PHE B CE1 1 
ATOM   365 C  CE2 . PHE B 2 25 ? 6.238   -8.378  1.775   1.00 36.07 ? 25  PHE B CE2 1 
ATOM   366 C  CZ  . PHE B 2 25 ? 5.565   -9.043  2.803   1.00 36.47 ? 25  PHE B CZ  1 
ATOM   367 N  N   . TYR B 2 26 ? 5.013   -3.204  0.216   1.00 30.90 ? 26  TYR B N   1 
ATOM   368 C  CA  . TYR B 2 26 ? 4.874   -3.262  -1.226  1.00 29.51 ? 26  TYR B CA  1 
ATOM   369 C  C   . TYR B 2 26 ? 6.249   -3.029  -1.840  1.00 31.26 ? 26  TYR B C   1 
ATOM   370 O  O   . TYR B 2 26 ? 6.825   -1.953  -1.699  1.00 30.21 ? 26  TYR B O   1 
ATOM   371 C  CB  . TYR B 2 26 ? 3.903   -2.178  -1.697  1.00 26.85 ? 26  TYR B CB  1 
ATOM   372 C  CG  . TYR B 2 26 ? 3.755   -2.094  -3.194  1.00 30.49 ? 26  TYR B CG  1 
ATOM   373 C  CD1 . TYR B 2 26 ? 2.973   -3.016  -3.891  1.00 28.48 ? 26  TYR B CD1 1 
ATOM   374 C  CD2 . TYR B 2 26 ? 4.411   -1.099  -3.922  1.00 28.61 ? 26  TYR B CD2 1 
ATOM   375 C  CE1 . TYR B 2 26 ? 2.849   -2.945  -5.267  1.00 29.86 ? 26  TYR B CE1 1 
ATOM   376 C  CE2 . TYR B 2 26 ? 4.296   -1.023  -5.293  1.00 31.11 ? 26  TYR B CE2 1 
ATOM   377 C  CZ  . TYR B 2 26 ? 3.516   -1.946  -5.962  1.00 32.89 ? 26  TYR B CZ  1 
ATOM   378 O  OH  . TYR B 2 26 ? 3.410   -1.876  -7.327  1.00 32.94 ? 26  TYR B OH  1 
ATOM   379 N  N   . THR B 2 27 ? 6.770   -4.049  -2.502  1.00 33.35 ? 27  THR B N   1 
ATOM   380 C  CA  . THR B 2 27 ? 8.073   -3.969  -3.138  1.00 43.43 ? 27  THR B CA  1 
ATOM   381 C  C   . THR B 2 27 ? 7.964   -4.658  -4.497  1.00 46.41 ? 27  THR B C   1 
ATOM   382 O  O   . THR B 2 27 ? 8.263   -5.845  -4.631  1.00 48.50 ? 27  THR B O   1 
ATOM   383 C  CB  . THR B 2 27 ? 9.137   -4.649  -2.261  1.00 45.38 ? 27  THR B CB  1 
ATOM   384 O  OG1 . THR B 2 27 ? 8.738   -5.997  -1.978  1.00 49.96 ? 27  THR B OG1 1 
ATOM   385 C  CG2 . THR B 2 27 ? 9.280   -3.901  -0.940  1.00 47.46 ? 27  THR B CG2 1 
ATOM   386 N  N   . PRO B 2 28 ? 7.528   -3.905  -5.524  1.00 48.04 ? 28  PRO B N   1 
ATOM   387 C  CA  . PRO B 2 28 ? 7.328   -4.328  -6.913  1.00 52.06 ? 28  PRO B CA  1 
ATOM   388 C  C   . PRO B 2 28 ? 8.567   -4.845  -7.632  1.00 56.70 ? 28  PRO B C   1 
ATOM   389 O  O   . PRO B 2 28 ? 8.457   -5.510  -8.664  1.00 56.61 ? 28  PRO B O   1 
ATOM   390 C  CB  . PRO B 2 28 ? 6.782   -3.067  -7.573  1.00 50.72 ? 28  PRO B CB  1 
ATOM   391 C  CG  . PRO B 2 28 ? 7.521   -1.996  -6.859  1.00 48.97 ? 28  PRO B CG  1 
ATOM   392 C  CD  . PRO B 2 28 ? 7.388   -2.441  -5.415  1.00 47.57 ? 28  PRO B CD  1 
ATOM   393 N  N   . LYS B 2 29 ? 9.741   -4.529  -7.095  1.00 60.94 ? 29  LYS B N   1 
ATOM   394 C  CA  . LYS B 2 29 ? 10.995  -4.959  -7.701  1.00 64.57 ? 29  LYS B CA  1 
ATOM   395 C  C   . LYS B 2 29 ? 11.722  -5.972  -6.828  1.00 67.84 ? 29  LYS B C   1 
ATOM   396 O  O   . LYS B 2 29 ? 12.454  -6.822  -7.337  1.00 69.58 ? 29  LYS B O   1 
ATOM   397 C  CB  . LYS B 2 29 ? 11.897  -3.747  -7.945  1.00 66.11 ? 29  LYS B CB  1 
ATOM   398 C  CG  . LYS B 2 29 ? 13.292  -4.084  -8.469  1.00 68.43 ? 29  LYS B CG  1 
ATOM   399 C  CD  . LYS B 2 29 ? 14.086  -2.822  -8.788  1.00 68.98 ? 29  LYS B CD  1 
ATOM   400 C  CE  . LYS B 2 29 ? 14.235  -1.926  -7.562  1.00 70.31 ? 29  LYS B CE  1 
ATOM   401 N  NZ  . LYS B 2 29 ? 14.982  -0.672  -7.865  1.00 69.60 ? 29  LYS B NZ  1 
ATOM   402 N  N   . THR B 2 30 ? 11.511  -5.882  -5.516  1.00 69.84 ? 30  THR B N   1 
ATOM   403 C  CA  . THR B 2 30 ? 12.160  -6.780  -4.563  1.00 71.28 ? 30  THR B CA  1 
ATOM   404 C  C   . THR B 2 30 ? 13.634  -6.951  -4.906  1.00 72.29 ? 30  THR B C   1 
ATOM   405 O  O   . THR B 2 30 ? 14.045  -8.090  -5.211  1.00 72.96 ? 30  THR B O   1 
ATOM   406 C  CB  . THR B 2 30 ? 11.484  -8.174  -4.528  1.00 72.05 ? 30  THR B CB  1 
ATOM   407 O  OG1 . THR B 2 30 ? 11.181  -8.605  -5.862  1.00 72.02 ? 30  THR B OG1 1 
ATOM   408 C  CG2 . THR B 2 30 ? 10.211  -8.129  -3.703  1.00 73.10 ? 30  THR B CG2 1 
ATOM   409 O  OXT . THR B 2 30 ? 14.357  -5.932  -4.869  1.00 73.65 ? 30  THR B OXT 1 
ATOM   410 N  N   . GLY C 1 1  ? 3.696   9.267   12.675  1.00 49.03 ? 1   GLY C N   1 
ATOM   411 C  CA  . GLY C 1 1  ? 4.502   8.993   11.453  1.00 48.50 ? 1   GLY C CA  1 
ATOM   412 C  C   . GLY C 1 1  ? 3.771   9.409   10.190  1.00 49.18 ? 1   GLY C C   1 
ATOM   413 O  O   . GLY C 1 1  ? 3.328   10.551  10.079  1.00 48.69 ? 1   GLY C O   1 
ATOM   414 N  N   . LEU C 1 2  ? 3.639   8.477   9.247   1.00 49.16 ? 2   LEU C N   1 
ATOM   415 C  CA  . LEU C 1 2  ? 2.970   8.728   7.966   1.00 47.16 ? 2   LEU C CA  1 
ATOM   416 C  C   . LEU C 1 2  ? 1.557   9.275   8.140   1.00 45.85 ? 2   LEU C C   1 
ATOM   417 O  O   . LEU C 1 2  ? 1.261   10.389  7.713   1.00 42.02 ? 2   LEU C O   1 
ATOM   418 C  CB  . LEU C 1 2  ? 2.914   7.435   7.143   1.00 45.39 ? 2   LEU C CB  1 
ATOM   419 C  CG  . LEU C 1 2  ? 2.276   7.512   5.753   1.00 45.51 ? 2   LEU C CG  1 
ATOM   420 C  CD1 . LEU C 1 2  ? 3.175   8.307   4.823   1.00 41.28 ? 2   LEU C CD1 1 
ATOM   421 C  CD2 . LEU C 1 2  ? 2.050   6.101   5.211   1.00 42.29 ? 2   LEU C CD2 1 
ATOM   422 N  N   . LEU C 1 3  ? 0.690   8.485   8.766   1.00 47.69 ? 3   LEU C N   1 
ATOM   423 C  CA  . LEU C 1 3  ? -0.693  8.890   8.993   1.00 49.30 ? 3   LEU C CA  1 
ATOM   424 C  C   . LEU C 1 3  ? -0.814  10.175  9.803   1.00 50.59 ? 3   LEU C C   1 
ATOM   425 O  O   . LEU C 1 3  ? -1.458  11.125  9.366   1.00 51.39 ? 3   LEU C O   1 
ATOM   426 C  CB  . LEU C 1 3  ? -1.463  7.769   9.693   1.00 49.44 ? 3   LEU C CB  1 
ATOM   427 C  CG  . LEU C 1 3  ? -1.787  6.550   8.831   1.00 48.87 ? 3   LEU C CG  1 
ATOM   428 C  CD1 . LEU C 1 3  ? -2.513  5.509   9.672   1.00 47.71 ? 3   LEU C CD1 1 
ATOM   429 C  CD2 . LEU C 1 3  ? -2.654  6.975   7.647   1.00 48.28 ? 3   LEU C CD2 1 
ATOM   430 N  N   . GLU C 1 4  ? -0.203  10.209  10.983  1.00 51.81 ? 4   GLU C N   1 
ATOM   431 C  CA  . GLU C 1 4  ? -0.266  11.406  11.820  1.00 53.08 ? 4   GLU C CA  1 
ATOM   432 C  C   . GLU C 1 4  ? 0.212   12.618  11.031  1.00 50.39 ? 4   GLU C C   1 
ATOM   433 O  O   . GLU C 1 4  ? -0.467  13.641  10.974  1.00 52.74 ? 4   GLU C O   1 
ATOM   434 C  CB  . GLU C 1 4  ? 0.606   11.247  13.072  1.00 57.07 ? 4   GLU C CB  1 
ATOM   435 C  CG  . GLU C 1 4  ? 0.110   10.210  14.079  1.00 61.85 ? 4   GLU C CG  1 
ATOM   436 C  CD  . GLU C 1 4  ? 0.160   8.792   13.540  1.00 64.72 ? 4   GLU C CD  1 
ATOM   437 O  OE1 . GLU C 1 4  ? 1.245   8.359   13.095  1.00 65.77 ? 4   GLU C OE1 1 
ATOM   438 O  OE2 . GLU C 1 4  ? -0.889  8.111   13.565  1.00 67.92 ? 4   GLU C OE2 1 
ATOM   439 N  N   . GLN C 1 5  ? 1.376   12.479  10.406  1.00 45.93 ? 5   GLN C N   1 
ATOM   440 C  CA  . GLN C 1 5  ? 1.988   13.546  9.619   1.00 44.18 ? 5   GLN C CA  1 
ATOM   441 C  C   . GLN C 1 5  ? 1.248   13.977  8.353   1.00 41.75 ? 5   GLN C C   1 
ATOM   442 O  O   . GLN C 1 5  ? 1.063   15.172  8.122   1.00 41.78 ? 5   GLN C O   1 
ATOM   443 C  CB  . GLN C 1 5  ? 3.418   13.143  9.251   1.00 45.52 ? 5   GLN C CB  1 
ATOM   444 C  CG  . GLN C 1 5  ? 3.901   13.628  7.889   1.00 51.95 ? 5   GLN C CG  1 
ATOM   445 C  CD  . GLN C 1 5  ? 4.238   15.105  7.860   1.00 52.23 ? 5   GLN C CD  1 
ATOM   446 O  OE1 . GLN C 1 5  ? 3.468   15.939  8.333   1.00 55.24 ? 5   GLN C OE1 1 
ATOM   447 N  NE2 . GLN C 1 5  ? 5.393   15.437  7.284   1.00 51.68 ? 5   GLN C NE2 1 
ATOM   448 N  N   . CYS C 1 6  ? 0.817   13.019  7.537   1.00 39.04 ? 6   CYS C N   1 
ATOM   449 C  CA  . CYS C 1 6  ? 0.153   13.362  6.277   1.00 36.51 ? 6   CYS C CA  1 
ATOM   450 C  C   . CYS C 1 6  ? -1.381  13.397  6.232   1.00 35.36 ? 6   CYS C C   1 
ATOM   451 O  O   . CYS C 1 6  ? -1.966  13.629  5.173   1.00 33.48 ? 6   CYS C O   1 
ATOM   452 C  CB  . CYS C 1 6  ? 0.688   12.449  5.168   1.00 35.35 ? 6   CYS C CB  1 
ATOM   453 S  SG  . CYS C 1 6  ? 2.494   12.589  4.936   1.00 36.14 ? 6   CYS C SG  1 
ATOM   454 N  N   . CYS C 1 7  ? -2.040  13.180  7.365   1.00 37.54 ? 7   CYS C N   1 
ATOM   455 C  CA  . CYS C 1 7  ? -3.494  13.228  7.383   1.00 40.36 ? 7   CYS C CA  1 
ATOM   456 C  C   . CYS C 1 7  ? -4.005  14.489  8.064   1.00 44.64 ? 7   CYS C C   1 
ATOM   457 O  O   . CYS C 1 7  ? -5.150  14.897  7.855   1.00 46.56 ? 7   CYS C O   1 
ATOM   458 C  CB  . CYS C 1 7  ? -4.065  11.983  8.057   1.00 38.88 ? 7   CYS C CB  1 
ATOM   459 S  SG  . CYS C 1 7  ? -3.781  10.496  7.045   1.00 37.60 ? 7   CYS C SG  1 
ATOM   460 N  N   . HIS C 1 8  ? -3.151  15.114  8.869   1.00 46.64 ? 8   HIS C N   1 
ATOM   461 C  CA  . HIS C 1 8  ? -3.527  16.350  9.547   1.00 49.18 ? 8   HIS C CA  1 
ATOM   462 C  C   . HIS C 1 8  ? -2.935  17.547  8.809   1.00 46.73 ? 8   HIS C C   1 
ATOM   463 O  O   . HIS C 1 8  ? -3.173  18.694  9.177   1.00 49.10 ? 8   HIS C O   1 
ATOM   464 C  CB  . HIS C 1 8  ? -3.043  16.335  11.000  1.00 52.80 ? 8   HIS C CB  1 
ATOM   465 C  CG  . HIS C 1 8  ? -3.787  15.371  11.872  1.00 58.38 ? 8   HIS C CG  1 
ATOM   466 N  ND1 . HIS C 1 8  ? -5.159  15.397  12.006  1.00 61.55 ? 8   HIS C ND1 1 
ATOM   467 C  CD2 . HIS C 1 8  ? -3.350  14.360  12.661  1.00 59.80 ? 8   HIS C CD2 1 
ATOM   468 C  CE1 . HIS C 1 8  ? -5.536  14.444  12.841  1.00 61.80 ? 8   HIS C CE1 1 
ATOM   469 N  NE2 . HIS C 1 8  ? -4.457  13.801  13.252  1.00 61.89 ? 8   HIS C NE2 1 
ATOM   470 N  N   . SER C 1 9  ? -2.163  17.264  7.763   1.00 45.55 ? 9   SER C N   1 
ATOM   471 C  CA  . SER C 1 9  ? -1.522  18.297  6.951   1.00 44.19 ? 9   SER C CA  1 
ATOM   472 C  C   . SER C 1 9  ? -1.100  17.696  5.607   1.00 42.24 ? 9   SER C C   1 
ATOM   473 O  O   . SER C 1 9  ? -0.623  16.563  5.554   1.00 40.99 ? 9   SER C O   1 
ATOM   474 C  CB  . SER C 1 9  ? -0.299  18.851  7.680   1.00 43.99 ? 9   SER C CB  1 
ATOM   475 O  OG  . SER C 1 9  ? 0.374   19.801  6.876   1.00 52.21 ? 9   SER C OG  1 
ATOM   476 N  N   . ILE C 1 10 ? -1.265  18.465  4.532   1.00 39.80 ? 10  ILE C N   1 
ATOM   477 C  CA  . ILE C 1 10 ? -0.931  18.002  3.184   1.00 40.08 ? 10  ILE C CA  1 
ATOM   478 C  C   . ILE C 1 10 ? 0.546   17.743  2.893   1.00 40.58 ? 10  ILE C C   1 
ATOM   479 O  O   . ILE C 1 10 ? 1.369   18.662  2.908   1.00 39.10 ? 10  ILE C O   1 
ATOM   480 C  CB  . ILE C 1 10 ? -1.416  18.992  2.108   1.00 39.63 ? 10  ILE C CB  1 
ATOM   481 C  CG1 . ILE C 1 10 ? -2.919  19.218  2.236   1.00 40.76 ? 10  ILE C CG1 1 
ATOM   482 C  CG2 . ILE C 1 10 ? -1.069  18.453  0.724   1.00 42.15 ? 10  ILE C CG2 1 
ATOM   483 C  CD1 . ILE C 1 10 ? -3.458  20.285  1.293   1.00 44.42 ? 10  ILE C CD1 1 
ATOM   484 N  N   . CYS C 1 11 ? 0.867   16.485  2.604   1.00 37.90 ? 11  CYS C N   1 
ATOM   485 C  CA  . CYS C 1 11 ? 2.231   16.105  2.259   1.00 37.15 ? 11  CYS C CA  1 
ATOM   486 C  C   . CYS C 1 11 ? 2.328   16.110  0.741   1.00 36.21 ? 11  CYS C C   1 
ATOM   487 O  O   . CYS C 1 11 ? 1.576   15.409  0.066   1.00 35.90 ? 11  CYS C O   1 
ATOM   488 C  CB  . CYS C 1 11 ? 2.549   14.699  2.765   1.00 38.45 ? 11  CYS C CB  1 
ATOM   489 S  SG  . CYS C 1 11 ? 2.763   14.564  4.559   1.00 37.92 ? 11  CYS C SG  1 
ATOM   490 N  N   . SER C 1 12 ? 3.241   16.908  0.206   1.00 34.20 ? 12  SER C N   1 
ATOM   491 C  CA  . SER C 1 12 ? 3.433   16.973  -1.234  1.00 31.37 ? 12  SER C CA  1 
ATOM   492 C  C   . SER C 1 12 ? 4.168   15.704  -1.641  1.00 30.09 ? 12  SER C C   1 
ATOM   493 O  O   . SER C 1 12 ? 4.554   14.894  -0.788  1.00 28.93 ? 12  SER C O   1 
ATOM   494 C  CB  . SER C 1 12 ? 4.295   18.185  -1.598  1.00 36.07 ? 12  SER C CB  1 
ATOM   495 O  OG  . SER C 1 12 ? 5.625   18.008  -1.113  1.00 32.90 ? 12  SER C OG  1 
ATOM   496 N  N   . LEU C 1 13 ? 4.368   15.538  -2.943  1.00 27.61 ? 13  LEU C N   1 
ATOM   497 C  CA  . LEU C 1 13 ? 5.084   14.386  -3.469  1.00 29.55 ? 13  LEU C CA  1 
ATOM   498 C  C   . LEU C 1 13 ? 6.492   14.349  -2.864  1.00 32.35 ? 13  LEU C C   1 
ATOM   499 O  O   . LEU C 1 13 ? 7.021   13.282  -2.549  1.00 31.78 ? 13  LEU C O   1 
ATOM   500 C  CB  . LEU C 1 13 ? 5.162   14.481  -4.996  1.00 34.22 ? 13  LEU C CB  1 
ATOM   501 C  CG  . LEU C 1 13 ? 6.163   13.603  -5.756  1.00 39.88 ? 13  LEU C CG  1 
ATOM   502 C  CD1 . LEU C 1 13 ? 5.727   13.486  -7.197  1.00 40.46 ? 13  LEU C CD1 1 
ATOM   503 C  CD2 . LEU C 1 13 ? 7.566   14.202  -5.679  1.00 39.96 ? 13  LEU C CD2 1 
ATOM   504 N  N   . TYR C 1 14 ? 7.097   15.519  -2.692  1.00 31.16 ? 14  TYR C N   1 
ATOM   505 C  CA  . TYR C 1 14 ? 8.438   15.582  -2.120  1.00 31.99 ? 14  TYR C CA  1 
ATOM   506 C  C   . TYR C 1 14 ? 8.442   15.120  -0.667  1.00 33.22 ? 14  TYR C C   1 
ATOM   507 O  O   . TYR C 1 14 ? 9.360   14.422  -0.236  1.00 35.63 ? 14  TYR C O   1 
ATOM   508 C  CB  . TYR C 1 14 ? 8.975   16.999  -2.258  1.00 32.08 ? 14  TYR C CB  1 
ATOM   509 C  CG  . TYR C 1 14 ? 8.980   17.443  -3.706  1.00 33.91 ? 14  TYR C CG  1 
ATOM   510 C  CD1 . TYR C 1 14 ? 9.938   16.961  -4.599  1.00 35.87 ? 14  TYR C CD1 1 
ATOM   511 C  CD2 . TYR C 1 14 ? 7.975   18.277  -4.202  1.00 35.90 ? 14  TYR C CD2 1 
ATOM   512 C  CE1 . TYR C 1 14 ? 9.894   17.295  -5.956  1.00 37.83 ? 14  TYR C CE1 1 
ATOM   513 C  CE2 . TYR C 1 14 ? 7.914   18.616  -5.561  1.00 36.68 ? 14  TYR C CE2 1 
ATOM   514 C  CZ  . TYR C 1 14 ? 8.876   18.121  -6.430  1.00 40.09 ? 14  TYR C CZ  1 
ATOM   515 O  OH  . TYR C 1 14 ? 8.811   18.441  -7.771  1.00 39.97 ? 14  TYR C OH  1 
ATOM   516 N  N   . GLN C 1 15 ? 7.408   15.482  0.085   1.00 30.54 ? 15  GLN C N   1 
ATOM   517 C  CA  . GLN C 1 15 ? 7.327   15.063  1.478   1.00 30.67 ? 15  GLN C CA  1 
ATOM   518 C  C   . GLN C 1 15 ? 7.020   13.572  1.630   1.00 33.09 ? 15  GLN C C   1 
ATOM   519 O  O   . GLN C 1 15 ? 7.394   12.956  2.629   1.00 31.80 ? 15  GLN C O   1 
ATOM   520 C  CB  . GLN C 1 15 ? 6.282   15.895  2.214   1.00 31.31 ? 15  GLN C CB  1 
ATOM   521 C  CG  . GLN C 1 15 ? 6.694   17.339  2.361   1.00 32.89 ? 15  GLN C CG  1 
ATOM   522 C  CD  . GLN C 1 15 ? 5.614   18.204  2.964   1.00 36.71 ? 15  GLN C CD  1 
ATOM   523 O  OE1 . GLN C 1 15 ? 4.601   18.495  2.322   1.00 36.56 ? 15  GLN C OE1 1 
ATOM   524 N  NE2 . GLN C 1 15 ? 5.822   18.623  4.207   1.00 36.26 ? 15  GLN C NE2 1 
ATOM   525 N  N   . LEU C 1 16 ? 6.359   12.997  0.628   1.00 32.27 ? 16  LEU C N   1 
ATOM   526 C  CA  . LEU C 1 16 ? 6.005   11.583  0.637   1.00 35.15 ? 16  LEU C CA  1 
ATOM   527 C  C   . LEU C 1 16 ? 7.195   10.664  0.340   1.00 34.71 ? 16  LEU C C   1 
ATOM   528 O  O   . LEU C 1 16 ? 7.242   9.528   0.818   1.00 32.76 ? 16  LEU C O   1 
ATOM   529 C  CB  . LEU C 1 16 ? 4.873   11.323  -0.369  1.00 33.76 ? 16  LEU C CB  1 
ATOM   530 C  CG  . LEU C 1 16 ? 3.501   11.876  0.050   1.00 33.09 ? 16  LEU C CG  1 
ATOM   531 C  CD1 . LEU C 1 16 ? 2.529   11.829  -1.121  1.00 33.52 ? 16  LEU C CD1 1 
ATOM   532 C  CD2 . LEU C 1 16 ? 2.961   11.065  1.220   1.00 35.17 ? 16  LEU C CD2 1 
ATOM   533 N  N   . GLU C 1 17 ? 8.155   11.154  -0.439  1.00 37.89 ? 17  GLU C N   1 
ATOM   534 C  CA  . GLU C 1 17 ? 9.337   10.362  -0.773  1.00 43.28 ? 17  GLU C CA  1 
ATOM   535 C  C   . GLU C 1 17 ? 10.102  9.877   0.450   1.00 44.12 ? 17  GLU C C   1 
ATOM   536 O  O   . GLU C 1 17 ? 10.752  8.829   0.416   1.00 44.27 ? 17  GLU C O   1 
ATOM   537 C  CB  . GLU C 1 17 ? 10.294  11.162  -1.647  1.00 46.45 ? 17  GLU C CB  1 
ATOM   538 C  CG  . GLU C 1 17 ? 10.030  11.042  -3.124  1.00 53.04 ? 17  GLU C CG  1 
ATOM   539 C  CD  . GLU C 1 17 ? 11.147  11.638  -3.942  1.00 55.35 ? 17  GLU C CD  1 
ATOM   540 O  OE1 . GLU C 1 17 ? 11.387  12.856  -3.810  1.00 58.98 ? 17  GLU C OE1 1 
ATOM   541 O  OE2 . GLU C 1 17 ? 11.786  10.886  -4.708  1.00 57.02 ? 17  GLU C OE2 1 
ATOM   542 N  N   . ASN C 1 18 ? 10.028  10.643  1.531   1.00 44.84 ? 18  ASN C N   1 
ATOM   543 C  CA  . ASN C 1 18 ? 10.727  10.286  2.751   1.00 46.20 ? 18  ASN C CA  1 
ATOM   544 C  C   . ASN C 1 18 ? 10.233  8.946   3.280   1.00 47.57 ? 18  ASN C C   1 
ATOM   545 O  O   . ASN C 1 18 ? 10.905  8.299   4.079   1.00 45.78 ? 18  ASN C O   1 
ATOM   546 C  CB  . ASN C 1 18 ? 10.527  11.380  3.804   1.00 50.54 ? 18  ASN C CB  1 
ATOM   547 C  CG  . ASN C 1 18 ? 10.635  12.781  3.217   1.00 52.32 ? 18  ASN C CG  1 
ATOM   548 O  OD1 . ASN C 1 18 ? 11.437  13.026  2.317   1.00 55.37 ? 18  ASN C OD1 1 
ATOM   549 N  ND2 . ASN C 1 18 ? 9.830   13.707  3.732   1.00 53.78 ? 18  ASN C ND2 1 
ATOM   550 N  N   . TYR C 1 19 ? 9.062   8.517   2.818   1.00 46.48 ? 19  TYR C N   1 
ATOM   551 C  CA  . TYR C 1 19 ? 8.492   7.250   3.270   1.00 46.32 ? 19  TYR C CA  1 
ATOM   552 C  C   . TYR C 1 19 ? 8.697   6.112   2.270   1.00 44.11 ? 19  TYR C C   1 
ATOM   553 O  O   . TYR C 1 19 ? 8.068   5.062   2.380   1.00 43.55 ? 19  TYR C O   1 
ATOM   554 C  CB  . TYR C 1 19 ? 7.001   7.438   3.570   1.00 44.74 ? 19  TYR C CB  1 
ATOM   555 C  CG  . TYR C 1 19 ? 6.748   8.525   4.589   1.00 48.39 ? 19  TYR C CG  1 
ATOM   556 C  CD1 . TYR C 1 19 ? 6.858   8.272   5.957   1.00 49.66 ? 19  TYR C CD1 1 
ATOM   557 C  CD2 . TYR C 1 19 ? 6.447   9.824   4.185   1.00 47.50 ? 19  TYR C CD2 1 
ATOM   558 C  CE1 . TYR C 1 19 ? 6.674   9.288   6.897   1.00 49.25 ? 19  TYR C CE1 1 
ATOM   559 C  CE2 . TYR C 1 19 ? 6.264   10.843  5.109   1.00 47.48 ? 19  TYR C CE2 1 
ATOM   560 C  CZ  . TYR C 1 19 ? 6.379   10.572  6.463   1.00 50.11 ? 19  TYR C CZ  1 
ATOM   561 O  OH  . TYR C 1 19 ? 6.215   11.595  7.376   1.00 51.51 ? 19  TYR C OH  1 
ATOM   562 N  N   . CYS C 1 20 ? 9.582   6.334   1.302   1.00 43.68 ? 20  CYS C N   1 
ATOM   563 C  CA  . CYS C 1 20 ? 9.899   5.336   0.280   1.00 46.01 ? 20  CYS C CA  1 
ATOM   564 C  C   . CYS C 1 20 ? 11.135  4.538   0.678   1.00 49.62 ? 20  CYS C C   1 
ATOM   565 O  O   . CYS C 1 20 ? 11.540  4.526   1.839   1.00 49.70 ? 20  CYS C O   1 
ATOM   566 C  CB  . CYS C 1 20 ? 10.209  6.004   -1.060  1.00 40.39 ? 20  CYS C CB  1 
ATOM   567 S  SG  . CYS C 1 20 ? 8.837   6.854   -1.886  1.00 39.23 ? 20  CYS C SG  1 
ATOM   568 N  N   . ASN C 1 21 ? 11.732  3.895   -0.325  1.00 55.02 ? 21  ASN C N   1 
ATOM   569 C  CA  . ASN C 1 21 ? 12.947  3.100   -0.184  1.00 58.61 ? 21  ASN C CA  1 
ATOM   570 C  C   . ASN C 1 21 ? 12.956  2.247   1.075   1.00 60.59 ? 21  ASN C C   1 
ATOM   571 O  O   . ASN C 1 21 ? 13.909  2.410   1.870   1.00 61.75 ? 21  ASN C O   1 
ATOM   572 C  CB  . ASN C 1 21 ? 14.166  4.025   -0.185  1.00 62.32 ? 21  ASN C CB  1 
ATOM   573 C  CG  . ASN C 1 21 ? 15.296  3.512   -1.063  1.00 65.50 ? 21  ASN C CG  1 
ATOM   574 O  OD1 . ASN C 1 21 ? 16.357  4.130   -1.142  1.00 67.19 ? 21  ASN C OD1 1 
ATOM   575 N  ND2 . ASN C 1 21 ? 15.072  2.382   -1.731  1.00 67.76 ? 21  ASN C ND2 1 
ATOM   576 O  OXT . ASN C 1 21 ? 12.020  1.430   1.246   1.00 60.15 ? 21  ASN C OXT 1 
ATOM   577 N  N   . PHE D 2 1  ? -16.309 9.592   12.457  1.00 47.60 ? 1   PHE D N   1 
ATOM   578 C  CA  . PHE D 2 1  ? -15.965 9.419   11.020  1.00 48.45 ? 1   PHE D CA  1 
ATOM   579 C  C   . PHE D 2 1  ? -14.585 8.801   10.821  1.00 46.69 ? 1   PHE D C   1 
ATOM   580 O  O   . PHE D 2 1  ? -13.615 9.172   11.486  1.00 48.75 ? 1   PHE D O   1 
ATOM   581 C  CB  . PHE D 2 1  ? -16.036 10.766  10.296  1.00 50.72 ? 1   PHE D CB  1 
ATOM   582 C  CG  . PHE D 2 1  ? -17.245 10.914  9.424   1.00 54.19 ? 1   PHE D CG  1 
ATOM   583 C  CD1 . PHE D 2 1  ? -17.362 10.178  8.250   1.00 54.21 ? 1   PHE D CD1 1 
ATOM   584 C  CD2 . PHE D 2 1  ? -18.287 11.765  9.792   1.00 56.43 ? 1   PHE D CD2 1 
ATOM   585 C  CE1 . PHE D 2 1  ? -18.497 10.284  7.452   1.00 56.44 ? 1   PHE D CE1 1 
ATOM   586 C  CE2 . PHE D 2 1  ? -19.430 11.880  9.003   1.00 56.14 ? 1   PHE D CE2 1 
ATOM   587 C  CZ  . PHE D 2 1  ? -19.536 11.136  7.830   1.00 57.78 ? 1   PHE D CZ  1 
ATOM   588 N  N   . VAL D 2 2  ? -14.515 7.859   9.886   1.00 43.57 ? 2   VAL D N   1 
ATOM   589 C  CA  . VAL D 2 2  ? -13.283 7.150   9.554   1.00 40.65 ? 2   VAL D CA  1 
ATOM   590 C  C   . VAL D 2 2  ? -12.294 7.960   8.698   1.00 38.00 ? 2   VAL D C   1 
ATOM   591 O  O   . VAL D 2 2  ? -11.640 7.411   7.806   1.00 39.21 ? 2   VAL D O   1 
ATOM   592 C  CB  . VAL D 2 2  ? -13.610 5.843   8.814   1.00 38.80 ? 2   VAL D CB  1 
ATOM   593 C  CG1 . VAL D 2 2  ? -14.295 4.867   9.760   1.00 39.24 ? 2   VAL D CG1 1 
ATOM   594 C  CG2 . VAL D 2 2  ? -14.510 6.141   7.628   1.00 38.16 ? 2   VAL D CG2 1 
ATOM   595 N  N   . ASN D 2 3  ? -12.170 9.254   8.980   1.00 36.94 ? 3   ASN D N   1 
ATOM   596 C  CA  . ASN D 2 3  ? -11.256 10.109  8.222   1.00 36.27 ? 3   ASN D CA  1 
ATOM   597 C  C   . ASN D 2 3  ? -9.852  9.536   8.048   1.00 36.12 ? 3   ASN D C   1 
ATOM   598 O  O   . ASN D 2 3  ? -9.276  9.599   6.961   1.00 32.78 ? 3   ASN D O   1 
ATOM   599 C  CB  . ASN D 2 3  ? -11.136 11.479  8.882   1.00 39.08 ? 3   ASN D CB  1 
ATOM   600 C  CG  . ASN D 2 3  ? -12.382 12.308  8.720   1.00 44.17 ? 3   ASN D CG  1 
ATOM   601 O  OD1 . ASN D 2 3  ? -12.944 12.393  7.623   1.00 47.37 ? 3   ASN D OD1 1 
ATOM   602 N  ND2 . ASN D 2 3  ? -12.822 12.932  9.804   1.00 41.40 ? 3   ASN D ND2 1 
ATOM   603 N  N   . GLN D 2 4  ? -9.294  8.987   9.120   1.00 33.79 ? 4   GLN D N   1 
ATOM   604 C  CA  . GLN D 2 4  ? -7.952  8.440   9.050   1.00 33.65 ? 4   GLN D CA  1 
ATOM   605 C  C   . GLN D 2 4  ? -7.902  7.220   8.145   1.00 31.56 ? 4   GLN D C   1 
ATOM   606 O  O   . GLN D 2 4  ? -6.936  7.023   7.404   1.00 31.80 ? 4   GLN D O   1 
ATOM   607 C  CB  . GLN D 2 4  ? -7.443  8.068   10.445  1.00 33.44 ? 4   GLN D CB  1 
ATOM   608 C  CG  . GLN D 2 4  ? -5.984  7.648   10.443  0.50 33.10 ? 4   GLN D CG  1 
ATOM   609 C  CD  . GLN D 2 4  ? -5.438  7.425   11.833  0.50 32.67 ? 4   GLN D CD  1 
ATOM   610 O  OE1 . GLN D 2 4  ? -5.915  6.559   12.565  0.50 32.77 ? 4   GLN D OE1 1 
ATOM   611 N  NE2 . GLN D 2 4  ? -4.433  8.210   12.207  0.50 30.27 ? 4   GLN D NE2 1 
ATOM   612 N  N   . HIS D 2 5  ? -8.947  6.405   8.204   1.00 31.61 ? 5   HIS D N   1 
ATOM   613 C  CA  . HIS D 2 5  ? -9.004  5.204   7.389   1.00 30.08 ? 5   HIS D CA  1 
ATOM   614 C  C   . HIS D 2 5  ? -9.045  5.597   5.915   1.00 29.19 ? 5   HIS D C   1 
ATOM   615 O  O   . HIS D 2 5  ? -8.372  4.992   5.085   1.00 28.30 ? 5   HIS D O   1 
ATOM   616 C  CB  . HIS D 2 5  ? -10.242 4.374   7.736   1.00 31.85 ? 5   HIS D CB  1 
ATOM   617 C  CG  . HIS D 2 5  ? -10.272 3.037   7.069   1.00 33.99 ? 5   HIS D CG  1 
ATOM   618 N  ND1 . HIS D 2 5  ? -9.284  2.093   7.258   1.00 35.31 ? 5   HIS D ND1 1 
ATOM   619 C  CD2 . HIS D 2 5  ? -11.142 2.499   6.182   1.00 37.93 ? 5   HIS D CD2 1 
ATOM   620 C  CE1 . HIS D 2 5  ? -9.542  1.035   6.511   1.00 37.90 ? 5   HIS D CE1 1 
ATOM   621 N  NE2 . HIS D 2 5  ? -10.663 1.256   5.849   1.00 36.55 ? 5   HIS D NE2 1 
ATOM   622 N  N   . LEU D 2 6  ? -9.829  6.619   5.598   1.00 25.34 ? 6   LEU D N   1 
ATOM   623 C  CA  . LEU D 2 6  ? -9.951  7.076   4.217   1.00 26.93 ? 6   LEU D CA  1 
ATOM   624 C  C   . LEU D 2 6  ? -8.673  7.780   3.766   1.00 26.90 ? 6   LEU D C   1 
ATOM   625 O  O   . LEU D 2 6  ? -8.208  7.577   2.643   1.00 25.17 ? 6   LEU D O   1 
ATOM   626 C  CB  . LEU D 2 6  ? -11.154 8.010   4.078   1.00 26.38 ? 6   LEU D CB  1 
ATOM   627 C  CG  . LEU D 2 6  ? -12.475 7.362   4.508   1.00 23.23 ? 6   LEU D CG  1 
ATOM   628 C  CD1 . LEU D 2 6  ? -13.618 8.349   4.358   1.00 25.28 ? 6   LEU D CD1 1 
ATOM   629 C  CD2 . LEU D 2 6  ? -12.728 6.141   3.660   1.00 26.83 ? 6   LEU D CD2 1 
ATOM   630 N  N   . CYS D 2 7  ? -8.094  8.583   4.651   1.00 24.19 ? 7   CYS D N   1 
ATOM   631 C  CA  . CYS D 2 7  ? -6.860  9.289   4.326   1.00 27.72 ? 7   CYS D CA  1 
ATOM   632 C  C   . CYS D 2 7  ? -5.747  8.288   3.975   1.00 26.28 ? 7   CYS D C   1 
ATOM   633 O  O   . CYS D 2 7  ? -5.026  8.468   2.999   1.00 26.73 ? 7   CYS D O   1 
ATOM   634 C  CB  . CYS D 2 7  ? -6.412  10.149  5.517   1.00 30.09 ? 7   CYS D CB  1 
ATOM   635 S  SG  . CYS D 2 7  ? -4.756  10.872  5.295   1.00 30.60 ? 7   CYS D SG  1 
ATOM   636 N  N   . GLY D 2 8  ? -5.625  7.227   4.769   1.00 24.76 ? 8   GLY D N   1 
ATOM   637 C  CA  . GLY D 2 8  ? -4.590  6.224   4.530   1.00 22.48 ? 8   GLY D CA  1 
ATOM   638 C  C   . GLY D 2 8  ? -4.662  5.554   3.168   1.00 22.65 ? 8   GLY D C   1 
ATOM   639 O  O   . GLY D 2 8  ? -3.639  5.225   2.566   1.00 23.14 ? 8   GLY D O   1 
ATOM   640 N  N   . SER D 2 9  ? -5.879  5.343   2.683   1.00 22.24 ? 9   SER D N   1 
ATOM   641 C  CA  . SER D 2 9  ? -6.092  4.744   1.372   1.00 22.16 ? 9   SER D CA  1 
ATOM   642 C  C   . SER D 2 9  ? -5.466  5.642   0.292   1.00 21.49 ? 9   SER D C   1 
ATOM   643 O  O   . SER D 2 9  ? -4.837  5.160   -0.645  1.00 22.01 ? 9   SER D O   1 
ATOM   644 C  CB  . SER D 2 9  ? -7.592  4.588   1.123   1.00 23.06 ? 9   SER D CB  1 
ATOM   645 O  OG  . SER D 2 9  ? -7.820  4.235   -0.220  1.00 30.81 ? 9   SER D OG  1 
ATOM   646 N  N   . HIS D 2 10 ? -5.639  6.952   0.429   1.00 20.78 ? 10  HIS D N   1 
ATOM   647 C  CA  . HIS D 2 10 ? -5.067  7.891   -0.524  1.00 22.12 ? 10  HIS D CA  1 
ATOM   648 C  C   . HIS D 2 10 ? -3.566  7.890   -0.380  1.00 22.55 ? 10  HIS D C   1 
ATOM   649 O  O   . HIS D 2 10 ? -2.834  7.830   -1.371  1.00 22.49 ? 10  HIS D O   1 
ATOM   650 C  CB  . HIS D 2 10 ? -5.615  9.302   -0.286  1.00 24.69 ? 10  HIS D CB  1 
ATOM   651 C  CG  . HIS D 2 10 ? -7.042  9.455   -0.697  1.00 25.80 ? 10  HIS D CG  1 
ATOM   652 N  ND1 . HIS D 2 10 ? -7.420  9.629   -2.009  1.00 28.33 ? 10  HIS D ND1 1 
ATOM   653 C  CD2 . HIS D 2 10 ? -8.187  9.394   0.021   1.00 26.17 ? 10  HIS D CD2 1 
ATOM   654 C  CE1 . HIS D 2 10 ? -8.738  9.668   -2.082  1.00 32.85 ? 10  HIS D CE1 1 
ATOM   655 N  NE2 . HIS D 2 10 ? -9.227  9.530   -0.864  1.00 28.60 ? 10  HIS D NE2 1 
ATOM   656 N  N   . LEU D 2 11 ? -3.094  7.885   0.858   1.00 22.42 ? 11  LEU D N   1 
ATOM   657 C  CA  . LEU D 2 11 ? -1.658  7.882   1.112   1.00 25.74 ? 11  LEU D CA  1 
ATOM   658 C  C   . LEU D 2 11 ? -0.933  6.718   0.443   1.00 24.81 ? 11  LEU D C   1 
ATOM   659 O  O   . LEU D 2 11 ? 0.084   6.918   -0.214  1.00 23.63 ? 11  LEU D O   1 
ATOM   660 C  CB  . LEU D 2 11 ? -1.391  7.865   2.620   1.00 30.18 ? 11  LEU D CB  1 
ATOM   661 C  CG  . LEU D 2 11 ? -1.651  9.196   3.320   1.00 35.50 ? 11  LEU D CG  1 
ATOM   662 C  CD1 . LEU D 2 11 ? -1.510  9.027   4.821   1.00 34.49 ? 11  LEU D CD1 1 
ATOM   663 C  CD2 . LEU D 2 11 ? -0.656  10.231  2.801   1.00 36.76 ? 11  LEU D CD2 1 
ATOM   664 N  N   . VAL D 2 12 ? -1.448  5.502   0.591   1.00 23.15 ? 12  VAL D N   1 
ATOM   665 C  CA  . VAL D 2 12 ? -0.774  4.362   -0.032  1.00 24.08 ? 12  VAL D CA  1 
ATOM   666 C  C   . VAL D 2 12 ? -0.775  4.458   -1.563  1.00 26.92 ? 12  VAL D C   1 
ATOM   667 O  O   . VAL D 2 12 ? 0.191   4.073   -2.212  1.00 23.51 ? 12  VAL D O   1 
ATOM   668 C  CB  . VAL D 2 12 ? -1.389  3.004   0.449   1.00 26.72 ? 12  VAL D CB  1 
ATOM   669 C  CG1 . VAL D 2 12 ? -1.082  2.802   1.922   1.00 22.85 ? 12  VAL D CG1 1 
ATOM   670 C  CG2 . VAL D 2 12 ? -2.899  2.992   0.264   1.00 24.03 ? 12  VAL D CG2 1 
ATOM   671 N  N   . GLU D 2 13 ? -1.845  4.991   -2.149  1.00 27.24 ? 13  GLU D N   1 
ATOM   672 C  CA  . GLU D 2 13 ? -1.888  5.140   -3.607  1.00 25.78 ? 13  GLU D CA  1 
ATOM   673 C  C   . GLU D 2 13 ? -0.837  6.167   -4.050  1.00 25.84 ? 13  GLU D C   1 
ATOM   674 O  O   . GLU D 2 13 ? -0.197  6.006   -5.092  1.00 23.31 ? 13  GLU D O   1 
ATOM   675 C  CB  . GLU D 2 13 ? -3.273  5.604   -4.070  1.00 26.72 ? 13  GLU D CB  1 
ATOM   676 C  CG  . GLU D 2 13 ? -4.093  4.544   -4.775  0.50 34.79 ? 13  GLU D CG  1 
ATOM   677 C  CD  . GLU D 2 13 ? -5.031  3.803   -3.847  0.50 36.24 ? 13  GLU D CD  1 
ATOM   678 O  OE1 . GLU D 2 13 ? -4.552  3.176   -2.877  0.50 40.37 ? 13  GLU D OE1 1 
ATOM   679 O  OE2 . GLU D 2 13 ? -6.255  3.849   -4.093  0.50 37.78 ? 13  GLU D OE2 1 
ATOM   680 N  N   . ALA D 2 14 ? -0.659  7.219   -3.250  1.00 21.79 ? 14  ALA D N   1 
ATOM   681 C  CA  . ALA D 2 14 ? 0.326   8.258   -3.562  1.00 23.73 ? 14  ALA D CA  1 
ATOM   682 C  C   . ALA D 2 14 ? 1.754   7.721   -3.442  1.00 25.03 ? 14  ALA D C   1 
ATOM   683 O  O   . ALA D 2 14 ? 2.621   8.058   -4.244  1.00 29.89 ? 14  ALA D O   1 
ATOM   684 C  CB  . ALA D 2 14 ? 0.148   9.444   -2.624  1.00 24.24 ? 14  ALA D CB  1 
ATOM   685 N  N   . LEU D 2 15 ? 2.002   6.901   -2.429  1.00 23.61 ? 15  LEU D N   1 
ATOM   686 C  CA  . LEU D 2 15 ? 3.328   6.323   -2.237  1.00 24.97 ? 15  LEU D CA  1 
ATOM   687 C  C   . LEU D 2 15 ? 3.651   5.376   -3.385  1.00 25.32 ? 15  LEU D C   1 
ATOM   688 O  O   . LEU D 2 15 ? 4.804   5.269   -3.823  1.00 23.09 ? 15  LEU D O   1 
ATOM   689 C  CB  . LEU D 2 15 ? 3.382   5.587   -0.900  1.00 25.88 ? 15  LEU D CB  1 
ATOM   690 C  CG  . LEU D 2 15 ? 3.365   6.557   0.279   1.00 23.10 ? 15  LEU D CG  1 
ATOM   691 C  CD1 . LEU D 2 15 ? 3.159   5.801   1.567   1.00 29.07 ? 15  LEU D CD1 1 
ATOM   692 C  CD2 . LEU D 2 15 ? 4.678   7.321   0.309   1.00 22.93 ? 15  LEU D CD2 1 
ATOM   693 N  N   . TYR D 2 16 ? 2.621   4.693   -3.872  1.00 26.44 ? 16  TYR D N   1 
ATOM   694 C  CA  . TYR D 2 16 ? 2.765   3.774   -4.995  1.00 28.09 ? 16  TYR D CA  1 
ATOM   695 C  C   . TYR D 2 16 ? 3.348   4.530   -6.196  1.00 28.08 ? 16  TYR D C   1 
ATOM   696 O  O   . TYR D 2 16 ? 4.253   4.043   -6.880  1.00 23.21 ? 16  TYR D O   1 
ATOM   697 C  CB  . TYR D 2 16 ? 1.399   3.205   -5.384  1.00 28.27 ? 16  TYR D CB  1 
ATOM   698 C  CG  . TYR D 2 16 ? 1.373   2.627   -6.778  1.00 29.58 ? 16  TYR D CG  1 
ATOM   699 C  CD1 . TYR D 2 16 ? 1.939   1.383   -7.046  1.00 30.84 ? 16  TYR D CD1 1 
ATOM   700 C  CD2 . TYR D 2 16 ? 0.814   3.337   -7.836  1.00 31.82 ? 16  TYR D CD2 1 
ATOM   701 C  CE1 . TYR D 2 16 ? 1.951   0.857   -8.339  1.00 35.11 ? 16  TYR D CE1 1 
ATOM   702 C  CE2 . TYR D 2 16 ? 0.822   2.820   -9.135  1.00 32.58 ? 16  TYR D CE2 1 
ATOM   703 C  CZ  . TYR D 2 16 ? 1.394   1.582   -9.375  1.00 35.04 ? 16  TYR D CZ  1 
ATOM   704 O  OH  . TYR D 2 16 ? 1.443   1.078   -10.657 1.00 36.12 ? 16  TYR D OH  1 
ATOM   705 N  N   . LEU D 2 17 ? 2.805   5.715   -6.452  1.00 23.35 ? 17  LEU D N   1 
ATOM   706 C  CA  . LEU D 2 17 ? 3.261   6.539   -7.563  1.00 25.37 ? 17  LEU D CA  1 
ATOM   707 C  C   . LEU D 2 17 ? 4.602   7.193   -7.257  1.00 26.51 ? 17  LEU D C   1 
ATOM   708 O  O   . LEU D 2 17 ? 5.502   7.196   -8.093  1.00 26.64 ? 17  LEU D O   1 
ATOM   709 C  CB  . LEU D 2 17 ? 2.222   7.628   -7.876  1.00 24.92 ? 17  LEU D CB  1 
ATOM   710 C  CG  . LEU D 2 17 ? 0.842   7.109   -8.290  1.00 25.35 ? 17  LEU D CG  1 
ATOM   711 C  CD1 . LEU D 2 17 ? -0.142  8.274   -8.386  1.00 33.00 ? 17  LEU D CD1 1 
ATOM   712 C  CD2 . LEU D 2 17 ? 0.946   6.363   -9.626  1.00 29.10 ? 17  LEU D CD2 1 
ATOM   713 N  N   . VAL D 2 18 ? 4.731   7.747   -6.058  1.00 21.93 ? 18  VAL D N   1 
ATOM   714 C  CA  . VAL D 2 18 ? 5.958   8.422   -5.678  1.00 30.77 ? 18  VAL D CA  1 
ATOM   715 C  C   . VAL D 2 18 ? 7.160   7.488   -5.560  1.00 30.32 ? 18  VAL D C   1 
ATOM   716 O  O   . VAL D 2 18 ? 8.234   7.781   -6.074  1.00 29.14 ? 18  VAL D O   1 
ATOM   717 C  CB  . VAL D 2 18 ? 5.781   9.167   -4.337  1.00 30.03 ? 18  VAL D CB  1 
ATOM   718 C  CG1 . VAL D 2 18 ? 7.079   9.835   -3.935  1.00 35.25 ? 18  VAL D CG1 1 
ATOM   719 C  CG2 . VAL D 2 18 ? 4.669   10.198  -4.463  1.00 34.90 ? 18  VAL D CG2 1 
ATOM   720 N  N   . CYS D 2 19 ? 6.969   6.356   -4.893  1.00 30.79 ? 19  CYS D N   1 
ATOM   721 C  CA  . CYS D 2 19 ? 8.058   5.413   -4.681  1.00 32.66 ? 19  CYS D CA  1 
ATOM   722 C  C   . CYS D 2 19 ? 8.456   4.554   -5.882  1.00 32.78 ? 19  CYS D C   1 
ATOM   723 O  O   . CYS D 2 19 ? 9.620   4.202   -6.024  1.00 31.71 ? 19  CYS D O   1 
ATOM   724 C  CB  . CYS D 2 19 ? 7.733   4.519   -3.486  1.00 28.00 ? 19  CYS D CB  1 
ATOM   725 S  SG  . CYS D 2 19 ? 7.393   5.437   -1.953  1.00 32.57 ? 19  CYS D SG  1 
ATOM   726 N  N   . GLY D 2 20 ? 7.503   4.216   -6.743  1.00 35.90 ? 20  GLY D N   1 
ATOM   727 C  CA  . GLY D 2 20 ? 7.830   3.405   -7.904  1.00 36.30 ? 20  GLY D CA  1 
ATOM   728 C  C   . GLY D 2 20 ? 8.526   2.101   -7.554  1.00 40.81 ? 20  GLY D C   1 
ATOM   729 O  O   . GLY D 2 20 ? 8.139   1.424   -6.602  1.00 39.10 ? 20  GLY D O   1 
ATOM   730 N  N   . GLU D 2 21 ? 9.562   1.752   -8.315  1.00 43.20 ? 21  GLU D N   1 
ATOM   731 C  CA  . GLU D 2 21 ? 10.303  0.511   -8.096  1.00 46.57 ? 21  GLU D CA  1 
ATOM   732 C  C   . GLU D 2 21 ? 10.882  0.361   -6.690  1.00 45.39 ? 21  GLU D C   1 
ATOM   733 O  O   . GLU D 2 21 ? 11.106  -0.754  -6.227  1.00 45.44 ? 21  GLU D O   1 
ATOM   734 C  CB  . GLU D 2 21 ? 11.433  0.384   -9.124  1.00 50.87 ? 21  GLU D CB  1 
ATOM   735 C  CG  . GLU D 2 21 ? 10.962  0.272   -10.574 1.00 57.37 ? 21  GLU D CG  1 
ATOM   736 C  CD  . GLU D 2 21 ? 10.403  -1.101  -10.932 1.00 61.74 ? 21  GLU D CD  1 
ATOM   737 O  OE1 . GLU D 2 21 ? 9.500   -1.591  -10.218 1.00 63.57 ? 21  GLU D OE1 1 
ATOM   738 O  OE2 . GLU D 2 21 ? 10.864  -1.686  -11.938 1.00 62.76 ? 21  GLU D OE2 1 
ATOM   739 N  N   . ARG D 2 22 ? 11.117  1.478   -6.010  1.00 45.26 ? 22  ARG D N   1 
ATOM   740 C  CA  . ARG D 2 22 ? 11.676  1.442   -4.661  1.00 45.79 ? 22  ARG D CA  1 
ATOM   741 C  C   . ARG D 2 22 ? 10.750  0.797   -3.634  1.00 44.94 ? 22  ARG D C   1 
ATOM   742 O  O   . ARG D 2 22 ? 11.205  0.320   -2.595  1.00 43.25 ? 22  ARG D O   1 
ATOM   743 C  CB  . ARG D 2 22 ? 12.036  2.855   -4.192  1.00 47.07 ? 22  ARG D CB  1 
ATOM   744 C  CG  . ARG D 2 22 ? 13.076  3.540   -5.053  1.00 47.85 ? 22  ARG D CG  1 
ATOM   745 C  CD  . ARG D 2 22 ? 13.660  4.742   -4.345  1.00 51.35 ? 22  ARG D CD  1 
ATOM   746 N  NE  . ARG D 2 22 ? 12.687  5.811   -4.139  1.00 55.08 ? 22  ARG D NE  1 
ATOM   747 C  CZ  . ARG D 2 22 ? 12.950  6.925   -3.461  1.00 56.33 ? 22  ARG D CZ  1 
ATOM   748 N  NH1 . ARG D 2 22 ? 14.149  7.105   -2.926  1.00 58.60 ? 22  ARG D NH1 1 
ATOM   749 N  NH2 . ARG D 2 22 ? 12.026  7.865   -3.326  1.00 59.05 ? 22  ARG D NH2 1 
ATOM   750 N  N   . GLY D 2 23 ? 9.452   0.784   -3.924  1.00 43.01 ? 23  GLY D N   1 
ATOM   751 C  CA  . GLY D 2 23 ? 8.498   0.193   -3.004  1.00 39.18 ? 23  GLY D CA  1 
ATOM   752 C  C   . GLY D 2 23 ? 8.414   0.939   -1.688  1.00 38.90 ? 23  GLY D C   1 
ATOM   753 O  O   . GLY D 2 23 ? 9.093   1.954   -1.487  1.00 35.33 ? 23  GLY D O   1 
ATOM   754 N  N   . PHE D 2 24 ? 7.578   0.440   -0.780  1.00 37.29 ? 24  PHE D N   1 
ATOM   755 C  CA  . PHE D 2 24 ? 7.412   1.080   0.520   1.00 35.06 ? 24  PHE D CA  1 
ATOM   756 C  C   . PHE D 2 24 ? 6.735   0.168   1.523   1.00 37.13 ? 24  PHE D C   1 
ATOM   757 O  O   . PHE D 2 24 ? 6.119   -0.840  1.158   1.00 34.69 ? 24  PHE D O   1 
ATOM   758 C  CB  . PHE D 2 24 ? 6.587   2.374   0.396   1.00 32.46 ? 24  PHE D CB  1 
ATOM   759 C  CG  . PHE D 2 24 ? 5.171   2.153   -0.065  1.00 30.10 ? 24  PHE D CG  1 
ATOM   760 C  CD1 . PHE D 2 24 ? 4.872   2.048   -1.421  1.00 28.41 ? 24  PHE D CD1 1 
ATOM   761 C  CD2 . PHE D 2 24 ? 4.136   2.017   0.863   1.00 29.18 ? 24  PHE D CD2 1 
ATOM   762 C  CE1 . PHE D 2 24 ? 3.561   1.809   -1.856  1.00 28.53 ? 24  PHE D CE1 1 
ATOM   763 C  CE2 . PHE D 2 24 ? 2.826   1.778   0.443   1.00 28.02 ? 24  PHE D CE2 1 
ATOM   764 C  CZ  . PHE D 2 24 ? 2.539   1.672   -0.927  1.00 28.31 ? 24  PHE D CZ  1 
ATOM   765 N  N   . PHE D 2 25 ? 6.860   0.535   2.793   1.00 36.30 ? 25  PHE D N   1 
ATOM   766 C  CA  . PHE D 2 25 ? 6.240   -0.210  3.871   1.00 42.54 ? 25  PHE D CA  1 
ATOM   767 C  C   . PHE D 2 25 ? 5.169   0.670   4.489   1.00 42.97 ? 25  PHE D C   1 
ATOM   768 O  O   . PHE D 2 25 ? 5.414   1.836   4.787   1.00 45.35 ? 25  PHE D O   1 
ATOM   769 C  CB  . PHE D 2 25 ? 7.269   -0.578  4.954   1.00 47.45 ? 25  PHE D CB  1 
ATOM   770 C  CG  . PHE D 2 25 ? 8.030   -1.852  4.677   1.00 51.22 ? 25  PHE D CG  1 
ATOM   771 C  CD1 . PHE D 2 25 ? 8.761   -2.009  3.503   1.00 53.70 ? 25  PHE D CD1 1 
ATOM   772 C  CD2 . PHE D 2 25 ? 8.021   -2.892  5.602   1.00 52.89 ? 25  PHE D CD2 1 
ATOM   773 C  CE1 . PHE D 2 25 ? 9.473   -3.183  3.254   1.00 54.34 ? 25  PHE D CE1 1 
ATOM   774 C  CE2 . PHE D 2 25 ? 8.731   -4.069  5.365   1.00 55.07 ? 25  PHE D CE2 1 
ATOM   775 C  CZ  . PHE D 2 25 ? 9.458   -4.215  4.188   1.00 55.06 ? 25  PHE D CZ  1 
ATOM   776 N  N   . TYR D 2 26 ? 3.975   0.118   4.668   1.00 44.97 ? 26  TYR D N   1 
ATOM   777 C  CA  . TYR D 2 26 ? 2.897   0.870   5.295   1.00 45.16 ? 26  TYR D CA  1 
ATOM   778 C  C   . TYR D 2 26 ? 2.604   0.256   6.656   1.00 47.55 ? 26  TYR D C   1 
ATOM   779 O  O   . TYR D 2 26 ? 2.203   -0.907  6.752   1.00 45.37 ? 26  TYR D O   1 
ATOM   780 C  CB  . TYR D 2 26 ? 1.621   0.844   4.454   1.00 41.68 ? 26  TYR D CB  1 
ATOM   781 C  CG  . TYR D 2 26 ? 0.490   1.576   5.136   1.00 40.99 ? 26  TYR D CG  1 
ATOM   782 C  CD1 . TYR D 2 26 ? 0.575   2.944   5.382   1.00 42.62 ? 26  TYR D CD1 1 
ATOM   783 C  CD2 . TYR D 2 26 ? -0.646  0.898   5.577   1.00 41.88 ? 26  TYR D CD2 1 
ATOM   784 C  CE1 . TYR D 2 26 ? -0.436  3.622   6.054   1.00 43.52 ? 26  TYR D CE1 1 
ATOM   785 C  CE2 . TYR D 2 26 ? -1.664  1.567   6.252   1.00 43.68 ? 26  TYR D CE2 1 
ATOM   786 C  CZ  . TYR D 2 26 ? -1.549  2.930   6.486   1.00 42.90 ? 26  TYR D CZ  1 
ATOM   787 O  OH  . TYR D 2 26 ? -2.541  3.599   7.159   1.00 49.54 ? 26  TYR D OH  1 
ATOM   788 N  N   . THR D 2 27 ? 2.817   1.041   7.705   1.00 53.11 ? 27  THR D N   1 
ATOM   789 C  CA  . THR D 2 27 ? 2.578   0.592   9.072   1.00 59.74 ? 27  THR D CA  1 
ATOM   790 C  C   . THR D 2 27 ? 1.719   1.613   9.807   1.00 62.66 ? 27  THR D C   1 
ATOM   791 O  O   . THR D 2 27 ? 2.205   2.671   10.207  1.00 63.80 ? 27  THR D O   1 
ATOM   792 C  CB  . THR D 2 27 ? 3.902   0.414   9.836   1.00 60.16 ? 27  THR D CB  1 
ATOM   793 O  OG1 . THR D 2 27 ? 4.663   1.627   9.762   1.00 62.41 ? 27  THR D OG1 1 
ATOM   794 C  CG2 . THR D 2 27 ? 4.711   -0.730  9.238   1.00 61.83 ? 27  THR D CG2 1 
ATOM   795 N  N   . PRO D 2 28 ? 0.425   1.306   9.990   1.00 66.46 ? 28  PRO D N   1 
ATOM   796 C  CA  . PRO D 2 28 ? -0.530  2.183   10.675  1.00 69.29 ? 28  PRO D CA  1 
ATOM   797 C  C   . PRO D 2 28 ? -0.041  2.699   12.029  1.00 72.89 ? 28  PRO D C   1 
ATOM   798 O  O   . PRO D 2 28 ? -0.728  3.484   12.684  1.00 73.40 ? 28  PRO D O   1 
ATOM   799 C  CB  . PRO D 2 28 ? -1.770  1.303   10.802  1.00 68.24 ? 28  PRO D CB  1 
ATOM   800 C  CG  . PRO D 2 28 ? -1.695  0.456   9.568   1.00 68.26 ? 28  PRO D CG  1 
ATOM   801 C  CD  . PRO D 2 28 ? -0.235  0.066   9.541   1.00 66.05 ? 28  PRO D CD  1 
ATOM   802 N  N   . LYS D 2 29 ? 1.142   2.254   12.448  1.00 77.09 ? 29  LYS D N   1 
ATOM   803 C  CA  . LYS D 2 29 ? 1.716   2.688   13.718  1.00 81.25 ? 29  LYS D CA  1 
ATOM   804 C  C   . LYS D 2 29 ? 3.232   2.888   13.598  1.00 83.85 ? 29  LYS D C   1 
ATOM   805 O  O   . LYS D 2 29 ? 3.694   3.717   12.810  1.00 85.31 ? 29  LYS D O   1 
ATOM   806 C  CB  . LYS D 2 29 ? 1.406   1.668   14.820  1.00 80.70 ? 29  LYS D CB  1 
ATOM   807 C  CG  . LYS D 2 29 ? 1.771   2.145   16.219  1.00 81.35 ? 29  LYS D CG  1 
ATOM   808 C  CD  . LYS D 2 29 ? 1.652   1.032   17.250  1.00 81.51 ? 29  LYS D CD  1 
ATOM   809 C  CE  . LYS D 2 29 ? 2.111   1.512   18.620  1.00 82.31 ? 29  LYS D CE  1 
ATOM   810 N  NZ  . LYS D 2 29 ? 2.101   0.424   19.636  1.00 83.55 ? 29  LYS D NZ  1 
ATOM   811 N  N   . THR D 2 30 ? 3.997   2.124   14.376  1.00 85.67 ? 30  THR D N   1 
ATOM   812 C  CA  . THR D 2 30 ? 5.457   2.216   14.372  1.00 86.89 ? 30  THR D CA  1 
ATOM   813 C  C   . THR D 2 30 ? 6.070   1.364   13.260  1.00 87.08 ? 30  THR D C   1 
ATOM   814 O  O   . THR D 2 30 ? 6.752   0.368   13.582  1.00 87.11 ? 30  THR D O   1 
ATOM   815 C  CB  . THR D 2 30 ? 6.048   1.760   15.730  1.00 87.74 ? 30  THR D CB  1 
ATOM   816 O  OG1 . THR D 2 30 ? 5.389   2.454   16.798  1.00 88.53 ? 30  THR D OG1 1 
ATOM   817 C  CG2 . THR D 2 30 ? 7.541   2.060   15.793  1.00 86.13 ? 30  THR D CG2 1 
ATOM   818 O  OXT . THR D 2 30 ? 5.857   1.704   12.077  1.00 87.93 ? 30  THR D OXT 1 
HETATM 819 ZN ZN  . ZN  E 3 .  ? -7.149  0.894   -13.182 0.33 7.48  ? 101 ZN  B ZN  1 
HETATM 820 CL CL  . CL  F 4 .  ? -6.586  -0.312  -15.010 0.33 43.66 ? 102 CL  B CL  1 
HETATM 821 C  C1  . IPH G 5 .  ? -1.639  13.559  1.702   1.00 31.85 ? 200 IPH C C1  1 
HETATM 822 C  C2  . IPH G 5 .  ? -2.876  12.855  1.850   1.00 33.42 ? 200 IPH C C2  1 
HETATM 823 C  C3  . IPH G 5 .  ? -3.257  12.009  0.745   1.00 31.28 ? 200 IPH C C3  1 
HETATM 824 C  C4  . IPH G 5 .  ? -2.429  11.908  -0.398  1.00 32.96 ? 200 IPH C C4  1 
HETATM 825 C  C5  . IPH G 5 .  ? -1.214  12.620  -0.506  1.00 30.65 ? 200 IPH C C5  1 
HETATM 826 C  C6  . IPH G 5 .  ? -0.791  13.485  0.583   1.00 32.64 ? 200 IPH C C6  1 
HETATM 827 O  O1  . IPH G 5 .  ? -1.232  14.383  2.736   1.00 27.82 ? 200 IPH C O1  1 
HETATM 828 ZN ZN  . ZN  H 3 .  ? -11.260 9.359   -0.426  0.33 1.33  ? 201 ZN  D ZN  1 
HETATM 829 CL CL  . CL  I 4 .  ? -11.841 10.562  1.388   0.33 2.08  ? 202 CL  D CL  1 
HETATM 830 O  O   . HOH J 6 .  ? -4.489  -11.380 -7.849  1.00 38.69 ? 22  HOH A O   1 
HETATM 831 O  O   . HOH J 6 .  ? 5.058   -14.386 -15.005 1.00 54.96 ? 23  HOH A O   1 
HETATM 832 O  O   . HOH J 6 .  ? 4.454   -12.597 5.028   1.00 32.08 ? 24  HOH A O   1 
HETATM 833 O  O   . HOH J 6 .  ? -3.999  -20.083 -1.778  1.00 52.00 ? 25  HOH A O   1 
HETATM 834 O  O   . HOH J 6 .  ? 7.335   -14.016 -7.777  1.00 46.11 ? 26  HOH A O   1 
HETATM 835 O  O   . HOH J 6 .  ? 7.396   -5.913  7.254   1.00 57.29 ? 27  HOH A O   1 
HETATM 836 O  O   . HOH J 6 .  ? 3.604   -14.774 -12.761 1.00 65.92 ? 36  HOH A O   1 
HETATM 837 O  O   . HOH J 6 .  ? 1.950   -14.751 -1.727  1.00 49.27 ? 37  HOH A O   1 
HETATM 838 O  O   . HOH J 6 .  ? 4.021   -11.429 6.931   1.00 36.34 ? 38  HOH A O   1 
HETATM 839 O  O   . HOH J 6 .  ? -7.762  -18.088 -0.240  1.00 50.66 ? 43  HOH A O   1 
HETATM 840 O  O   . HOH J 6 .  ? -9.764  -16.285 -2.102  1.00 53.26 ? 50  HOH A O   1 
HETATM 841 O  O   . HOH J 6 .  ? -0.805  -10.402 -17.009 1.00 42.01 ? 52  HOH A O   1 
HETATM 842 O  O   . HOH J 6 .  ? 3.813   -15.331 4.806   1.00 39.59 ? 53  HOH A O   1 
HETATM 843 O  O   . HOH J 6 .  ? -0.818  -16.840 -7.752  1.00 47.20 ? 57  HOH A O   1 
HETATM 844 O  O   . HOH J 6 .  ? 0.846   -12.413 7.047   1.00 38.71 ? 58  HOH A O   1 
HETATM 845 O  O   . HOH J 6 .  ? -9.691  -18.735 -3.940  1.00 50.22 ? 61  HOH A O   1 
HETATM 846 O  O   . HOH J 6 .  ? -6.764  -16.539 4.129   1.00 49.07 ? 63  HOH A O   1 
HETATM 847 O  O   . HOH J 6 .  ? 6.114   -13.006 -4.007  1.00 51.76 ? 66  HOH A O   1 
HETATM 848 O  O   . HOH K 6 .  ? -8.427  3.497   -9.265  0.33 57.62 ? 31  HOH B O   1 
HETATM 849 O  O   . HOH K 6 .  ? 5.399   -6.538  -1.773  1.00 36.79 ? 32  HOH B O   1 
HETATM 850 O  O   . HOH K 6 .  ? -2.396  -8.742  -15.687 1.00 54.01 ? 33  HOH B O   1 
HETATM 851 O  O   . HOH K 6 .  ? -15.638 -11.804 -13.543 1.00 49.94 ? 34  HOH B O   1 
HETATM 852 O  O   . HOH K 6 .  ? -9.531  -6.015  6.527   1.00 34.21 ? 35  HOH B O   1 
HETATM 853 O  O   . HOH K 6 .  ? -8.157  -0.202  -6.574  1.00 36.57 ? 36  HOH B O   1 
HETATM 854 O  O   . HOH K 6 .  ? -3.269  -1.820  5.820   1.00 35.30 ? 37  HOH B O   1 
HETATM 855 O  O   . HOH K 6 .  ? -7.646  -1.670  5.970   1.00 37.24 ? 38  HOH B O   1 
HETATM 856 O  O   . HOH K 6 .  ? -14.241 -12.087 0.199   1.00 47.34 ? 39  HOH B O   1 
HETATM 857 O  O   . HOH K 6 .  ? 18.651  -0.298  -6.112  1.00 60.92 ? 40  HOH B O   1 
HETATM 858 O  O   . HOH K 6 .  ? -5.589  -4.311  -11.666 1.00 48.25 ? 41  HOH B O   1 
HETATM 859 O  O   . HOH K 6 .  ? -7.871  -2.828  11.036  1.00 45.75 ? 42  HOH B O   1 
HETATM 860 O  O   . HOH K 6 .  ? -15.585 -15.040 -6.369  1.00 56.97 ? 43  HOH B O   1 
HETATM 861 O  O   . HOH K 6 .  ? -6.141  2.227   -6.980  1.00 68.12 ? 44  HOH B O   1 
HETATM 862 O  O   . HOH K 6 .  ? -11.247 -13.279 -13.620 1.00 50.96 ? 45  HOH B O   1 
HETATM 863 O  O   . HOH K 6 .  ? -8.734  -7.736  -13.156 1.00 48.75 ? 46  HOH B O   1 
HETATM 864 O  O   . HOH K 6 .  ? -9.572  -6.717  -10.523 1.00 52.80 ? 47  HOH B O   1 
HETATM 865 O  O   . HOH K 6 .  ? -8.837  -4.309  -9.709  1.00 36.11 ? 51  HOH B O   1 
HETATM 866 O  O   . HOH K 6 .  ? -10.168 0.078   1.564   1.00 45.53 ? 54  HOH B O   1 
HETATM 867 O  O   . HOH K 6 .  ? -8.899  -7.213  8.639   1.00 40.32 ? 55  HOH B O   1 
HETATM 868 O  O   . HOH K 6 .  ? -2.534  1.695   -11.310 1.00 41.77 ? 56  HOH B O   1 
HETATM 869 O  O   . HOH K 6 .  ? -7.225  -5.563  -14.394 1.00 45.79 ? 59  HOH B O   1 
HETATM 870 O  O   . HOH K 6 .  ? -2.557  -1.125  -12.537 1.00 54.26 ? 65  HOH B O   1 
HETATM 871 O  O   . HOH L 6 .  ? 11.448  5.531   4.929   1.00 46.52 ? 22  HOH C O   1 
HETATM 872 O  O   . HOH L 6 .  ? 0.018   5.943   12.764  1.00 60.72 ? 23  HOH C O   1 
HETATM 873 O  O   . HOH L 6 .  ? -0.148  15.389  -1.948  1.00 32.99 ? 24  HOH C O   1 
HETATM 874 O  O   . HOH L 6 .  ? 5.141   5.974   9.244   1.00 48.05 ? 25  HOH C O   1 
HETATM 875 O  O   . HOH L 6 .  ? 1.457   20.256  9.798   1.00 48.10 ? 26  HOH C O   1 
HETATM 876 O  O   . HOH L 6 .  ? 11.905  9.558   5.969   1.00 51.18 ? 27  HOH C O   1 
HETATM 877 O  O   . HOH L 6 .  ? 1.646   6.235   10.839  1.00 47.02 ? 29  HOH C O   1 
HETATM 878 O  O   . HOH L 6 .  ? 12.075  14.478  -1.142  1.00 46.50 ? 30  HOH C O   1 
HETATM 879 O  O   . HOH L 6 .  ? 7.797   11.593  9.521   1.00 45.09 ? 31  HOH C O   1 
HETATM 880 O  O   . HOH L 6 .  ? 11.610  1.340   5.660   1.00 47.54 ? 45  HOH C O   1 
HETATM 881 O  O   . HOH L 6 .  ? 15.585  0.334   -3.946  1.00 48.35 ? 46  HOH C O   1 
HETATM 882 O  O   . HOH L 6 .  ? 2.628   18.358  5.774   1.00 57.15 ? 47  HOH C O   1 
HETATM 883 O  O   . HOH L 6 .  ? 2.915   20.610  1.876   1.00 50.75 ? 60  HOH C O   1 
HETATM 884 O  O   . HOH M 6 .  ? -9.941  -0.690  4.115   1.00 41.65 ? 31  HOH D O   1 
HETATM 885 O  O   . HOH M 6 .  ? -3.547  9.409   -3.455  1.00 35.62 ? 32  HOH D O   1 
HETATM 886 O  O   . HOH M 6 .  ? -10.225 6.151   11.065  1.00 38.74 ? 33  HOH D O   1 
HETATM 887 O  O   . HOH M 6 .  ? 13.714  -1.126  -1.995  1.00 54.90 ? 34  HOH D O   1 
HETATM 888 O  O   . HOH M 6 .  ? -6.952  2.940   9.510   1.00 44.81 ? 35  HOH D O   1 
HETATM 889 O  O   . HOH M 6 .  ? -5.030  2.129   8.031   1.00 45.72 ? 36  HOH D O   1 
HETATM 890 O  O   . HOH M 6 .  ? -5.362  11.310  -3.490  1.00 33.60 ? 39  HOH D O   1 
HETATM 891 O  O   . HOH M 6 .  ? 3.382   -1.429  -11.048 1.00 43.86 ? 41  HOH D O   1 
HETATM 892 O  O   . HOH M 6 .  ? 4.942   4.284   6.708   1.00 53.65 ? 48  HOH D O   1 
HETATM 893 O  O   . HOH M 6 .  ? -7.805  5.863   -2.365  1.00 46.15 ? 49  HOH D O   1 
HETATM 894 O  O   . HOH M 6 .  ? 5.656   1.805   -6.207  1.00 53.40 ? 62  HOH D O   1 
HETATM 895 O  O   . HOH M 6 .  ? -9.360  12.154  6.463   1.00 54.38 ? 64  HOH D O   1 
# 
